data_8FXX
#
_entry.id   8FXX
#
_cell.length_a   1.00
_cell.length_b   1.00
_cell.length_c   1.00
_cell.angle_alpha   90.00
_cell.angle_beta   90.00
_cell.angle_gamma   90.00
#
_symmetry.space_group_name_H-M   'P 1'
#
loop_
_entity.id
_entity.type
_entity.pdbx_description
1 polymer 'CPXV040 protein'
2 polymer 'T-lymphocyte activation antigen CD86'
3 non-polymer 2-acetamido-2-deoxy-beta-D-glucopyranose
#
loop_
_entity_poly.entity_id
_entity_poly.type
_entity_poly.pdbx_seq_one_letter_code
_entity_poly.pdbx_strand_id
1 'polypeptide(L)'
;KPEAEYKNTICPPRQDYRYWYFAAELTIGVNYDINSTIMGECHMSESYIDRNANIVLTGYGLEINMTIMDTDQRFVAAAE
GVGKDNKLSVLLFTTQRLDKVHHNISVTITCMEMNCGTTKYDSDLPESIHHKSSCDITINGSCVTCVNLETDPTKINPHY
LHPKDKYLYRNSEYGMRGSYGVTFMDELNQCFLDIKEVSYDICY
;
A,B,D,F,I,K,M
2 'polypeptide(L)'
;MLKIQAYFNETADLPCQFANSQNQSLSELVVFWQDQENLVLNEVYLGKEKFDSVHSKYMGRTSFDSDSWTLRLHNLQIKD
KGLYQCIIHHKKPTGMIRIHQMNSELSVLA
;
C,E,G,H,J,L,N
#
loop_
_chem_comp.id
_chem_comp.type
_chem_comp.name
_chem_comp.formula
NAG D-saccharide, beta linking 2-acetamido-2-deoxy-beta-D-glucopyranose 'C8 H15 N O6'
#
# COMPACT_ATOMS: atom_id res chain seq x y z
N THR A 9 40.12 37.45 12.60
CA THR A 9 39.70 38.53 11.73
C THR A 9 40.08 38.23 10.29
N ILE A 10 41.16 37.48 10.11
CA ILE A 10 41.72 37.28 8.79
C ILE A 10 40.71 36.60 7.86
N CYS A 11 39.99 35.60 8.36
CA CYS A 11 39.26 34.68 7.51
C CYS A 11 37.76 34.80 7.68
N PRO A 12 36.99 34.47 6.65
CA PRO A 12 35.58 34.10 6.85
C PRO A 12 35.43 32.58 6.92
N PRO A 13 34.39 32.09 7.61
CA PRO A 13 34.32 30.63 7.89
C PRO A 13 34.15 29.74 6.67
N ARG A 14 33.36 30.15 5.68
CA ARG A 14 33.00 29.32 4.51
C ARG A 14 32.06 28.17 4.90
N GLN A 15 30.97 28.53 5.58
CA GLN A 15 30.03 27.57 6.14
C GLN A 15 28.99 27.18 5.10
N ASP A 16 28.01 26.35 5.51
CA ASP A 16 26.84 26.09 4.69
C ASP A 16 25.83 27.23 4.77
N TYR A 17 25.19 27.39 5.93
CA TYR A 17 24.18 28.42 6.13
C TYR A 17 24.54 29.22 7.37
N ARG A 18 24.33 30.53 7.30
CA ARG A 18 24.82 31.45 8.31
C ARG A 18 23.71 31.84 9.26
N TYR A 19 24.00 31.75 10.56
CA TYR A 19 23.10 32.30 11.57
C TYR A 19 23.30 33.80 11.75
N TRP A 20 24.43 34.34 11.30
CA TRP A 20 24.77 35.74 11.53
C TRP A 20 24.70 36.55 10.23
N TYR A 21 23.97 37.66 10.27
CA TYR A 21 23.66 38.46 9.09
C TYR A 21 24.21 39.88 9.25
N PHE A 22 24.04 40.67 8.19
CA PHE A 22 24.40 42.09 8.14
C PHE A 22 23.43 42.78 7.17
N ALA A 23 23.84 43.87 6.53
CA ALA A 23 22.91 44.54 5.62
C ALA A 23 23.62 45.34 4.52
N ALA A 24 22.89 45.55 3.40
CA ALA A 24 23.19 46.51 2.33
C ALA A 24 22.03 46.51 1.33
N GLU A 25 21.50 47.68 0.94
CA GLU A 25 20.19 47.70 0.27
C GLU A 25 20.25 48.44 -1.06
N LEU A 26 19.23 48.21 -1.90
CA LEU A 26 19.12 48.98 -3.13
C LEU A 26 17.69 48.90 -3.64
N THR A 27 17.36 49.81 -4.56
CA THR A 27 16.01 49.93 -5.11
C THR A 27 16.09 50.31 -6.57
N ILE A 28 15.27 49.63 -7.39
CA ILE A 28 15.22 49.82 -8.83
C ILE A 28 13.81 50.28 -9.18
N GLY A 29 13.71 51.39 -9.90
CA GLY A 29 12.43 51.93 -10.30
C GLY A 29 12.18 51.70 -11.76
N VAL A 30 11.23 50.80 -12.05
CA VAL A 30 10.99 50.28 -13.38
C VAL A 30 9.63 50.76 -13.86
N ASN A 31 9.49 50.86 -15.18
CA ASN A 31 8.31 51.50 -15.75
C ASN A 31 7.18 50.53 -16.09
N TYR A 32 7.47 49.28 -16.43
CA TYR A 32 6.39 48.33 -16.61
C TYR A 32 5.75 48.02 -15.26
N ASP A 33 4.71 47.19 -15.28
CA ASP A 33 3.76 47.12 -14.18
C ASP A 33 4.06 45.95 -13.25
N ILE A 34 4.13 46.24 -11.95
CA ILE A 34 4.24 45.22 -10.90
C ILE A 34 3.22 45.57 -9.82
N ASN A 35 2.42 44.58 -9.42
CA ASN A 35 1.37 44.83 -8.43
C ASN A 35 1.84 44.59 -7.00
N SER A 36 2.21 43.35 -6.68
CA SER A 36 2.49 42.98 -5.30
C SER A 36 3.44 41.79 -5.29
N THR A 37 3.96 41.48 -4.10
CA THR A 37 4.88 40.36 -3.96
C THR A 37 4.19 39.04 -4.22
N ILE A 38 4.92 38.10 -4.81
CA ILE A 38 4.35 36.83 -5.25
C ILE A 38 4.74 35.67 -4.34
N MET A 39 5.58 35.91 -3.33
CA MET A 39 5.93 34.89 -2.35
C MET A 39 6.55 33.65 -3.02
N GLY A 40 7.74 33.85 -3.56
CA GLY A 40 8.49 32.75 -4.16
C GLY A 40 9.04 33.09 -5.53
N GLU A 41 8.94 34.36 -5.92
CA GLU A 41 9.40 34.76 -7.25
C GLU A 41 10.92 34.79 -7.33
N CYS A 42 11.57 35.35 -6.31
CA CYS A 42 13.00 35.57 -6.38
C CYS A 42 13.78 34.25 -6.38
N HIS A 43 14.95 34.27 -7.02
CA HIS A 43 15.86 33.13 -6.99
C HIS A 43 17.27 33.66 -7.13
N MET A 44 18.15 33.30 -6.20
CA MET A 44 19.47 33.92 -6.11
C MET A 44 20.56 32.87 -6.11
N SER A 45 21.71 33.25 -6.65
CA SER A 45 22.92 32.45 -6.62
C SER A 45 24.08 33.31 -6.17
N GLU A 46 24.84 32.82 -5.21
CA GLU A 46 25.94 33.54 -4.58
C GLU A 46 27.26 32.86 -4.88
N SER A 47 28.34 33.63 -4.80
CA SER A 47 29.67 33.08 -5.00
C SER A 47 30.71 33.97 -4.33
N TYR A 48 31.83 33.34 -3.96
CA TYR A 48 32.99 34.05 -3.42
C TYR A 48 34.29 33.59 -4.02
N ILE A 49 34.28 32.56 -4.87
CA ILE A 49 35.48 31.76 -5.11
C ILE A 49 36.64 32.60 -5.60
N ASP A 50 36.38 33.68 -6.31
CA ASP A 50 37.45 34.37 -7.02
C ASP A 50 38.21 35.37 -6.16
N ARG A 51 37.85 35.55 -4.89
CA ARG A 51 38.29 36.65 -4.03
C ARG A 51 37.33 37.84 -4.06
N ASN A 52 36.27 37.82 -4.87
CA ASN A 52 35.32 38.92 -4.97
C ASN A 52 33.91 38.39 -4.77
N ALA A 53 33.14 39.05 -3.90
CA ALA A 53 31.81 38.56 -3.60
C ALA A 53 30.86 38.84 -4.76
N ASN A 54 29.90 37.95 -4.98
CA ASN A 54 29.00 38.12 -6.11
C ASN A 54 27.67 37.46 -5.83
N ILE A 55 26.60 38.09 -6.34
CA ILE A 55 25.25 37.60 -6.16
C ILE A 55 24.43 38.00 -7.38
N VAL A 56 23.86 37.01 -8.06
CA VAL A 56 22.93 37.26 -9.15
C VAL A 56 21.58 36.75 -8.71
N LEU A 57 20.61 37.65 -8.59
CA LEU A 57 19.26 37.29 -8.18
C LEU A 57 18.29 37.71 -9.27
N THR A 58 17.46 36.76 -9.70
CA THR A 58 16.50 36.95 -10.76
C THR A 58 15.11 36.98 -10.13
N GLY A 59 14.34 37.98 -10.49
CA GLY A 59 13.09 38.25 -9.81
C GLY A 59 11.93 38.55 -10.73
N TYR A 60 11.35 39.73 -10.55
CA TYR A 60 10.03 39.98 -11.11
C TYR A 60 10.08 40.15 -12.63
N GLY A 61 11.01 40.95 -13.12
CA GLY A 61 11.23 41.01 -14.55
C GLY A 61 12.65 41.32 -14.94
N LEU A 62 13.55 41.35 -13.97
CA LEU A 62 14.94 41.70 -14.25
C LEU A 62 15.86 40.90 -13.36
N GLU A 63 17.06 40.64 -13.86
CA GLU A 63 18.10 40.00 -13.07
C GLU A 63 19.13 41.04 -12.64
N ILE A 64 19.46 41.02 -11.36
CA ILE A 64 20.41 41.96 -10.77
C ILE A 64 21.66 41.18 -10.43
N ASN A 65 22.80 41.65 -10.93
CA ASN A 65 24.09 40.98 -10.78
C ASN A 65 25.02 41.94 -10.08
N MET A 66 25.27 41.71 -8.79
CA MET A 66 26.06 42.59 -7.95
C MET A 66 27.36 41.91 -7.56
N THR A 67 28.43 42.70 -7.52
CA THR A 67 29.75 42.17 -7.21
C THR A 67 30.53 43.20 -6.40
N ILE A 68 31.24 42.71 -5.39
CA ILE A 68 32.06 43.54 -4.51
C ILE A 68 33.52 43.09 -4.67
N MET A 69 34.41 44.06 -4.86
CA MET A 69 35.82 43.79 -5.12
C MET A 69 36.63 43.97 -3.84
N ASP A 70 37.44 42.97 -3.50
CA ASP A 70 38.26 42.98 -2.28
C ASP A 70 37.38 43.12 -1.04
N THR A 71 36.60 42.09 -0.77
CA THR A 71 35.43 42.21 0.11
C THR A 71 35.62 41.62 1.50
N ASP A 72 36.13 40.40 1.61
CA ASP A 72 36.10 39.65 2.86
C ASP A 72 34.68 39.46 3.38
N GLN A 73 33.69 39.48 2.48
CA GLN A 73 32.31 39.19 2.82
C GLN A 73 31.70 38.31 1.75
N ARG A 74 30.65 37.58 2.10
CA ARG A 74 29.94 36.75 1.14
C ARG A 74 28.45 36.85 1.41
N PHE A 75 27.67 37.01 0.35
CA PHE A 75 26.26 37.29 0.53
C PHE A 75 25.56 36.09 1.15
N VAL A 76 25.12 36.26 2.39
CA VAL A 76 24.43 35.17 3.08
C VAL A 76 23.05 34.97 2.50
N ALA A 77 22.29 36.04 2.34
CA ALA A 77 20.92 35.92 1.85
C ALA A 77 20.48 37.24 1.26
N ALA A 78 19.21 37.30 0.86
CA ALA A 78 18.64 38.51 0.33
C ALA A 78 17.12 38.44 0.48
N ALA A 79 16.49 39.59 0.30
CA ALA A 79 15.04 39.71 0.34
C ALA A 79 14.61 40.72 -0.70
N GLU A 80 13.39 40.57 -1.22
CA GLU A 80 12.93 41.45 -2.28
C GLU A 80 11.45 41.73 -2.11
N GLY A 81 11.06 42.97 -2.36
CA GLY A 81 9.67 43.37 -2.23
C GLY A 81 9.32 44.46 -3.21
N VAL A 82 8.02 44.69 -3.37
CA VAL A 82 7.50 45.68 -4.31
C VAL A 82 6.58 46.63 -3.55
N GLY A 83 6.68 47.91 -3.87
CA GLY A 83 5.94 48.92 -3.15
C GLY A 83 4.94 49.65 -4.01
N LYS A 84 4.94 50.97 -3.93
CA LYS A 84 4.01 51.78 -4.70
C LYS A 84 4.72 52.46 -5.85
N ASP A 85 4.04 52.54 -6.99
CA ASP A 85 4.54 53.24 -8.17
C ASP A 85 5.67 52.47 -8.84
N ASN A 86 5.56 51.15 -8.89
CA ASN A 86 6.45 50.29 -9.65
C ASN A 86 7.91 50.50 -9.22
N LYS A 87 8.16 50.15 -7.97
CA LYS A 87 9.50 50.12 -7.40
C LYS A 87 9.79 48.71 -6.92
N LEU A 88 11.07 48.36 -6.89
CA LEU A 88 11.51 47.02 -6.52
C LEU A 88 12.69 47.17 -5.59
N SER A 89 12.49 46.87 -4.30
CA SER A 89 13.53 47.03 -3.30
C SER A 89 14.11 45.68 -2.95
N VAL A 90 15.44 45.56 -3.05
CA VAL A 90 16.16 44.35 -2.73
C VAL A 90 17.13 44.66 -1.60
N LEU A 91 16.96 43.95 -0.48
CA LEU A 91 17.89 43.98 0.63
C LEU A 91 18.85 42.80 0.50
N LEU A 92 20.11 43.01 0.87
CA LEU A 92 21.16 42.01 0.72
C LEU A 92 21.87 41.85 2.05
N PHE A 93 21.93 40.62 2.56
CA PHE A 93 22.52 40.33 3.85
C PHE A 93 23.83 39.60 3.63
N THR A 94 24.92 40.23 4.04
CA THR A 94 26.28 39.71 3.96
C THR A 94 26.74 39.24 5.34
N THR A 95 27.82 38.45 5.36
CA THR A 95 28.19 37.74 6.58
C THR A 95 28.56 38.70 7.71
N GLN A 96 29.70 39.37 7.57
CA GLN A 96 30.21 40.16 8.68
C GLN A 96 31.35 41.02 8.14
N ARG A 97 31.56 42.16 8.80
CA ARG A 97 32.48 43.18 8.33
C ARG A 97 33.77 43.08 9.14
N LEU A 98 34.88 42.89 8.43
CA LEU A 98 36.18 42.74 9.08
C LEU A 98 37.02 44.01 9.02
N ASP A 99 36.72 44.92 8.11
CA ASP A 99 37.57 46.11 7.91
C ASP A 99 36.73 47.21 7.29
N LYS A 100 37.26 48.43 7.34
CA LYS A 100 36.63 49.60 6.76
C LYS A 100 37.53 50.11 5.63
N VAL A 101 37.18 49.78 4.39
CA VAL A 101 38.03 50.14 3.26
C VAL A 101 37.23 50.75 2.10
N HIS A 102 35.90 50.72 2.19
CA HIS A 102 35.05 51.32 1.18
C HIS A 102 35.27 50.70 -0.20
N HIS A 103 34.84 49.44 -0.32
CA HIS A 103 35.05 48.69 -1.55
C HIS A 103 34.33 49.35 -2.73
N ASN A 104 34.80 49.02 -3.93
CA ASN A 104 34.06 49.32 -5.15
C ASN A 104 32.98 48.28 -5.36
N ILE A 105 32.03 48.60 -6.24
CA ILE A 105 30.92 47.70 -6.53
C ILE A 105 30.61 47.74 -8.02
N SER A 106 30.14 46.62 -8.54
CA SER A 106 29.71 46.52 -9.95
C SER A 106 28.33 45.88 -9.98
N VAL A 107 27.37 46.58 -10.58
CA VAL A 107 25.99 46.08 -10.65
C VAL A 107 25.51 46.17 -12.09
N THR A 108 24.95 45.08 -12.57
CA THR A 108 24.32 45.04 -13.90
C THR A 108 22.87 44.62 -13.73
N ILE A 109 21.97 45.41 -14.31
CA ILE A 109 20.53 45.17 -14.28
C ILE A 109 20.09 44.82 -15.68
N THR A 110 19.64 43.59 -15.88
CA THR A 110 19.26 43.13 -17.21
C THR A 110 17.75 42.87 -17.22
N CYS A 111 17.05 43.53 -18.15
CA CYS A 111 15.61 43.40 -18.28
C CYS A 111 15.30 42.13 -19.04
N MET A 112 14.52 41.24 -18.44
CA MET A 112 14.20 39.96 -19.04
C MET A 112 12.73 39.80 -19.40
N GLU A 113 11.96 40.88 -19.36
CA GLU A 113 10.54 40.78 -19.66
C GLU A 113 9.98 42.17 -19.88
N MET A 114 9.36 42.37 -21.03
CA MET A 114 8.57 43.52 -21.44
C MET A 114 9.38 44.73 -21.89
N ASN A 115 10.71 44.78 -21.72
CA ASN A 115 11.46 45.82 -22.40
C ASN A 115 12.88 45.41 -22.80
N CYS A 116 13.10 44.14 -23.14
CA CYS A 116 14.47 43.68 -23.38
C CYS A 116 15.20 44.61 -24.33
N GLY A 117 16.52 44.47 -24.36
CA GLY A 117 17.32 45.28 -25.25
C GLY A 117 18.79 45.05 -25.01
N THR A 118 19.60 45.81 -25.75
CA THR A 118 21.03 45.82 -25.57
C THR A 118 21.42 46.94 -24.62
N THR A 119 22.72 47.11 -24.39
CA THR A 119 23.19 48.01 -23.34
C THR A 119 22.78 49.44 -23.63
N LYS A 120 22.28 50.13 -22.61
CA LYS A 120 21.88 51.53 -22.73
C LYS A 120 22.61 52.45 -21.76
N TYR A 121 23.50 51.92 -20.92
CA TYR A 121 24.19 52.74 -19.93
C TYR A 121 25.41 51.97 -19.43
N ASP A 122 26.58 52.61 -19.49
CA ASP A 122 27.81 51.95 -19.06
C ASP A 122 28.76 52.91 -18.34
N SER A 123 28.22 53.86 -17.57
CA SER A 123 29.04 54.83 -16.87
C SER A 123 29.30 54.38 -15.44
N ASP A 124 29.95 55.22 -14.64
CA ASP A 124 30.27 54.93 -13.25
C ASP A 124 29.77 56.06 -12.36
N LEU A 125 29.37 55.70 -11.14
CA LEU A 125 28.76 56.63 -10.22
C LEU A 125 29.78 57.11 -9.21
N PRO A 126 30.05 58.41 -9.10
CA PRO A 126 31.21 58.84 -8.30
C PRO A 126 31.02 58.66 -6.82
N GLU A 127 29.85 58.98 -6.27
CA GLU A 127 29.58 58.84 -4.84
C GLU A 127 30.53 59.70 -4.02
N SER A 128 30.41 61.01 -4.18
CA SER A 128 31.21 61.97 -3.42
C SER A 128 30.61 62.31 -2.06
N ILE A 129 29.74 61.45 -1.52
CA ILE A 129 29.29 61.61 -0.16
C ILE A 129 30.48 61.54 0.79
N HIS A 130 31.38 60.59 0.53
CA HIS A 130 32.73 60.61 1.05
C HIS A 130 33.78 60.63 -0.04
N HIS A 131 33.44 60.24 -1.27
CA HIS A 131 34.36 60.27 -2.40
C HIS A 131 35.54 59.32 -2.16
N LYS A 132 35.23 58.05 -1.91
CA LYS A 132 36.26 57.04 -1.72
C LYS A 132 36.00 55.81 -2.59
N SER A 133 34.74 55.53 -2.89
CA SER A 133 34.34 54.34 -3.63
C SER A 133 33.55 54.73 -4.87
N SER A 134 33.61 53.89 -5.89
CA SER A 134 32.90 54.10 -7.14
C SER A 134 32.21 52.81 -7.57
N CYS A 135 30.98 52.93 -8.04
CA CYS A 135 30.19 51.81 -8.52
C CYS A 135 30.02 51.91 -10.02
N ASP A 136 30.16 50.79 -10.72
CA ASP A 136 29.95 50.74 -12.16
C ASP A 136 28.63 50.05 -12.44
N ILE A 137 27.72 50.76 -13.11
CA ILE A 137 26.37 50.29 -13.39
C ILE A 137 26.25 50.02 -14.88
N THR A 138 25.75 48.84 -15.22
CA THR A 138 25.45 48.51 -16.61
C THR A 138 24.01 48.02 -16.71
N ILE A 139 23.22 48.68 -17.55
CA ILE A 139 21.80 48.38 -17.69
C ILE A 139 21.58 47.83 -19.09
N ASN A 140 21.02 46.64 -19.17
CA ASN A 140 20.57 46.07 -20.44
C ASN A 140 19.06 46.19 -20.49
N GLY A 141 18.56 46.91 -21.48
CA GLY A 141 17.13 47.10 -21.66
C GLY A 141 16.73 48.54 -21.42
N SER A 142 15.41 48.74 -21.36
CA SER A 142 14.82 50.05 -21.10
C SER A 142 13.86 50.02 -19.93
N CYS A 143 13.91 49.00 -19.08
CA CYS A 143 12.98 48.87 -17.95
C CYS A 143 13.57 49.46 -16.68
N VAL A 144 14.13 50.66 -16.77
CA VAL A 144 14.68 51.33 -15.60
C VAL A 144 14.34 52.80 -15.68
N THR A 145 13.88 53.36 -14.57
CA THR A 145 13.71 54.79 -14.41
C THR A 145 14.51 55.36 -13.26
N CYS A 146 14.75 54.59 -12.20
CA CYS A 146 15.63 55.03 -11.12
C CYS A 146 16.49 53.87 -10.67
N VAL A 147 17.68 54.18 -10.13
CA VAL A 147 18.51 53.19 -9.46
C VAL A 147 19.15 53.85 -8.25
N ASN A 148 18.95 53.27 -7.07
CA ASN A 148 19.56 53.74 -5.84
C ASN A 148 20.21 52.56 -5.13
N LEU A 149 21.40 52.79 -4.59
CA LEU A 149 22.14 51.76 -3.86
C LEU A 149 22.69 52.38 -2.59
N GLU A 150 22.27 51.86 -1.44
CA GLU A 150 22.72 52.33 -0.14
C GLU A 150 23.58 51.23 0.48
N THR A 151 24.87 51.50 0.61
CA THR A 151 25.82 50.56 1.18
C THR A 151 26.06 50.92 2.64
N ASP A 152 26.05 49.90 3.51
CA ASP A 152 26.21 50.07 4.94
C ASP A 152 25.09 50.98 5.46
N PRO A 153 23.84 50.54 5.35
CA PRO A 153 22.73 51.39 5.74
C PRO A 153 22.60 51.52 7.25
N THR A 154 21.98 52.62 7.67
CA THR A 154 21.68 52.88 9.07
C THR A 154 20.19 52.80 9.37
N LYS A 155 19.35 52.63 8.37
CA LYS A 155 17.92 52.52 8.56
C LYS A 155 17.59 51.16 9.15
N ILE A 156 16.30 50.83 9.27
CA ILE A 156 15.89 49.56 9.86
C ILE A 156 15.85 48.56 8.72
N ASN A 157 17.03 48.01 8.41
CA ASN A 157 17.10 46.95 7.42
C ASN A 157 16.22 45.76 7.77
N PRO A 158 16.18 45.27 9.01
CA PRO A 158 15.51 43.99 9.26
C PRO A 158 14.03 44.04 8.88
N HIS A 159 13.65 43.13 8.01
CA HIS A 159 12.25 42.85 7.72
C HIS A 159 11.76 41.84 8.75
N TYR A 160 10.63 42.14 9.38
CA TYR A 160 10.10 41.27 10.44
C TYR A 160 11.21 40.87 11.40
N LEU A 161 11.85 41.86 12.00
CA LEU A 161 12.94 41.60 12.95
C LEU A 161 12.48 40.58 13.99
N HIS A 162 13.05 39.37 13.98
CA HIS A 162 14.00 38.78 13.04
C HIS A 162 13.54 37.37 12.70
N PRO A 163 14.06 36.80 11.59
CA PRO A 163 13.69 35.40 11.27
C PRO A 163 13.92 34.48 12.46
N LYS A 164 13.33 33.29 12.44
CA LYS A 164 13.12 32.53 13.67
C LYS A 164 14.41 32.36 14.46
N ASP A 165 15.50 31.98 13.82
CA ASP A 165 16.72 31.64 14.51
C ASP A 165 17.90 32.58 14.24
N LYS A 166 17.91 33.28 13.11
CA LYS A 166 19.07 34.05 12.73
C LYS A 166 19.20 35.31 13.57
N TYR A 167 20.43 35.81 13.68
CA TYR A 167 20.71 37.08 14.33
C TYR A 167 21.19 38.07 13.28
N LEU A 168 20.91 39.34 13.49
CA LEU A 168 21.13 40.35 12.46
C LEU A 168 21.73 41.61 13.08
N TYR A 169 22.72 42.16 12.38
CA TYR A 169 23.41 43.35 12.82
C TYR A 169 23.30 44.40 11.73
N ARG A 170 23.45 45.66 12.12
CA ARG A 170 23.33 46.76 11.18
C ARG A 170 24.28 47.87 11.58
N ASN A 171 24.91 48.48 10.59
CA ASN A 171 25.89 49.51 10.87
C ASN A 171 25.23 50.70 11.56
N SER A 172 25.97 51.31 12.48
CA SER A 172 25.50 52.49 13.19
C SER A 172 26.53 53.60 13.21
N GLU A 173 27.45 53.63 12.25
CA GLU A 173 28.47 54.66 12.13
C GLU A 173 28.26 55.37 10.81
N TYR A 174 27.98 56.67 10.88
CA TYR A 174 27.65 57.42 9.66
C TYR A 174 28.82 57.46 8.68
N GLY A 175 30.05 57.34 9.18
CA GLY A 175 31.20 57.48 8.33
C GLY A 175 31.38 56.38 7.30
N MET A 176 30.60 55.31 7.39
CA MET A 176 30.78 54.17 6.49
C MET A 176 29.67 54.03 5.45
N ARG A 177 28.53 54.68 5.63
CA ARG A 177 27.46 54.55 4.65
C ARG A 177 27.81 55.27 3.37
N GLY A 178 27.36 54.72 2.26
CA GLY A 178 27.53 55.34 0.97
C GLY A 178 26.25 55.25 0.17
N SER A 179 26.03 56.24 -0.69
CA SER A 179 24.84 56.28 -1.54
C SER A 179 25.26 56.50 -2.98
N TYR A 180 24.86 55.58 -3.85
CA TYR A 180 25.06 55.70 -5.29
C TYR A 180 23.69 55.82 -5.93
N GLY A 181 23.56 56.70 -6.92
CA GLY A 181 22.26 56.94 -7.53
C GLY A 181 22.37 57.38 -8.96
N VAL A 182 21.37 57.00 -9.75
CA VAL A 182 21.26 57.46 -11.14
C VAL A 182 19.80 57.41 -11.54
N THR A 183 19.31 58.52 -12.11
CA THR A 183 17.93 58.65 -12.51
C THR A 183 17.86 59.21 -13.93
N PHE A 184 16.85 58.76 -14.68
CA PHE A 184 16.60 59.24 -16.03
C PHE A 184 15.38 60.14 -16.14
N MET A 185 14.38 59.93 -15.29
CA MET A 185 13.23 60.83 -15.21
C MET A 185 13.66 62.07 -14.43
N ASP A 186 12.69 62.89 -14.02
CA ASP A 186 12.97 64.17 -13.38
C ASP A 186 12.70 64.10 -11.88
N GLU A 187 13.73 64.44 -11.10
CA GLU A 187 13.66 64.60 -9.64
C GLU A 187 12.85 63.48 -8.97
N LEU A 188 13.40 62.28 -9.01
CA LEU A 188 12.84 61.13 -8.31
C LEU A 188 13.68 60.74 -7.10
N ASN A 189 14.31 61.73 -6.45
CA ASN A 189 15.18 61.45 -5.32
C ASN A 189 14.39 60.78 -4.19
N GLN A 190 15.08 59.94 -3.42
CA GLN A 190 14.45 59.08 -2.42
C GLN A 190 13.40 58.19 -3.11
N CYS A 191 13.90 57.33 -3.99
CA CYS A 191 13.02 56.67 -4.94
C CYS A 191 11.94 55.84 -4.26
N PHE A 192 12.08 55.52 -2.98
CA PHE A 192 11.05 54.74 -2.31
C PHE A 192 11.39 54.61 -0.83
N LEU A 193 10.35 54.35 -0.02
CA LEU A 193 10.49 54.28 1.43
C LEU A 193 10.17 52.87 1.90
N ASP A 194 10.81 52.48 3.00
CA ASP A 194 10.85 51.08 3.39
C ASP A 194 9.51 50.61 3.95
N ILE A 195 9.12 51.12 5.12
CA ILE A 195 8.01 50.54 5.87
C ILE A 195 6.71 50.94 5.17
N LYS A 196 6.20 50.04 4.34
CA LYS A 196 4.94 50.23 3.64
C LYS A 196 4.33 48.84 3.46
N GLU A 197 3.39 48.72 2.51
CA GLU A 197 2.80 47.42 2.21
C GLU A 197 3.84 46.43 1.71
N VAL A 198 5.10 46.88 1.61
CA VAL A 198 6.20 45.97 1.28
C VAL A 198 6.04 44.68 2.06
N SER A 199 6.06 43.56 1.36
CA SER A 199 5.89 42.27 2.02
C SER A 199 7.23 41.67 2.39
N TYR A 200 8.23 41.80 1.53
CA TYR A 200 9.58 41.33 1.80
C TYR A 200 9.60 39.83 2.09
N ASP A 201 9.31 39.06 1.04
CA ASP A 201 9.49 37.62 1.09
C ASP A 201 10.96 37.28 0.85
N ILE A 202 11.45 36.26 1.58
CA ILE A 202 12.85 35.90 1.48
C ILE A 202 13.19 35.49 0.07
N CYS A 203 14.42 35.79 -0.34
CA CYS A 203 14.85 35.67 -1.73
C CYS A 203 15.46 34.30 -1.93
N TYR A 204 14.61 33.29 -2.04
CA TYR A 204 15.07 31.97 -2.46
C TYR A 204 13.89 31.05 -2.70
N THR B 9 14.19 47.09 -26.40
CA THR B 9 13.41 47.27 -27.62
C THR B 9 13.92 46.36 -28.71
N ILE B 10 15.24 46.17 -28.75
CA ILE B 10 15.85 45.43 -29.85
C ILE B 10 15.37 43.98 -29.86
N CYS B 11 15.12 43.40 -28.69
CA CYS B 11 14.95 41.96 -28.58
C CYS B 11 13.66 41.59 -27.87
N PRO B 12 13.12 40.41 -28.14
CA PRO B 12 12.17 39.79 -27.21
C PRO B 12 12.88 38.82 -26.28
N PRO B 13 12.32 38.55 -25.09
CA PRO B 13 13.08 37.80 -24.07
C PRO B 13 13.34 36.33 -24.39
N ARG B 14 12.36 35.62 -24.95
CA ARG B 14 12.43 34.17 -25.19
C ARG B 14 12.28 33.36 -23.90
N GLN B 15 11.26 33.70 -23.12
CA GLN B 15 11.01 33.06 -21.84
C GLN B 15 10.26 31.74 -22.06
N ASP B 16 9.86 31.08 -20.97
CA ASP B 16 8.94 29.96 -21.07
C ASP B 16 7.51 30.43 -21.26
N TYR B 17 6.95 31.08 -20.23
CA TYR B 17 5.57 31.57 -20.26
C TYR B 17 5.58 33.04 -19.85
N ARG B 18 4.72 33.82 -20.47
CA ARG B 18 4.73 35.26 -20.31
C ARG B 18 3.59 35.70 -19.40
N TYR B 19 3.89 36.62 -18.49
CA TYR B 19 2.85 37.29 -17.74
C TYR B 19 2.28 38.48 -18.51
N TRP B 20 2.96 38.93 -19.56
CA TRP B 20 2.57 40.14 -20.28
C TRP B 20 2.02 39.81 -21.66
N TYR B 21 0.79 40.25 -21.92
CA TYR B 21 0.01 39.88 -23.09
C TYR B 21 -0.28 41.10 -23.97
N PHE B 22 -0.94 40.86 -25.10
CA PHE B 22 -1.37 41.89 -26.05
C PHE B 22 -2.60 41.35 -26.78
N ALA B 23 -2.90 41.84 -27.99
CA ALA B 23 -4.15 41.48 -28.65
C ALA B 23 -4.05 41.43 -30.17
N ALA B 24 -4.87 40.55 -30.80
CA ALA B 24 -5.22 40.54 -32.23
C ALA B 24 -6.25 39.45 -32.52
N GLU B 25 -7.33 39.72 -33.28
CA GLU B 25 -8.46 38.80 -33.32
C GLU B 25 -8.90 38.45 -34.73
N LEU B 26 -9.67 37.37 -34.85
CA LEU B 26 -10.30 37.01 -36.12
C LEU B 26 -11.53 36.15 -35.86
N THR B 27 -12.37 36.03 -36.88
CA THR B 27 -13.62 35.30 -36.81
C THR B 27 -13.87 34.58 -38.13
N ILE B 28 -14.28 33.32 -38.04
CA ILE B 28 -14.53 32.47 -39.20
C ILE B 28 -15.97 32.00 -39.12
N GLY B 29 -16.72 32.21 -40.19
CA GLY B 29 -18.10 31.80 -40.22
C GLY B 29 -18.29 30.60 -41.12
N VAL B 30 -18.67 29.47 -40.52
CA VAL B 30 -18.66 28.18 -41.19
C VAL B 30 -20.07 27.61 -41.21
N ASN B 31 -20.34 26.79 -42.23
CA ASN B 31 -21.70 26.36 -42.51
C ASN B 31 -22.07 25.02 -41.87
N TYR B 32 -21.12 24.24 -41.37
CA TYR B 32 -21.50 23.11 -40.54
C TYR B 32 -21.79 23.61 -39.13
N ASP B 33 -22.31 22.71 -38.30
CA ASP B 33 -23.01 23.10 -37.08
C ASP B 33 -22.10 23.00 -35.87
N ILE B 34 -22.08 24.05 -35.05
CA ILE B 34 -21.43 24.06 -33.75
C ILE B 34 -22.38 24.65 -32.73
N ASN B 35 -22.54 24.00 -31.58
CA ASN B 35 -23.48 24.47 -30.57
C ASN B 35 -22.84 25.42 -29.57
N SER B 36 -21.85 24.93 -28.83
CA SER B 36 -21.29 25.70 -27.73
C SER B 36 -19.85 25.26 -27.49
N THR B 37 -19.14 26.03 -26.67
CA THR B 37 -17.76 25.70 -26.35
C THR B 37 -17.68 24.39 -25.58
N ILE B 38 -16.57 23.68 -25.76
CA ILE B 38 -16.39 22.35 -25.19
C ILE B 38 -15.38 22.33 -24.05
N MET B 39 -14.72 23.44 -23.76
CA MET B 39 -13.81 23.55 -22.63
C MET B 39 -12.68 22.52 -22.74
N GLY B 40 -11.82 22.74 -23.73
CA GLY B 40 -10.65 21.90 -23.92
C GLY B 40 -10.47 21.43 -25.34
N GLU B 41 -11.26 21.99 -26.26
CA GLU B 41 -11.20 21.54 -27.65
C GLU B 41 -9.96 22.06 -28.36
N CYS B 42 -9.63 23.33 -28.14
CA CYS B 42 -8.52 23.93 -28.86
C CYS B 42 -7.19 23.30 -28.47
N HIS B 43 -6.27 23.25 -29.44
CA HIS B 43 -4.89 22.86 -29.17
C HIS B 43 -4.00 23.62 -30.14
N MET B 44 -3.01 24.34 -29.60
CA MET B 44 -2.22 25.27 -30.39
C MET B 44 -0.74 24.98 -30.25
N SER B 45 -0.01 25.24 -31.34
CA SER B 45 1.44 25.18 -31.36
C SER B 45 1.98 26.48 -31.94
N GLU B 46 2.92 27.09 -31.22
CA GLU B 46 3.48 28.37 -31.56
C GLU B 46 4.95 28.20 -31.97
N SER B 47 5.45 29.16 -32.75
CA SER B 47 6.86 29.15 -33.13
C SER B 47 7.29 30.54 -33.54
N TYR B 48 8.59 30.79 -33.37
CA TYR B 48 9.20 32.03 -33.80
C TYR B 48 10.54 31.84 -34.52
N ILE B 49 11.08 30.62 -34.54
CA ILE B 49 12.50 30.44 -34.82
C ILE B 49 12.90 31.05 -36.16
N ASP B 50 12.03 31.01 -37.14
CA ASP B 50 12.45 31.32 -38.50
C ASP B 50 12.69 32.79 -38.75
N ARG B 51 12.42 33.66 -37.79
CA ARG B 51 12.34 35.12 -37.94
C ARG B 51 10.92 35.60 -38.20
N ASN B 52 9.93 34.71 -38.35
CA ASN B 52 8.54 35.09 -38.61
C ASN B 52 7.63 34.33 -37.65
N ALA B 53 6.79 35.07 -36.92
CA ALA B 53 5.96 34.45 -35.89
C ALA B 53 4.90 33.56 -36.52
N ASN B 54 4.51 32.51 -35.81
CA ASN B 54 3.58 31.55 -36.39
C ASN B 54 2.83 30.82 -35.30
N ILE B 55 1.58 30.48 -35.60
CA ILE B 55 0.69 29.81 -34.66
C ILE B 55 -0.27 28.95 -35.45
N VAL B 56 -0.28 27.65 -35.17
CA VAL B 56 -1.24 26.72 -35.76
C VAL B 56 -2.10 26.21 -34.64
N LEU B 57 -3.39 26.57 -34.67
CA LEU B 57 -4.32 26.14 -33.65
C LEU B 57 -5.43 25.34 -34.29
N THR B 58 -5.63 24.12 -33.78
CA THR B 58 -6.60 23.18 -34.29
C THR B 58 -7.73 23.06 -33.29
N GLY B 59 -8.95 23.23 -33.76
CA GLY B 59 -10.09 23.34 -32.89
C GLY B 59 -11.29 22.54 -33.33
N TYR B 60 -12.40 23.23 -33.52
CA TYR B 60 -13.69 22.57 -33.55
C TYR B 60 -13.85 21.70 -34.79
N GLY B 61 -13.56 22.24 -35.96
CA GLY B 61 -13.54 21.41 -37.14
C GLY B 61 -12.55 21.87 -38.19
N LEU B 62 -11.69 22.81 -37.84
CA LEU B 62 -10.72 23.32 -38.80
C LEU B 62 -9.44 23.69 -38.08
N GLU B 63 -8.35 23.72 -38.82
CA GLU B 63 -7.06 24.18 -38.31
C GLU B 63 -6.75 25.53 -38.95
N ILE B 64 -6.35 26.49 -38.11
CA ILE B 64 -6.00 27.82 -38.54
C ILE B 64 -4.50 27.96 -38.37
N ASN B 65 -3.81 28.31 -39.45
CA ASN B 65 -2.36 28.45 -39.46
C ASN B 65 -2.04 29.88 -39.86
N MET B 66 -1.60 30.68 -38.89
CA MET B 66 -1.37 32.10 -39.09
C MET B 66 0.10 32.44 -38.88
N THR B 67 0.58 33.42 -39.65
CA THR B 67 1.99 33.76 -39.68
C THR B 67 2.16 35.24 -39.91
N ILE B 68 3.09 35.84 -39.16
CA ILE B 68 3.41 37.26 -39.26
C ILE B 68 4.86 37.37 -39.73
N MET B 69 5.09 38.17 -40.76
CA MET B 69 6.41 38.33 -41.37
C MET B 69 7.07 39.58 -40.83
N ASP B 70 8.32 39.45 -40.39
CA ASP B 70 9.08 40.55 -39.79
C ASP B 70 8.36 41.09 -38.56
N THR B 71 8.31 40.27 -37.51
CA THR B 71 7.32 40.46 -36.44
C THR B 71 7.87 41.10 -35.17
N ASP B 72 8.98 40.59 -34.62
CA ASP B 72 9.42 40.95 -33.28
C ASP B 72 8.33 40.70 -32.23
N GLN B 73 7.45 39.74 -32.49
CA GLN B 73 6.47 39.29 -31.50
C GLN B 73 6.35 37.77 -31.60
N ARG B 74 5.89 37.16 -30.53
CA ARG B 74 5.63 35.72 -30.52
C ARG B 74 4.34 35.45 -29.79
N PHE B 75 3.53 34.55 -30.33
CA PHE B 75 2.20 34.35 -29.79
C PHE B 75 2.29 33.70 -28.42
N VAL B 76 1.98 34.49 -27.39
CA VAL B 76 2.01 33.98 -26.02
C VAL B 76 0.88 32.99 -25.80
N ALA B 77 -0.32 33.31 -26.25
CA ALA B 77 -1.46 32.44 -26.00
C ALA B 77 -2.58 32.78 -26.99
N ALA B 78 -3.70 32.09 -26.82
CA ALA B 78 -4.86 32.31 -27.68
C ALA B 78 -6.10 31.85 -26.95
N ALA B 79 -7.26 32.22 -27.47
CA ALA B 79 -8.55 31.82 -26.94
C ALA B 79 -9.52 31.64 -28.09
N GLU B 80 -10.51 30.77 -27.91
CA GLU B 80 -11.45 30.46 -28.98
C GLU B 80 -12.83 30.22 -28.39
N GLY B 81 -13.85 30.77 -29.05
CA GLY B 81 -15.22 30.60 -28.60
C GLY B 81 -16.19 30.55 -29.76
N VAL B 82 -17.40 30.09 -29.47
CA VAL B 82 -18.46 29.96 -30.47
C VAL B 82 -19.64 30.81 -30.06
N GLY B 83 -20.28 31.43 -31.05
CA GLY B 83 -21.40 32.31 -30.78
C GLY B 83 -22.69 31.82 -31.40
N LYS B 84 -23.42 32.74 -32.02
CA LYS B 84 -24.69 32.41 -32.64
C LYS B 84 -24.54 32.35 -34.15
N ASP B 85 -25.19 31.37 -34.76
CA ASP B 85 -25.21 31.21 -36.22
C ASP B 85 -23.86 30.69 -36.74
N ASN B 86 -23.26 29.76 -36.00
CA ASN B 86 -22.08 29.02 -36.46
C ASN B 86 -20.95 29.97 -36.83
N LYS B 87 -20.48 30.67 -35.80
CA LYS B 87 -19.31 31.54 -35.91
C LYS B 87 -18.27 31.09 -34.89
N LEU B 88 -17.00 31.17 -35.29
CA LEU B 88 -15.89 30.76 -34.43
C LEU B 88 -14.95 31.95 -34.32
N SER B 89 -14.87 32.53 -33.12
CA SER B 89 -14.04 33.70 -32.89
C SER B 89 -12.79 33.27 -32.14
N VAL B 90 -11.63 33.60 -32.70
CA VAL B 90 -10.34 33.27 -32.13
C VAL B 90 -9.61 34.57 -31.82
N LEU B 91 -9.28 34.77 -30.55
CA LEU B 91 -8.42 35.85 -30.11
C LEU B 91 -7.00 35.32 -29.97
N LEU B 92 -6.02 36.17 -30.24
CA LEU B 92 -4.61 35.78 -30.24
C LEU B 92 -3.84 36.82 -29.43
N PHE B 93 -3.08 36.35 -28.44
CA PHE B 93 -2.34 37.22 -27.54
C PHE B 93 -0.86 37.05 -27.81
N THR B 94 -0.22 38.14 -28.23
CA THR B 94 1.20 38.20 -28.55
C THR B 94 1.95 38.97 -27.47
N THR B 95 3.28 38.84 -27.49
CA THR B 95 4.07 39.35 -26.38
C THR B 95 3.95 40.87 -26.26
N GLN B 96 4.48 41.60 -27.23
CA GLN B 96 4.56 43.05 -27.10
C GLN B 96 4.95 43.65 -28.44
N ARG B 97 4.59 44.91 -28.62
CA ARG B 97 4.81 45.63 -29.86
C ARG B 97 5.99 46.58 -29.68
N LEU B 98 7.03 46.39 -30.49
CA LEU B 98 8.22 47.22 -30.39
C LEU B 98 8.25 48.32 -31.43
N ASP B 99 7.47 48.21 -32.50
CA ASP B 99 7.54 49.16 -33.61
C ASP B 99 6.18 49.22 -34.29
N LYS B 100 5.99 50.28 -35.08
CA LYS B 100 4.79 50.46 -35.89
C LYS B 100 5.21 50.35 -37.35
N VAL B 101 4.99 49.17 -37.94
CA VAL B 101 5.47 48.93 -39.31
C VAL B 101 4.41 48.26 -40.18
N HIS B 102 3.30 47.82 -39.57
CA HIS B 102 2.20 47.22 -40.33
C HIS B 102 2.68 45.97 -41.08
N HIS B 103 2.97 44.93 -40.31
CA HIS B 103 3.46 43.68 -40.87
C HIS B 103 2.42 43.09 -41.83
N ASN B 104 2.90 42.20 -42.70
CA ASN B 104 2.01 41.36 -43.48
C ASN B 104 1.56 40.16 -42.65
N ILE B 105 0.58 39.42 -43.17
CA ILE B 105 0.05 38.26 -42.49
C ILE B 105 -0.37 37.20 -43.51
N SER B 106 -0.22 35.94 -43.12
CA SER B 106 -0.63 34.81 -43.96
C SER B 106 -1.46 33.85 -43.11
N VAL B 107 -2.65 33.51 -43.58
CA VAL B 107 -3.57 32.65 -42.85
C VAL B 107 -4.08 31.56 -43.78
N THR B 108 -4.00 30.32 -43.33
CA THR B 108 -4.58 29.19 -44.06
C THR B 108 -5.54 28.46 -43.14
N ILE B 109 -6.77 28.26 -43.62
CA ILE B 109 -7.83 27.60 -42.86
C ILE B 109 -8.15 26.30 -43.58
N THR B 110 -7.90 25.18 -42.92
CA THR B 110 -8.10 23.87 -43.53
C THR B 110 -9.20 23.14 -42.80
N CYS B 111 -10.19 22.63 -43.54
CA CYS B 111 -11.34 21.95 -42.96
C CYS B 111 -10.95 20.50 -42.68
N MET B 112 -11.03 20.10 -41.42
CA MET B 112 -10.65 18.75 -41.00
C MET B 112 -11.84 17.90 -40.59
N GLU B 113 -13.06 18.37 -40.80
CA GLU B 113 -14.23 17.57 -40.45
C GLU B 113 -15.46 18.18 -41.09
N MET B 114 -16.22 17.35 -41.79
CA MET B 114 -17.55 17.57 -42.34
C MET B 114 -17.57 18.35 -43.66
N ASN B 115 -16.46 18.93 -44.13
CA ASN B 115 -16.48 19.40 -45.52
C ASN B 115 -15.11 19.35 -46.21
N CYS B 116 -14.28 18.35 -45.92
CA CYS B 116 -12.92 18.37 -46.43
C CYS B 116 -12.89 18.66 -47.92
N GLY B 117 -11.70 19.01 -48.41
CA GLY B 117 -11.54 19.36 -49.80
C GLY B 117 -10.13 19.80 -50.09
N THR B 118 -9.94 20.27 -51.32
CA THR B 118 -8.69 20.87 -51.74
C THR B 118 -8.82 22.39 -51.74
N THR B 119 -7.78 23.08 -52.20
CA THR B 119 -7.77 24.54 -52.13
C THR B 119 -8.90 25.13 -52.94
N LYS B 120 -9.64 26.05 -52.33
CA LYS B 120 -10.75 26.73 -53.00
C LYS B 120 -10.57 28.23 -53.04
N TYR B 121 -9.47 28.76 -52.52
CA TYR B 121 -9.24 30.20 -52.50
C TYR B 121 -7.76 30.45 -52.22
N ASP B 122 -7.11 31.26 -53.07
CA ASP B 122 -5.70 31.54 -52.89
C ASP B 122 -5.36 32.99 -53.26
N SER B 123 -6.25 33.94 -52.99
CA SER B 123 -6.00 35.33 -53.30
C SER B 123 -5.50 36.05 -52.05
N ASP B 124 -5.29 37.37 -52.16
CA ASP B 124 -4.81 38.19 -51.06
C ASP B 124 -5.76 39.36 -50.82
N LEU B 125 -5.80 39.82 -49.58
CA LEU B 125 -6.75 40.84 -49.16
C LEU B 125 -6.06 42.19 -49.09
N PRO B 126 -6.50 43.21 -49.83
CA PRO B 126 -5.72 44.45 -49.86
C PRO B 126 -5.73 45.22 -48.56
N GLU B 127 -6.89 45.35 -47.92
CA GLU B 127 -7.00 46.06 -46.64
C GLU B 127 -6.52 47.50 -46.77
N SER B 128 -7.26 48.29 -47.55
CA SER B 128 -6.93 49.69 -47.78
C SER B 128 -7.53 50.63 -46.74
N ILE B 129 -7.80 50.16 -45.52
CA ILE B 129 -8.19 51.08 -44.45
C ILE B 129 -7.08 52.09 -44.23
N HIS B 130 -5.84 51.61 -44.21
CA HIS B 130 -4.68 52.46 -44.37
C HIS B 130 -3.87 52.14 -45.62
N HIS B 131 -4.05 50.95 -46.20
CA HIS B 131 -3.39 50.57 -47.43
C HIS B 131 -1.86 50.54 -47.25
N LYS B 132 -1.42 49.73 -46.28
CA LYS B 132 0.01 49.56 -46.04
C LYS B 132 0.37 48.10 -45.91
N SER B 133 -0.60 47.24 -45.60
CA SER B 133 -0.37 45.83 -45.34
C SER B 133 -1.33 44.99 -46.18
N SER B 134 -0.90 43.74 -46.44
CA SER B 134 -1.72 42.78 -47.18
C SER B 134 -1.65 41.42 -46.49
N CYS B 135 -2.77 40.71 -46.51
CA CYS B 135 -2.88 39.38 -45.93
C CYS B 135 -3.23 38.37 -47.01
N ASP B 136 -2.59 37.21 -46.97
CA ASP B 136 -2.85 36.16 -47.95
C ASP B 136 -3.61 35.01 -47.28
N ILE B 137 -4.78 34.68 -47.82
CA ILE B 137 -5.67 33.66 -47.28
C ILE B 137 -5.65 32.46 -48.21
N THR B 138 -5.50 31.27 -47.63
CA THR B 138 -5.72 30.03 -48.36
C THR B 138 -6.72 29.16 -47.62
N ILE B 139 -7.81 28.81 -48.28
CA ILE B 139 -8.88 28.02 -47.68
C ILE B 139 -8.88 26.66 -48.36
N ASN B 140 -8.79 25.61 -47.55
CA ASN B 140 -8.92 24.24 -48.03
C ASN B 140 -10.26 23.69 -47.54
N GLY B 141 -11.17 23.46 -48.47
CA GLY B 141 -12.47 22.92 -48.18
C GLY B 141 -13.58 23.89 -48.56
N SER B 142 -14.77 23.59 -48.05
CA SER B 142 -15.93 24.46 -48.21
C SER B 142 -16.55 24.84 -46.86
N CYS B 143 -15.84 24.63 -45.75
CA CYS B 143 -16.39 24.91 -44.43
C CYS B 143 -16.12 26.35 -44.03
N VAL B 144 -16.41 27.29 -44.93
CA VAL B 144 -16.17 28.70 -44.66
C VAL B 144 -17.20 29.52 -45.42
N THR B 145 -17.80 30.47 -44.73
CA THR B 145 -18.72 31.43 -45.34
C THR B 145 -18.32 32.87 -45.10
N CYS B 146 -17.63 33.18 -43.99
CA CYS B 146 -17.08 34.51 -43.77
C CYS B 146 -15.70 34.36 -43.16
N VAL B 147 -14.82 35.34 -43.41
CA VAL B 147 -13.55 35.44 -42.71
C VAL B 147 -13.26 36.91 -42.45
N ASN B 148 -13.06 37.27 -41.19
CA ASN B 148 -12.69 38.62 -40.81
C ASN B 148 -11.50 38.57 -39.87
N LEU B 149 -10.55 39.48 -40.07
CA LEU B 149 -9.34 39.53 -39.25
C LEU B 149 -9.08 40.97 -38.87
N GLU B 150 -9.11 41.26 -37.57
CA GLU B 150 -8.85 42.60 -37.06
C GLU B 150 -7.52 42.57 -36.29
N THR B 151 -6.52 43.25 -36.82
CA THR B 151 -5.20 43.34 -36.22
C THR B 151 -5.11 44.63 -35.41
N ASP B 152 -4.55 44.52 -34.21
CA ASP B 152 -4.43 45.63 -33.29
C ASP B 152 -5.81 46.19 -33.00
N PRO B 153 -6.71 45.37 -32.45
CA PRO B 153 -8.06 45.84 -32.17
C PRO B 153 -8.09 46.84 -31.03
N THR B 154 -9.13 47.68 -31.05
CA THR B 154 -9.37 48.65 -29.99
C THR B 154 -10.59 48.30 -29.16
N LYS B 155 -11.24 47.17 -29.42
CA LYS B 155 -12.38 46.72 -28.63
C LYS B 155 -11.87 46.12 -27.33
N ILE B 156 -12.76 45.50 -26.56
CA ILE B 156 -12.37 44.89 -25.28
C ILE B 156 -11.95 43.47 -25.61
N ASN B 157 -10.69 43.33 -26.04
CA ASN B 157 -10.11 42.01 -26.23
C ASN B 157 -10.20 41.14 -24.98
N PRO B 158 -9.92 41.64 -23.77
CA PRO B 158 -9.81 40.73 -22.62
C PRO B 158 -11.11 39.98 -22.35
N HIS B 159 -11.00 38.66 -22.25
CA HIS B 159 -12.08 37.81 -21.77
C HIS B 159 -11.88 37.59 -20.28
N TYR B 160 -12.95 37.82 -19.51
CA TYR B 160 -12.87 37.70 -18.06
C TYR B 160 -11.66 38.45 -17.53
N LEU B 161 -11.54 39.72 -17.92
CA LEU B 161 -10.42 40.56 -17.49
C LEU B 161 -10.19 40.42 -15.99
N HIS B 162 -9.08 39.82 -15.57
CA HIS B 162 -8.03 39.14 -16.34
C HIS B 162 -7.67 37.83 -15.66
N PRO B 163 -7.01 36.92 -16.38
CA PRO B 163 -6.55 35.67 -15.74
C PRO B 163 -5.80 35.96 -14.45
N LYS B 164 -5.63 34.94 -13.60
CA LYS B 164 -5.30 35.18 -12.20
C LYS B 164 -4.06 36.06 -12.05
N ASP B 165 -3.02 35.81 -12.84
CA ASP B 165 -1.75 36.50 -12.68
C ASP B 165 -1.34 37.34 -13.89
N LYS B 166 -1.84 37.04 -15.08
CA LYS B 166 -1.34 37.69 -16.28
C LYS B 166 -1.85 39.13 -16.37
N TYR B 167 -1.09 39.96 -17.07
CA TYR B 167 -1.48 41.33 -17.39
C TYR B 167 -1.69 41.45 -18.88
N LEU B 168 -2.68 42.24 -19.29
CA LEU B 168 -3.08 42.31 -20.68
C LEU B 168 -3.17 43.75 -21.11
N TYR B 169 -2.59 44.04 -22.27
CA TYR B 169 -2.59 45.37 -22.85
C TYR B 169 -3.30 45.32 -24.18
N ARG B 170 -3.83 46.46 -24.60
CA ARG B 170 -4.58 46.52 -25.85
C ARG B 170 -4.31 47.86 -26.51
N ASN B 171 -4.24 47.85 -27.84
CA ASN B 171 -3.96 49.08 -28.57
C ASN B 171 -5.06 50.09 -28.34
N SER B 172 -4.68 51.37 -28.31
CA SER B 172 -5.62 52.47 -28.15
C SER B 172 -5.36 53.58 -29.15
N GLU B 173 -4.71 53.29 -30.27
CA GLU B 173 -4.41 54.27 -31.30
C GLU B 173 -5.06 53.79 -32.59
N TYR B 174 -5.96 54.61 -33.15
CA TYR B 174 -6.72 54.19 -34.32
C TYR B 174 -5.81 53.96 -35.51
N GLY B 175 -4.67 54.62 -35.57
CA GLY B 175 -3.82 54.55 -36.74
C GLY B 175 -3.20 53.20 -37.00
N MET B 176 -3.26 52.28 -36.03
CA MET B 176 -2.58 51.00 -36.16
C MET B 176 -3.52 49.82 -36.37
N ARG B 177 -4.82 49.98 -36.14
CA ARG B 177 -5.73 48.88 -36.38
C ARG B 177 -5.90 48.64 -37.87
N GLY B 178 -6.05 47.37 -38.23
CA GLY B 178 -6.30 47.01 -39.62
C GLY B 178 -7.35 45.94 -39.68
N SER B 179 -8.13 45.95 -40.77
CA SER B 179 -9.20 44.99 -40.96
C SER B 179 -9.10 44.36 -42.34
N TYR B 180 -9.02 43.03 -42.37
CA TYR B 180 -9.02 42.25 -43.60
C TYR B 180 -10.28 41.39 -43.61
N GLY B 181 -10.92 41.29 -44.76
CA GLY B 181 -12.21 40.61 -44.83
C GLY B 181 -12.43 39.94 -46.16
N VAL B 182 -13.13 38.82 -46.12
CA VAL B 182 -13.57 38.13 -47.33
C VAL B 182 -14.82 37.33 -47.02
N THR B 183 -15.88 37.55 -47.79
CA THR B 183 -17.15 36.89 -47.60
C THR B 183 -17.63 36.32 -48.92
N PHE B 184 -18.21 35.12 -48.86
CA PHE B 184 -18.78 34.47 -50.03
C PHE B 184 -20.30 34.56 -50.09
N MET B 185 -20.97 34.64 -48.94
CA MET B 185 -22.41 34.87 -48.90
C MET B 185 -22.67 36.37 -49.13
N ASP B 186 -23.89 36.80 -48.85
CA ASP B 186 -24.32 38.16 -49.17
C ASP B 186 -24.38 39.03 -47.92
N GLU B 187 -23.65 40.15 -47.97
CA GLU B 187 -23.67 41.20 -46.94
C GLU B 187 -23.71 40.62 -45.52
N LEU B 188 -22.62 39.95 -45.14
CA LEU B 188 -22.42 39.46 -43.80
C LEU B 188 -21.41 40.30 -43.02
N ASN B 189 -21.36 41.60 -43.31
CA ASN B 189 -20.41 42.48 -42.65
C ASN B 189 -20.66 42.50 -41.14
N GLN B 190 -19.58 42.66 -40.38
CA GLN B 190 -19.62 42.50 -38.92
C GLN B 190 -20.10 41.09 -38.59
N CYS B 191 -19.27 40.10 -38.96
CA CYS B 191 -19.71 38.73 -38.93
C CYS B 191 -20.16 38.28 -37.55
N PHE B 192 -19.76 38.95 -36.48
CA PHE B 192 -20.19 38.53 -35.15
C PHE B 192 -19.66 39.51 -34.13
N LEU B 193 -20.33 39.57 -32.97
CA LEU B 193 -20.01 40.52 -31.92
C LEU B 193 -19.50 39.79 -30.70
N ASP B 194 -18.70 40.49 -29.90
CA ASP B 194 -17.90 39.82 -28.87
C ASP B 194 -18.74 39.38 -27.68
N ILE B 195 -19.27 40.32 -26.92
CA ILE B 195 -19.84 40.01 -25.61
C ILE B 195 -21.20 39.35 -25.83
N LYS B 196 -21.21 38.03 -25.81
CA LYS B 196 -22.42 37.22 -25.91
C LYS B 196 -22.19 35.96 -25.11
N GLU B 197 -23.00 34.93 -25.36
CA GLU B 197 -22.82 33.66 -24.66
C GLU B 197 -21.46 33.05 -24.97
N VAL B 198 -20.66 33.72 -25.82
CA VAL B 198 -19.29 33.30 -26.05
C VAL B 198 -18.63 32.99 -24.71
N SER B 199 -18.04 31.80 -24.61
CA SER B 199 -17.47 31.38 -23.33
C SER B 199 -15.99 31.70 -23.25
N TYR B 200 -15.26 31.49 -24.35
CA TYR B 200 -13.84 31.82 -24.43
C TYR B 200 -13.02 31.03 -23.40
N ASP B 201 -12.92 29.72 -23.65
CA ASP B 201 -11.96 28.89 -22.94
C ASP B 201 -10.57 29.11 -23.52
N ILE B 202 -9.56 29.09 -22.65
CA ILE B 202 -8.19 29.31 -23.10
C ILE B 202 -7.81 28.23 -24.09
N CYS B 203 -6.96 28.58 -25.04
CA CYS B 203 -6.68 27.75 -26.22
C CYS B 203 -5.47 26.89 -25.91
N TYR B 204 -5.67 25.85 -25.12
CA TYR B 204 -4.63 24.84 -24.92
C TYR B 204 -5.19 23.64 -24.17
N MET C 1 -11.28 59.11 -37.71
CA MET C 1 -10.40 60.28 -38.02
C MET C 1 -11.17 61.40 -38.73
N LEU C 2 -12.45 61.17 -38.97
CA LEU C 2 -13.32 62.17 -39.58
C LEU C 2 -14.52 62.38 -38.67
N LYS C 3 -14.51 63.48 -37.91
CA LYS C 3 -15.61 63.86 -37.05
C LYS C 3 -16.38 65.00 -37.70
N ILE C 4 -17.70 64.86 -37.75
CA ILE C 4 -18.56 65.87 -38.35
C ILE C 4 -19.52 66.38 -37.30
N GLN C 5 -19.62 67.70 -37.18
CA GLN C 5 -20.57 68.35 -36.30
C GLN C 5 -21.65 69.02 -37.15
N ALA C 6 -22.89 68.95 -36.69
CA ALA C 6 -24.01 69.55 -37.39
C ALA C 6 -24.83 70.39 -36.42
N TYR C 7 -25.31 71.53 -36.91
CA TYR C 7 -26.18 72.37 -36.12
C TYR C 7 -27.51 71.65 -35.89
N PHE C 8 -28.25 72.12 -34.88
CA PHE C 8 -29.46 71.43 -34.45
C PHE C 8 -30.37 71.13 -35.64
N ASN C 9 -30.64 69.84 -35.86
CA ASN C 9 -31.55 69.39 -36.91
C ASN C 9 -31.11 69.91 -38.28
N GLU C 10 -29.81 70.01 -38.47
CA GLU C 10 -29.24 70.33 -39.78
C GLU C 10 -29.04 69.02 -40.57
N THR C 11 -28.75 69.16 -41.86
CA THR C 11 -28.48 67.99 -42.70
C THR C 11 -27.04 67.53 -42.51
N ALA C 12 -26.78 66.26 -42.83
CA ALA C 12 -25.49 65.65 -42.62
C ALA C 12 -24.98 65.00 -43.90
N ASP C 13 -23.66 64.98 -44.05
CA ASP C 13 -23.01 64.34 -45.19
C ASP C 13 -21.98 63.35 -44.67
N LEU C 14 -22.03 62.12 -45.18
CA LEU C 14 -21.08 61.07 -44.83
C LEU C 14 -20.30 60.70 -46.08
N PRO C 15 -19.08 61.20 -46.25
CA PRO C 15 -18.19 60.69 -47.29
C PRO C 15 -17.25 59.64 -46.71
N CYS C 16 -16.65 58.86 -47.61
CA CYS C 16 -15.66 57.88 -47.17
C CYS C 16 -14.45 57.80 -48.10
N GLN C 17 -14.26 58.77 -48.97
CA GLN C 17 -12.97 59.07 -49.60
C GLN C 17 -12.26 57.81 -50.08
N PHE C 18 -12.88 57.15 -51.06
CA PHE C 18 -12.26 55.98 -51.68
C PHE C 18 -11.21 56.45 -52.69
N ALA C 19 -9.96 56.06 -52.47
CA ALA C 19 -8.88 56.50 -53.35
C ALA C 19 -9.07 56.01 -54.77
N ASN C 20 -9.47 54.74 -54.93
CA ASN C 20 -9.64 54.13 -56.25
C ASN C 20 -8.32 54.16 -57.03
N SER C 21 -7.32 53.48 -56.47
CA SER C 21 -6.01 53.44 -57.12
C SER C 21 -6.06 52.70 -58.45
N GLN C 22 -6.95 51.71 -58.57
CA GLN C 22 -7.06 50.92 -59.79
C GLN C 22 -8.03 51.51 -60.81
N ASN C 23 -8.74 52.60 -60.47
CA ASN C 23 -9.70 53.22 -61.36
C ASN C 23 -10.79 52.24 -61.78
N GLN C 24 -11.54 51.79 -60.79
CA GLN C 24 -12.61 50.83 -61.01
C GLN C 24 -13.96 51.54 -61.17
N SER C 25 -14.99 50.78 -61.51
CA SER C 25 -16.32 51.31 -61.77
C SER C 25 -17.30 50.80 -60.72
N LEU C 26 -18.37 51.56 -60.52
CA LEU C 26 -19.36 51.19 -59.53
C LEU C 26 -20.12 49.92 -59.90
N SER C 27 -20.06 49.50 -61.16
CA SER C 27 -20.76 48.28 -61.57
C SER C 27 -20.09 47.03 -61.02
N GLU C 28 -18.79 47.05 -60.78
CA GLU C 28 -18.05 45.92 -60.25
C GLU C 28 -17.87 45.99 -58.74
N LEU C 29 -18.47 46.98 -58.09
CA LEU C 29 -18.29 47.19 -56.66
C LEU C 29 -19.65 47.39 -56.00
N VAL C 30 -19.73 47.02 -54.73
CA VAL C 30 -20.92 47.27 -53.92
C VAL C 30 -20.50 48.06 -52.69
N VAL C 31 -21.45 48.79 -52.11
CA VAL C 31 -21.17 49.72 -51.03
C VAL C 31 -22.26 49.61 -49.97
N PHE C 32 -21.86 49.72 -48.71
CA PHE C 32 -22.75 49.72 -47.57
C PHE C 32 -22.40 50.88 -46.66
N TRP C 33 -23.41 51.56 -46.14
CA TRP C 33 -23.24 52.54 -45.08
C TRP C 33 -24.03 52.05 -43.88
N GLN C 34 -23.36 51.88 -42.74
CA GLN C 34 -24.03 51.27 -41.60
C GLN C 34 -23.77 52.08 -40.34
N ASP C 35 -24.69 51.96 -39.39
CA ASP C 35 -24.65 52.70 -38.13
C ASP C 35 -24.05 51.82 -37.04
N GLN C 36 -24.01 52.34 -35.82
CA GLN C 36 -23.30 51.67 -34.74
C GLN C 36 -24.00 50.42 -34.24
N GLU C 37 -25.27 50.22 -34.59
CA GLU C 37 -25.99 49.01 -34.21
C GLU C 37 -25.96 47.95 -35.29
N ASN C 38 -25.28 48.22 -36.41
CA ASN C 38 -25.09 47.32 -37.54
C ASN C 38 -26.31 47.29 -38.47
N LEU C 39 -27.27 48.19 -38.31
CA LEU C 39 -28.40 48.26 -39.22
C LEU C 39 -28.02 49.07 -40.45
N VAL C 40 -28.31 48.54 -41.64
CA VAL C 40 -27.87 49.18 -42.87
C VAL C 40 -28.67 50.43 -43.14
N LEU C 41 -28.06 51.36 -43.87
CA LEU C 41 -28.68 52.62 -44.29
C LEU C 41 -28.97 52.65 -45.77
N ASN C 42 -28.03 52.21 -46.60
CA ASN C 42 -28.15 52.31 -48.04
C ASN C 42 -27.23 51.27 -48.67
N GLU C 43 -27.46 50.98 -49.94
CA GLU C 43 -26.68 49.97 -50.63
C GLU C 43 -26.74 50.22 -52.13
N VAL C 44 -25.58 50.16 -52.78
CA VAL C 44 -25.49 50.29 -54.23
C VAL C 44 -25.01 48.97 -54.81
N TYR C 45 -25.95 48.08 -55.14
CA TYR C 45 -25.60 46.76 -55.64
C TYR C 45 -25.28 46.87 -57.12
N LEU C 46 -24.03 46.61 -57.48
CA LEU C 46 -23.58 46.65 -58.86
C LEU C 46 -23.95 47.95 -59.54
N GLY C 47 -24.10 49.04 -58.78
CA GLY C 47 -24.38 50.35 -59.31
C GLY C 47 -25.82 50.80 -59.18
N LYS C 48 -26.76 49.90 -58.94
CA LYS C 48 -28.16 50.25 -58.78
C LYS C 48 -28.51 50.22 -57.30
N GLU C 49 -29.19 51.27 -56.84
CA GLU C 49 -29.54 51.34 -55.43
C GLU C 49 -30.52 50.24 -55.06
N LYS C 50 -30.32 49.64 -53.90
CA LYS C 50 -31.21 48.63 -53.37
C LYS C 50 -31.65 49.03 -51.97
N PHE C 51 -32.90 48.71 -51.64
CA PHE C 51 -33.51 49.08 -50.37
C PHE C 51 -34.25 47.90 -49.78
N ASP C 52 -33.59 46.74 -49.76
CA ASP C 52 -34.21 45.51 -49.28
C ASP C 52 -33.98 45.26 -47.80
N SER C 53 -33.10 46.04 -47.14
CA SER C 53 -32.80 45.81 -45.73
C SER C 53 -32.72 47.09 -44.91
N VAL C 54 -32.84 48.26 -45.53
CA VAL C 54 -32.82 49.50 -44.76
C VAL C 54 -34.02 49.52 -43.81
N HIS C 55 -33.76 49.82 -42.55
CA HIS C 55 -34.85 49.98 -41.60
C HIS C 55 -35.72 51.16 -42.01
N SER C 56 -37.03 51.04 -41.75
CA SER C 56 -37.97 52.03 -42.25
C SER C 56 -37.54 53.45 -41.87
N LYS C 57 -37.04 53.62 -40.65
CA LYS C 57 -36.62 54.96 -40.21
C LYS C 57 -35.65 55.59 -41.20
N TYR C 58 -34.76 54.79 -41.78
CA TYR C 58 -33.78 55.31 -42.71
C TYR C 58 -34.28 55.33 -44.15
N MET C 59 -35.49 54.86 -44.42
CA MET C 59 -35.98 54.79 -45.78
C MET C 59 -36.20 56.18 -46.36
N GLY C 60 -35.66 56.42 -47.55
CA GLY C 60 -35.91 57.65 -48.26
C GLY C 60 -35.09 58.83 -47.76
N ARG C 61 -34.74 58.84 -46.47
CA ARG C 61 -34.00 59.95 -45.90
C ARG C 61 -32.59 60.06 -46.43
N THR C 62 -32.09 59.03 -47.11
CA THR C 62 -30.73 59.00 -47.61
C THR C 62 -30.72 59.13 -49.13
N SER C 63 -29.74 59.87 -49.63
CA SER C 63 -29.54 59.98 -51.07
C SER C 63 -28.06 59.81 -51.39
N PHE C 64 -27.79 59.35 -52.60
CA PHE C 64 -26.45 59.03 -53.05
C PHE C 64 -26.05 59.91 -54.23
N ASP C 65 -24.77 60.20 -54.33
CA ASP C 65 -24.21 60.97 -55.44
C ASP C 65 -23.08 60.17 -56.07
N SER C 66 -23.01 60.17 -57.40
CA SER C 66 -22.07 59.32 -58.10
C SER C 66 -20.65 59.82 -57.96
N ASP C 67 -20.40 61.05 -58.41
CA ASP C 67 -19.03 61.55 -58.46
C ASP C 67 -18.42 61.70 -57.07
N SER C 68 -19.21 62.15 -56.09
CA SER C 68 -18.66 62.47 -54.78
C SER C 68 -18.59 61.25 -53.86
N TRP C 69 -19.29 60.17 -54.17
CA TRP C 69 -19.31 58.98 -53.32
C TRP C 69 -19.71 59.34 -51.90
N THR C 70 -20.66 60.26 -51.76
CA THR C 70 -21.07 60.79 -50.47
C THR C 70 -22.54 60.54 -50.24
N LEU C 71 -22.90 60.15 -49.02
CA LEU C 71 -24.28 59.89 -48.65
C LEU C 71 -24.84 61.11 -47.92
N ARG C 72 -25.98 61.60 -48.39
CA ARG C 72 -26.63 62.77 -47.81
C ARG C 72 -27.80 62.30 -46.98
N LEU C 73 -27.78 62.62 -45.69
CA LEU C 73 -28.82 62.23 -44.74
C LEU C 73 -29.50 63.47 -44.20
N HIS C 74 -30.84 63.46 -44.21
CA HIS C 74 -31.66 64.56 -43.74
C HIS C 74 -32.20 64.25 -42.35
N ASN C 75 -32.94 65.22 -41.80
CA ASN C 75 -33.77 65.00 -40.61
C ASN C 75 -32.94 64.44 -39.45
N LEU C 76 -31.97 65.23 -39.01
CA LEU C 76 -31.16 64.82 -37.88
C LEU C 76 -31.98 64.85 -36.60
N GLN C 77 -31.57 64.03 -35.64
CA GLN C 77 -32.22 63.97 -34.33
C GLN C 77 -31.13 63.96 -33.26
N ILE C 78 -31.51 64.36 -32.06
CA ILE C 78 -30.55 64.38 -30.95
C ILE C 78 -30.07 62.96 -30.67
N LYS C 79 -30.91 61.96 -30.93
CA LYS C 79 -30.58 60.57 -30.65
C LYS C 79 -29.92 59.85 -31.81
N ASP C 80 -29.64 60.54 -32.91
CA ASP C 80 -28.95 59.93 -34.05
C ASP C 80 -27.44 60.09 -33.98
N LYS C 81 -26.91 60.67 -32.91
CA LYS C 81 -25.46 60.80 -32.78
C LYS C 81 -24.83 59.43 -32.60
N GLY C 82 -23.67 59.24 -33.23
CA GLY C 82 -22.96 57.98 -33.11
C GLY C 82 -21.97 57.80 -34.24
N LEU C 83 -21.59 56.55 -34.46
CA LEU C 83 -20.59 56.19 -35.45
C LEU C 83 -21.24 55.62 -36.70
N TYR C 84 -20.54 55.75 -37.82
CA TYR C 84 -21.01 55.27 -39.11
C TYR C 84 -19.81 54.76 -39.91
N GLN C 85 -20.08 53.79 -40.78
CA GLN C 85 -19.03 53.10 -41.52
C GLN C 85 -19.40 52.95 -42.98
N CYS C 86 -18.39 52.99 -43.84
CA CYS C 86 -18.51 52.91 -45.30
C CYS C 86 -17.74 51.67 -45.77
N ILE C 87 -18.43 50.56 -45.90
CA ILE C 87 -17.80 49.31 -46.31
C ILE C 87 -17.92 49.20 -47.83
N ILE C 88 -16.79 49.04 -48.52
CA ILE C 88 -16.76 48.87 -49.96
C ILE C 88 -16.27 47.47 -50.27
N HIS C 89 -17.01 46.76 -51.11
CA HIS C 89 -16.70 45.38 -51.48
C HIS C 89 -16.52 45.26 -52.98
N HIS C 90 -15.57 44.42 -53.39
CA HIS C 90 -15.28 44.16 -54.80
C HIS C 90 -15.82 42.78 -55.14
N LYS C 91 -16.88 42.75 -55.96
CA LYS C 91 -17.62 41.51 -56.25
C LYS C 91 -16.93 40.76 -57.39
N LYS C 92 -15.89 40.03 -57.03
CA LYS C 92 -15.23 39.14 -57.97
C LYS C 92 -16.06 37.88 -58.16
N PRO C 93 -15.78 37.11 -59.22
CA PRO C 93 -16.54 35.87 -59.42
C PRO C 93 -16.46 34.91 -58.24
N THR C 94 -15.33 34.83 -57.57
CA THR C 94 -15.17 33.88 -56.48
C THR C 94 -15.88 34.35 -55.21
N GLY C 95 -15.56 35.56 -54.75
CA GLY C 95 -16.17 36.07 -53.54
C GLY C 95 -15.96 37.57 -53.45
N MET C 96 -16.46 38.14 -52.35
CA MET C 96 -16.37 39.57 -52.11
C MET C 96 -15.24 39.84 -51.14
N ILE C 97 -14.31 40.71 -51.53
CA ILE C 97 -13.17 41.09 -50.70
C ILE C 97 -13.29 42.56 -50.37
N ARG C 98 -13.14 42.89 -49.09
CA ARG C 98 -13.32 44.26 -48.61
C ARG C 98 -12.07 45.08 -48.93
N ILE C 99 -12.25 46.18 -49.64
CA ILE C 99 -11.13 47.01 -50.08
C ILE C 99 -11.21 48.43 -49.56
N HIS C 100 -12.16 48.73 -48.68
CA HIS C 100 -12.17 50.04 -48.04
C HIS C 100 -13.16 50.07 -46.90
N GLN C 101 -12.75 50.67 -45.79
CA GLN C 101 -13.58 50.89 -44.63
C GLN C 101 -13.16 52.22 -44.01
N MET C 102 -14.13 53.10 -43.75
CA MET C 102 -13.86 54.40 -43.16
C MET C 102 -14.86 54.65 -42.05
N ASN C 103 -14.36 55.04 -40.89
CA ASN C 103 -15.22 55.30 -39.74
C ASN C 103 -15.37 56.81 -39.52
N SER C 104 -16.61 57.22 -39.30
CA SER C 104 -16.93 58.62 -39.06
C SER C 104 -17.84 58.72 -37.84
N GLU C 105 -17.84 59.88 -37.19
CA GLU C 105 -18.66 60.12 -36.03
C GLU C 105 -19.43 61.42 -36.21
N LEU C 106 -20.70 61.42 -35.81
CA LEU C 106 -21.53 62.62 -35.90
C LEU C 106 -22.27 62.84 -34.59
N SER C 107 -22.39 64.12 -34.22
CA SER C 107 -23.05 64.53 -32.99
C SER C 107 -23.95 65.73 -33.28
N VAL C 108 -24.90 65.96 -32.38
CA VAL C 108 -25.90 67.01 -32.53
C VAL C 108 -25.91 67.87 -31.28
N LEU C 109 -26.43 69.09 -31.42
CA LEU C 109 -26.50 70.02 -30.31
C LEU C 109 -27.36 69.45 -29.18
N ALA C 110 -26.96 69.73 -27.95
CA ALA C 110 -27.65 69.19 -26.78
C ALA C 110 -27.67 70.21 -25.63
N THR D 9 -15.01 18.76 -50.54
CA THR D 9 -15.85 17.74 -51.17
C THR D 9 -15.02 16.57 -51.65
N ILE D 10 -13.78 16.86 -52.05
CA ILE D 10 -12.96 15.87 -52.69
C ILE D 10 -12.65 14.71 -51.73
N CYS D 11 -12.47 15.00 -50.45
CA CYS D 11 -11.87 14.05 -49.53
C CYS D 11 -12.71 13.83 -48.28
N PRO D 12 -12.53 12.71 -47.61
CA PRO D 12 -12.92 12.62 -46.20
C PRO D 12 -11.74 12.84 -45.28
N PRO D 13 -11.95 13.37 -44.07
CA PRO D 13 -10.81 13.77 -43.22
C PRO D 13 -9.86 12.66 -42.79
N ARG D 14 -10.37 11.46 -42.48
CA ARG D 14 -9.58 10.36 -41.92
C ARG D 14 -9.22 10.60 -40.45
N GLN D 15 -10.20 11.08 -39.69
CA GLN D 15 -10.02 11.44 -38.29
C GLN D 15 -9.93 10.17 -37.45
N ASP D 16 -9.88 10.32 -36.12
CA ASP D 16 -10.03 9.18 -35.23
C ASP D 16 -11.50 8.85 -35.00
N TYR D 17 -12.22 9.74 -34.31
CA TYR D 17 -13.63 9.56 -33.99
C TYR D 17 -14.41 10.76 -34.50
N ARG D 18 -15.59 10.49 -35.03
CA ARG D 18 -16.38 11.51 -35.72
C ARG D 18 -17.50 12.01 -34.82
N TYR D 19 -17.62 13.33 -34.71
CA TYR D 19 -18.80 13.91 -34.09
C TYR D 19 -19.97 13.95 -35.06
N TRP D 20 -19.72 13.82 -36.37
CA TRP D 20 -20.76 13.96 -37.38
C TRP D 20 -21.13 12.60 -37.97
N TYR D 21 -22.42 12.29 -37.99
CA TYR D 21 -22.95 10.98 -38.37
C TYR D 21 -23.89 11.09 -39.57
N PHE D 22 -24.40 9.94 -40.01
CA PHE D 22 -25.37 9.82 -41.09
C PHE D 22 -26.22 8.57 -40.80
N ALA D 23 -26.83 7.96 -41.83
CA ALA D 23 -27.68 6.79 -41.58
C ALA D 23 -27.75 5.85 -42.78
N ALA D 24 -28.02 4.55 -42.48
CA ALA D 24 -28.42 3.51 -43.44
C ALA D 24 -28.74 2.21 -42.69
N GLU D 25 -29.86 1.54 -42.94
CA GLU D 25 -30.34 0.51 -42.02
C GLU D 25 -30.62 -0.82 -42.72
N LEU D 26 -30.68 -1.89 -41.93
CA LEU D 26 -31.11 -3.18 -42.45
C LEU D 26 -31.64 -4.03 -41.30
N THR D 27 -32.38 -5.08 -41.67
CA THR D 27 -32.97 -5.99 -40.70
C THR D 27 -32.89 -7.42 -41.23
N ILE D 28 -32.48 -8.33 -40.36
CA ILE D 28 -32.31 -9.73 -40.67
C ILE D 28 -33.27 -10.52 -39.80
N GLY D 29 -34.08 -11.37 -40.41
CA GLY D 29 -35.05 -12.15 -39.67
C GLY D 29 -34.67 -13.61 -39.63
N VAL D 30 -34.34 -14.09 -38.42
CA VAL D 30 -33.78 -15.41 -38.22
C VAL D 30 -34.78 -16.28 -37.47
N ASN D 31 -34.59 -17.60 -37.57
CA ASN D 31 -35.55 -18.54 -37.02
C ASN D 31 -35.20 -19.02 -35.61
N TYR D 32 -33.92 -19.10 -35.25
CA TYR D 32 -33.60 -19.47 -33.88
C TYR D 32 -33.97 -18.32 -32.95
N ASP D 33 -33.76 -18.54 -31.65
CA ASP D 33 -34.39 -17.73 -30.61
C ASP D 33 -33.45 -16.65 -30.09
N ILE D 34 -33.97 -15.42 -30.01
CA ILE D 34 -33.31 -14.31 -29.33
C ILE D 34 -34.36 -13.58 -28.52
N ASN D 35 -34.06 -13.29 -27.26
CA ASN D 35 -35.03 -12.64 -26.39
C ASN D 35 -34.93 -11.12 -26.44
N SER D 36 -33.78 -10.56 -26.05
CA SER D 36 -33.68 -9.11 -25.88
C SER D 36 -32.23 -8.70 -26.05
N THR D 37 -32.02 -7.38 -26.14
CA THR D 37 -30.68 -6.84 -26.29
C THR D 37 -29.84 -7.11 -25.05
N ILE D 38 -28.54 -7.34 -25.27
CA ILE D 38 -27.65 -7.81 -24.21
C ILE D 38 -26.69 -6.74 -23.73
N MET D 39 -26.68 -5.55 -24.33
CA MET D 39 -25.87 -4.44 -23.87
C MET D 39 -24.38 -4.79 -23.89
N GLY D 40 -23.85 -4.94 -25.10
CA GLY D 40 -22.44 -5.14 -25.29
C GLY D 40 -22.13 -6.36 -26.14
N GLU D 41 -23.15 -6.90 -26.80
CA GLU D 41 -22.95 -8.12 -27.58
C GLU D 41 -22.22 -7.83 -28.87
N CYS D 42 -22.59 -6.75 -29.56
CA CYS D 42 -22.00 -6.49 -30.86
C CYS D 42 -20.51 -6.18 -30.75
N HIS D 43 -19.78 -6.48 -31.83
CA HIS D 43 -18.41 -6.01 -31.98
C HIS D 43 -18.15 -5.81 -33.47
N MET D 44 -17.66 -4.63 -33.84
CA MET D 44 -17.56 -4.24 -35.24
C MET D 44 -16.14 -3.84 -35.59
N SER D 45 -15.79 -4.05 -36.86
CA SER D 45 -14.53 -3.58 -37.43
C SER D 45 -14.81 -2.90 -38.75
N GLU D 46 -14.25 -1.71 -38.93
CA GLU D 46 -14.50 -0.88 -40.10
C GLU D 46 -13.21 -0.72 -40.90
N SER D 47 -13.36 -0.47 -42.20
CA SER D 47 -12.20 -0.27 -43.05
C SER D 47 -12.57 0.58 -44.26
N TYR D 48 -11.61 1.37 -44.72
CA TYR D 48 -11.73 2.14 -45.94
C TYR D 48 -10.53 2.01 -46.86
N ILE D 49 -9.44 1.38 -46.40
CA ILE D 49 -8.14 1.58 -47.03
C ILE D 49 -8.16 1.30 -48.52
N ASP D 50 -9.11 0.50 -48.98
CA ASP D 50 -9.02 -0.02 -50.34
C ASP D 50 -9.67 0.86 -51.39
N ARG D 51 -10.34 1.95 -51.01
CA ARG D 51 -11.25 2.73 -51.86
C ARG D 51 -12.69 2.26 -51.79
N ASN D 52 -13.01 1.20 -51.03
CA ASN D 52 -14.37 0.70 -50.88
C ASN D 52 -14.67 0.53 -49.40
N ALA D 53 -15.75 1.15 -48.92
CA ALA D 53 -16.05 1.11 -47.49
C ALA D 53 -16.50 -0.28 -47.07
N ASN D 54 -16.17 -0.66 -45.84
CA ASN D 54 -16.52 -2.00 -45.39
C ASN D 54 -16.68 -2.03 -43.88
N ILE D 55 -17.63 -2.83 -43.43
CA ILE D 55 -17.94 -2.99 -42.01
C ILE D 55 -18.34 -4.42 -41.74
N VAL D 56 -17.63 -5.08 -40.84
CA VAL D 56 -17.96 -6.45 -40.43
C VAL D 56 -18.27 -6.41 -38.95
N LEU D 57 -19.52 -6.70 -38.60
CA LEU D 57 -19.97 -6.68 -37.22
C LEU D 57 -20.54 -8.03 -36.84
N THR D 58 -20.06 -8.57 -35.73
CA THR D 58 -20.46 -9.86 -35.22
C THR D 58 -21.32 -9.65 -33.98
N GLY D 59 -22.50 -10.25 -33.99
CA GLY D 59 -23.49 -9.97 -32.97
C GLY D 59 -24.07 -11.20 -32.33
N TYR D 60 -25.38 -11.34 -32.44
CA TYR D 60 -26.11 -12.26 -31.58
C TYR D 60 -25.87 -13.71 -31.97
N GLY D 61 -25.92 -14.02 -33.25
CA GLY D 61 -25.54 -15.34 -33.69
C GLY D 61 -24.94 -15.36 -35.08
N LEU D 62 -24.68 -14.20 -35.65
CA LEU D 62 -24.22 -14.12 -37.02
C LEU D 62 -23.31 -12.93 -37.21
N GLU D 63 -22.44 -13.02 -38.21
CA GLU D 63 -21.59 -11.89 -38.60
C GLU D 63 -22.10 -11.33 -39.92
N ILE D 64 -22.26 -10.01 -39.96
CA ILE D 64 -22.73 -9.29 -41.13
C ILE D 64 -21.56 -8.51 -41.68
N ASN D 65 -21.24 -8.74 -42.96
CA ASN D 65 -20.09 -8.14 -43.62
C ASN D 65 -20.59 -7.35 -44.82
N MET D 66 -20.62 -6.02 -44.69
CA MET D 66 -21.19 -5.14 -45.69
C MET D 66 -20.10 -4.30 -46.33
N THR D 67 -20.27 -4.00 -47.61
CA THR D 67 -19.26 -3.28 -48.38
C THR D 67 -19.94 -2.41 -49.41
N ILE D 68 -19.45 -1.18 -49.56
CA ILE D 68 -19.92 -0.24 -50.56
C ILE D 68 -18.76 0.04 -51.51
N MET D 69 -19.04 -0.08 -52.81
CA MET D 69 -18.04 0.13 -53.85
C MET D 69 -18.10 1.58 -54.34
N ASP D 70 -16.94 2.23 -54.39
CA ASP D 70 -16.84 3.63 -54.78
C ASP D 70 -17.67 4.52 -53.86
N THR D 71 -17.24 4.60 -52.62
CA THR D 71 -18.09 5.11 -51.54
C THR D 71 -17.88 6.58 -51.19
N ASP D 72 -16.65 7.00 -50.98
CA ASP D 72 -16.36 8.29 -50.35
C ASP D 72 -17.04 8.42 -48.99
N GLN D 73 -17.26 7.30 -48.30
CA GLN D 73 -17.77 7.31 -46.94
C GLN D 73 -17.09 6.21 -46.16
N ARG D 74 -17.06 6.37 -44.84
CA ARG D 74 -16.48 5.36 -43.97
C ARG D 74 -17.38 5.19 -42.76
N PHE D 75 -17.61 3.94 -42.36
CA PHE D 75 -18.63 3.68 -41.36
C PHE D 75 -18.17 4.18 -40.00
N VAL D 76 -18.75 5.29 -39.56
CA VAL D 76 -18.38 5.87 -38.28
C VAL D 76 -18.77 4.94 -37.14
N ALA D 77 -20.00 4.42 -37.17
CA ALA D 77 -20.47 3.58 -36.08
C ALA D 77 -21.64 2.74 -36.54
N ALA D 78 -22.21 1.99 -35.61
CA ALA D 78 -23.39 1.19 -35.89
C ALA D 78 -24.08 0.86 -34.58
N ALA D 79 -25.33 0.41 -34.68
CA ALA D 79 -26.12 0.01 -33.54
C ALA D 79 -26.93 -1.22 -33.91
N GLU D 80 -27.29 -2.04 -32.93
CA GLU D 80 -28.03 -3.25 -33.21
C GLU D 80 -28.97 -3.57 -32.06
N GLY D 81 -30.19 -3.95 -32.41
CA GLY D 81 -31.18 -4.31 -31.40
C GLY D 81 -32.07 -5.43 -31.90
N VAL D 82 -32.88 -5.94 -30.99
CA VAL D 82 -33.79 -7.05 -31.28
C VAL D 82 -35.21 -6.63 -30.94
N GLY D 83 -36.14 -7.03 -31.78
CA GLY D 83 -37.53 -6.69 -31.59
C GLY D 83 -38.39 -7.89 -31.26
N LYS D 84 -39.51 -8.04 -31.96
CA LYS D 84 -40.42 -9.14 -31.72
C LYS D 84 -40.38 -10.13 -32.87
N ASP D 85 -40.50 -11.42 -32.54
CA ASP D 85 -40.54 -12.49 -33.53
C ASP D 85 -39.17 -12.72 -34.17
N ASN D 86 -38.11 -12.65 -33.37
CA ASN D 86 -36.77 -13.02 -33.81
C ASN D 86 -36.34 -12.21 -35.04
N LYS D 87 -36.25 -10.90 -34.83
CA LYS D 87 -35.75 -9.97 -35.82
C LYS D 87 -34.56 -9.24 -35.23
N LEU D 88 -33.62 -8.87 -36.10
CA LEU D 88 -32.38 -8.24 -35.68
C LEU D 88 -32.17 -7.02 -36.57
N SER D 89 -32.32 -5.83 -35.99
CA SER D 89 -32.19 -4.59 -36.75
C SER D 89 -30.83 -3.98 -36.48
N VAL D 90 -30.10 -3.68 -37.55
CA VAL D 90 -28.79 -3.08 -37.48
C VAL D 90 -28.83 -1.76 -38.22
N LEU D 91 -28.57 -0.67 -37.50
CA LEU D 91 -28.39 0.65 -38.07
C LEU D 91 -26.91 0.91 -38.29
N LEU D 92 -26.58 1.63 -39.35
CA LEU D 92 -25.20 1.88 -39.75
C LEU D 92 -25.03 3.36 -40.00
N PHE D 93 -24.08 3.98 -39.29
CA PHE D 93 -23.85 5.41 -39.37
C PHE D 93 -22.54 5.66 -40.11
N THR D 94 -22.65 6.29 -41.26
CA THR D 94 -21.52 6.64 -42.12
C THR D 94 -21.22 8.13 -41.99
N THR D 95 -20.04 8.52 -42.49
CA THR D 95 -19.54 9.87 -42.21
C THR D 95 -20.42 10.95 -42.82
N GLN D 96 -20.40 11.06 -44.15
CA GLN D 96 -21.09 12.16 -44.80
C GLN D 96 -21.12 11.87 -46.29
N ARG D 97 -22.18 12.34 -46.93
CA ARG D 97 -22.47 12.03 -48.32
C ARG D 97 -22.01 13.18 -49.20
N LEU D 98 -21.11 12.88 -50.14
CA LEU D 98 -20.55 13.89 -51.02
C LEU D 98 -21.21 13.93 -52.38
N ASP D 99 -21.84 12.85 -52.82
CA ASP D 99 -22.36 12.76 -54.17
C ASP D 99 -23.58 11.86 -54.20
N LYS D 100 -24.32 11.94 -55.29
CA LYS D 100 -25.50 11.11 -55.53
C LYS D 100 -25.20 10.21 -56.73
N VAL D 101 -24.85 8.95 -56.45
CA VAL D 101 -24.42 8.06 -57.53
C VAL D 101 -25.04 6.67 -57.40
N HIS D 102 -25.69 6.38 -56.27
CA HIS D 102 -26.33 5.08 -56.05
C HIS D 102 -25.32 3.94 -56.13
N HIS D 103 -24.44 3.88 -55.13
CA HIS D 103 -23.40 2.87 -55.09
C HIS D 103 -24.02 1.47 -55.10
N ASN D 104 -23.23 0.49 -55.52
CA ASN D 104 -23.58 -0.90 -55.32
C ASN D 104 -23.23 -1.31 -53.91
N ILE D 105 -23.73 -2.48 -53.49
CA ILE D 105 -23.48 -2.98 -52.15
C ILE D 105 -23.29 -4.49 -52.19
N SER D 106 -22.47 -4.99 -51.26
CA SER D 106 -22.25 -6.42 -51.11
C SER D 106 -22.37 -6.77 -49.64
N VAL D 107 -23.26 -7.71 -49.32
CA VAL D 107 -23.52 -8.09 -47.93
C VAL D 107 -23.44 -9.61 -47.83
N THR D 108 -22.67 -10.10 -46.86
CA THR D 108 -22.61 -11.51 -46.55
C THR D 108 -23.03 -11.72 -45.10
N ILE D 109 -23.98 -12.61 -44.90
CA ILE D 109 -24.51 -12.94 -43.57
C ILE D 109 -24.12 -14.37 -43.27
N THR D 110 -23.26 -14.57 -42.28
CA THR D 110 -22.74 -15.89 -41.97
C THR D 110 -23.21 -16.29 -40.57
N CYS D 111 -23.82 -17.47 -40.47
CA CYS D 111 -24.36 -17.95 -39.21
C CYS D 111 -23.25 -18.60 -38.40
N MET D 112 -23.13 -18.21 -37.13
CA MET D 112 -22.07 -18.70 -36.26
C MET D 112 -22.60 -19.41 -35.02
N GLU D 113 -23.90 -19.66 -34.95
CA GLU D 113 -24.44 -20.35 -33.77
C GLU D 113 -25.84 -20.84 -34.12
N MET D 114 -26.06 -22.13 -33.93
CA MET D 114 -27.32 -22.85 -33.97
C MET D 114 -27.82 -23.20 -35.38
N ASN D 115 -27.23 -22.69 -36.46
CA ASN D 115 -27.56 -23.28 -37.76
C ASN D 115 -26.41 -23.26 -38.76
N CYS D 116 -25.16 -23.40 -38.31
CA CYS D 116 -24.04 -23.22 -39.23
C CYS D 116 -24.25 -24.00 -40.52
N GLY D 117 -23.46 -23.65 -41.53
CA GLY D 117 -23.56 -24.34 -42.80
C GLY D 117 -22.71 -23.66 -43.86
N THR D 118 -22.88 -24.15 -45.08
CA THR D 118 -22.20 -23.61 -46.24
C THR D 118 -23.15 -22.71 -47.03
N THR D 119 -22.66 -22.17 -48.15
CA THR D 119 -23.41 -21.14 -48.86
C THR D 119 -24.75 -21.66 -49.32
N LYS D 120 -25.81 -20.90 -49.03
CA LYS D 120 -27.16 -21.27 -49.43
C LYS D 120 -27.84 -20.22 -50.28
N TYR D 121 -27.14 -19.15 -50.65
CA TYR D 121 -27.72 -18.11 -51.49
C TYR D 121 -26.59 -17.25 -52.04
N ASP D 122 -26.55 -17.05 -53.35
CA ASP D 122 -25.48 -16.26 -53.95
C ASP D 122 -25.99 -15.40 -55.12
N SER D 123 -27.24 -14.93 -55.05
CA SER D 123 -27.80 -14.12 -56.11
C SER D 123 -27.71 -12.64 -55.75
N ASP D 124 -28.23 -11.78 -56.62
CA ASP D 124 -28.17 -10.34 -56.44
C ASP D 124 -29.57 -9.74 -56.54
N LEU D 125 -29.78 -8.63 -55.83
CA LEU D 125 -31.09 -8.04 -55.68
C LEU D 125 -31.23 -6.86 -56.62
N PRO D 126 -32.23 -6.82 -57.50
CA PRO D 126 -32.23 -5.78 -58.54
C PRO D 126 -32.55 -4.39 -58.03
N GLU D 127 -33.55 -4.25 -57.16
CA GLU D 127 -33.91 -2.95 -56.61
C GLU D 127 -34.35 -1.97 -57.69
N SER D 128 -35.49 -2.28 -58.32
CA SER D 128 -36.05 -1.40 -59.35
C SER D 128 -36.94 -0.31 -58.79
N ILE D 129 -36.79 0.06 -57.51
CA ILE D 129 -37.48 1.23 -57.00
C ILE D 129 -37.04 2.45 -57.79
N HIS D 130 -35.74 2.55 -58.05
CA HIS D 130 -35.20 3.43 -59.06
C HIS D 130 -34.42 2.68 -60.13
N HIS D 131 -34.03 1.43 -59.87
CA HIS D 131 -33.37 0.59 -60.87
C HIS D 131 -32.05 1.20 -61.33
N LYS D 132 -31.18 1.48 -60.36
CA LYS D 132 -29.86 2.02 -60.67
C LYS D 132 -28.76 1.23 -59.95
N SER D 133 -29.07 0.67 -58.79
CA SER D 133 -28.09 0.00 -57.96
C SER D 133 -28.48 -1.45 -57.74
N SER D 134 -27.48 -2.29 -57.48
CA SER D 134 -27.70 -3.71 -57.21
C SER D 134 -26.86 -4.14 -56.01
N CYS D 135 -27.44 -4.99 -55.16
CA CYS D 135 -26.76 -5.52 -53.99
C CYS D 135 -26.60 -7.03 -54.14
N ASP D 136 -25.42 -7.54 -53.83
CA ASP D 136 -25.14 -8.97 -53.90
C ASP D 136 -25.14 -9.54 -52.49
N ILE D 137 -26.01 -10.51 -52.25
CA ILE D 137 -26.16 -11.15 -50.94
C ILE D 137 -25.52 -12.52 -51.01
N THR D 138 -24.74 -12.85 -49.98
CA THR D 138 -24.26 -14.21 -49.79
C THR D 138 -24.58 -14.65 -48.38
N ILE D 139 -25.43 -15.67 -48.25
CA ILE D 139 -25.87 -16.16 -46.96
C ILE D 139 -25.23 -17.51 -46.72
N ASN D 140 -24.44 -17.61 -45.65
CA ASN D 140 -23.87 -18.88 -45.22
C ASN D 140 -24.68 -19.38 -44.04
N GLY D 141 -25.35 -20.51 -44.23
CA GLY D 141 -26.15 -21.12 -43.20
C GLY D 141 -27.62 -21.13 -43.57
N SER D 142 -28.44 -21.53 -42.60
CA SER D 142 -29.88 -21.52 -42.72
C SER D 142 -30.54 -20.65 -41.67
N CYS D 143 -29.80 -19.77 -41.01
CA CYS D 143 -30.35 -18.93 -39.95
C CYS D 143 -30.90 -17.63 -40.50
N VAL D 144 -31.68 -17.70 -41.57
CA VAL D 144 -32.25 -16.50 -42.17
C VAL D 144 -33.62 -16.84 -42.73
N THR D 145 -34.60 -16.00 -42.43
CA THR D 145 -35.91 -16.06 -43.04
C THR D 145 -36.28 -14.79 -43.79
N CYS D 146 -35.75 -13.64 -43.40
CA CYS D 146 -35.95 -12.40 -44.16
C CYS D 146 -34.66 -11.60 -44.17
N VAL D 147 -34.46 -10.82 -45.22
CA VAL D 147 -33.38 -9.84 -45.27
C VAL D 147 -33.89 -8.60 -45.97
N ASN D 148 -33.91 -7.47 -45.28
CA ASN D 148 -34.34 -6.20 -45.85
C ASN D 148 -33.27 -5.16 -45.59
N LEU D 149 -33.01 -4.31 -46.58
CA LEU D 149 -31.93 -3.33 -46.52
C LEU D 149 -32.44 -2.02 -47.09
N GLU D 150 -32.51 -0.99 -46.26
CA GLU D 150 -32.97 0.33 -46.67
C GLU D 150 -31.78 1.29 -46.63
N THR D 151 -31.33 1.73 -47.80
CA THR D 151 -30.21 2.63 -47.94
C THR D 151 -30.72 4.05 -48.13
N ASP D 152 -30.09 5.00 -47.43
CA ASP D 152 -30.51 6.39 -47.43
C ASP D 152 -31.95 6.47 -46.92
N PRO D 153 -32.19 6.03 -45.68
CA PRO D 153 -33.55 6.03 -45.16
C PRO D 153 -34.07 7.42 -44.86
N THR D 154 -35.40 7.54 -44.87
CA THR D 154 -36.08 8.78 -44.52
C THR D 154 -36.84 8.68 -43.21
N LYS D 155 -36.76 7.54 -42.51
CA LYS D 155 -37.43 7.37 -41.23
C LYS D 155 -36.62 8.05 -40.13
N ILE D 156 -37.01 7.86 -38.89
CA ILE D 156 -36.29 8.46 -37.76
C ILE D 156 -35.21 7.46 -37.37
N ASN D 157 -34.10 7.53 -38.11
CA ASN D 157 -32.94 6.72 -37.76
C ASN D 157 -32.45 6.94 -36.34
N PRO D 158 -32.33 8.18 -35.84
CA PRO D 158 -31.62 8.37 -34.57
C PRO D 158 -32.28 7.60 -33.44
N HIS D 159 -31.48 6.74 -32.82
CA HIS D 159 -31.87 6.07 -31.58
C HIS D 159 -31.52 6.98 -30.42
N TYR D 160 -32.49 7.23 -29.56
CA TYR D 160 -32.30 8.15 -28.44
C TYR D 160 -31.64 9.43 -28.92
N LEU D 161 -32.26 10.07 -29.92
CA LEU D 161 -31.74 11.30 -30.48
C LEU D 161 -31.34 12.28 -29.37
N HIS D 162 -30.06 12.57 -29.19
CA HIS D 162 -28.86 12.01 -29.83
C HIS D 162 -27.82 11.74 -28.75
N PRO D 163 -26.79 10.91 -29.07
CA PRO D 163 -25.70 10.71 -28.11
C PRO D 163 -25.14 12.03 -27.60
N LYS D 164 -24.38 11.98 -26.50
CA LYS D 164 -24.14 13.17 -25.71
C LYS D 164 -23.56 14.32 -26.54
N ASP D 165 -22.59 14.03 -27.39
CA ASP D 165 -21.89 15.07 -28.15
C ASP D 165 -22.10 15.00 -29.65
N LYS D 166 -22.44 13.85 -30.21
CA LYS D 166 -22.44 13.68 -31.66
C LYS D 166 -23.64 14.37 -32.29
N TYR D 167 -23.49 14.74 -33.56
CA TYR D 167 -24.56 15.30 -34.35
C TYR D 167 -24.90 14.33 -35.47
N LEU D 168 -26.18 14.20 -35.77
CA LEU D 168 -26.66 13.18 -36.69
C LEU D 168 -27.56 13.80 -37.74
N TYR D 169 -27.36 13.39 -38.99
CA TYR D 169 -28.14 13.87 -40.11
C TYR D 169 -28.81 12.68 -40.79
N ARG D 170 -29.88 12.96 -41.52
CA ARG D 170 -30.62 11.91 -42.20
C ARG D 170 -31.14 12.45 -43.51
N ASN D 171 -31.12 11.61 -44.54
CA ASN D 171 -31.59 12.04 -45.84
C ASN D 171 -33.08 12.37 -45.80
N SER D 172 -33.46 13.40 -46.53
CA SER D 172 -34.86 13.82 -46.62
C SER D 172 -35.33 13.97 -48.06
N GLU D 173 -34.61 13.40 -49.02
CA GLU D 173 -34.96 13.47 -50.43
C GLU D 173 -35.34 12.07 -50.89
N TYR D 174 -36.61 11.89 -51.27
CA TYR D 174 -37.09 10.55 -51.60
C TYR D 174 -36.35 9.95 -52.78
N GLY D 175 -35.77 10.78 -53.63
CA GLY D 175 -35.13 10.27 -54.83
C GLY D 175 -33.89 9.44 -54.60
N MET D 176 -33.38 9.40 -53.36
CA MET D 176 -32.15 8.69 -53.07
C MET D 176 -32.35 7.40 -52.30
N ARG D 177 -33.49 7.19 -51.66
CA ARG D 177 -33.68 5.98 -50.87
C ARG D 177 -33.74 4.77 -51.78
N GLY D 178 -33.18 3.67 -51.31
CA GLY D 178 -33.25 2.41 -52.03
C GLY D 178 -33.62 1.30 -51.07
N SER D 179 -34.38 0.34 -51.58
CA SER D 179 -34.83 -0.80 -50.79
C SER D 179 -34.48 -2.10 -51.51
N TYR D 180 -33.70 -2.94 -50.85
CA TYR D 180 -33.36 -4.27 -51.33
C TYR D 180 -33.95 -5.29 -50.38
N GLY D 181 -34.49 -6.38 -50.90
CA GLY D 181 -35.17 -7.35 -50.06
C GLY D 181 -35.15 -8.74 -50.65
N VAL D 182 -35.14 -9.72 -49.75
CA VAL D 182 -35.29 -11.13 -50.14
C VAL D 182 -35.86 -11.90 -48.95
N THR D 183 -36.90 -12.67 -49.21
CA THR D 183 -37.56 -13.46 -48.18
C THR D 183 -37.73 -14.89 -48.67
N PHE D 184 -37.56 -15.83 -47.73
CA PHE D 184 -37.74 -17.25 -48.03
C PHE D 184 -39.04 -17.81 -47.50
N MET D 185 -39.61 -17.22 -46.45
CA MET D 185 -40.94 -17.57 -45.97
C MET D 185 -41.97 -16.87 -46.85
N ASP D 186 -43.21 -16.80 -46.38
CA ASP D 186 -44.32 -16.27 -47.16
C ASP D 186 -44.74 -14.89 -46.66
N GLU D 187 -44.72 -13.90 -47.57
CA GLU D 187 -45.25 -12.55 -47.36
C GLU D 187 -44.90 -12.00 -45.98
N LEU D 188 -43.61 -11.74 -45.78
CA LEU D 188 -43.11 -11.11 -44.57
C LEU D 188 -42.66 -9.67 -44.82
N ASN D 189 -43.33 -8.99 -45.75
CA ASN D 189 -42.92 -7.64 -46.12
C ASN D 189 -43.00 -6.71 -44.91
N GLN D 190 -42.12 -5.71 -44.89
CA GLN D 190 -41.95 -4.84 -43.73
C GLN D 190 -41.55 -5.67 -42.51
N CYS D 191 -40.40 -6.33 -42.64
CA CYS D 191 -40.06 -7.40 -41.71
C CYS D 191 -40.05 -6.94 -40.26
N PHE D 192 -40.09 -5.65 -39.97
CA PHE D 192 -40.10 -5.20 -38.59
C PHE D 192 -40.16 -3.67 -38.57
N LEU D 193 -40.61 -3.13 -37.44
CA LEU D 193 -40.81 -1.69 -37.29
C LEU D 193 -39.88 -1.16 -36.20
N ASP D 194 -39.51 0.12 -36.33
CA ASP D 194 -38.40 0.65 -35.55
C ASP D 194 -38.77 0.86 -34.09
N ILE D 195 -39.70 1.78 -33.82
CA ILE D 195 -39.94 2.23 -32.45
C ILE D 195 -40.74 1.15 -31.73
N LYS D 196 -40.06 0.31 -30.98
CA LYS D 196 -40.68 -0.71 -30.14
C LYS D 196 -39.77 -0.90 -28.94
N GLU D 197 -39.92 -2.03 -28.24
CA GLU D 197 -39.05 -2.33 -27.11
C GLU D 197 -37.59 -2.45 -27.55
N VAL D 198 -37.33 -2.28 -28.85
CA VAL D 198 -35.96 -2.23 -29.34
C VAL D 198 -35.13 -1.34 -28.43
N SER D 199 -33.99 -1.85 -27.99
CA SER D 199 -33.17 -1.11 -27.03
C SER D 199 -32.08 -0.33 -27.74
N TYR D 200 -31.44 -0.92 -28.74
CA TYR D 200 -30.42 -0.25 -29.53
C TYR D 200 -29.23 0.18 -28.67
N ASP D 201 -28.51 -0.81 -28.16
CA ASP D 201 -27.22 -0.56 -27.56
C ASP D 201 -26.18 -0.27 -28.64
N ILE D 202 -25.26 0.64 -28.34
CA ILE D 202 -24.25 1.01 -29.34
C ILE D 202 -23.40 -0.18 -29.68
N CYS D 203 -22.99 -0.25 -30.95
CA CYS D 203 -22.34 -1.43 -31.51
C CYS D 203 -20.83 -1.27 -31.40
N TYR D 204 -20.32 -1.44 -30.19
CA TYR D 204 -18.88 -1.58 -29.98
C TYR D 204 -18.59 -2.02 -28.57
N MET E 1 -43.85 9.85 -55.02
CA MET E 1 -43.76 10.83 -56.15
C MET E 1 -45.07 10.90 -56.93
N LEU E 2 -46.02 10.02 -56.60
CA LEU E 2 -47.32 10.00 -57.24
C LEU E 2 -48.38 10.28 -56.19
N LYS E 3 -48.91 11.50 -56.18
CA LYS E 3 -49.99 11.88 -55.29
C LYS E 3 -51.28 11.90 -56.08
N ILE E 4 -52.34 11.31 -55.50
CA ILE E 4 -53.64 11.27 -56.14
C ILE E 4 -54.65 11.97 -55.24
N GLN E 5 -55.41 12.90 -55.84
CA GLN E 5 -56.49 13.60 -55.16
C GLN E 5 -57.80 13.21 -55.82
N ALA E 6 -58.83 13.02 -55.01
CA ALA E 6 -60.14 12.63 -55.50
C ALA E 6 -61.21 13.45 -54.80
N TYR E 7 -62.33 13.66 -55.50
CA TYR E 7 -63.44 14.39 -54.91
C TYR E 7 -64.06 13.57 -53.79
N PHE E 8 -64.92 14.22 -53.00
CA PHE E 8 -65.47 13.62 -51.81
C PHE E 8 -66.14 12.28 -52.14
N ASN E 9 -65.71 11.22 -51.45
CA ASN E 9 -66.28 9.89 -51.60
C ASN E 9 -66.30 9.46 -53.06
N GLU E 10 -65.28 9.85 -53.80
CA GLU E 10 -65.08 9.40 -55.17
C GLU E 10 -64.29 8.09 -55.15
N THR E 11 -64.22 7.42 -56.30
CA THR E 11 -63.43 6.20 -56.41
C THR E 11 -61.96 6.55 -56.61
N ALA E 12 -61.09 5.59 -56.30
CA ALA E 12 -59.65 5.78 -56.37
C ALA E 12 -58.99 4.71 -57.22
N ASP E 13 -57.90 5.08 -57.88
CA ASP E 13 -57.10 4.14 -58.66
C ASP E 13 -55.65 4.23 -58.20
N LEU E 14 -55.05 3.08 -57.91
CA LEU E 14 -53.64 3.00 -57.51
C LEU E 14 -52.89 2.23 -58.58
N PRO E 15 -52.18 2.90 -59.48
CA PRO E 15 -51.23 2.21 -60.35
C PRO E 15 -49.84 2.24 -59.75
N CYS E 16 -48.99 1.33 -60.23
CA CYS E 16 -47.62 1.28 -59.74
C CYS E 16 -46.59 1.01 -60.83
N GLN E 17 -46.95 1.20 -62.09
CA GLN E 17 -46.00 1.48 -63.18
C GLN E 17 -44.77 0.57 -63.13
N PHE E 18 -45.01 -0.73 -63.32
CA PHE E 18 -43.91 -1.67 -63.40
C PHE E 18 -43.35 -1.66 -64.82
N ALA E 19 -42.07 -1.30 -64.95
CA ALA E 19 -41.44 -1.21 -66.27
C ALA E 19 -41.43 -2.56 -66.96
N ASN E 20 -41.11 -3.63 -66.24
CA ASN E 20 -41.01 -4.97 -66.81
C ASN E 20 -39.98 -5.00 -67.94
N SER E 21 -38.73 -4.72 -67.56
CA SER E 21 -37.66 -4.71 -68.55
C SER E 21 -37.43 -6.10 -69.15
N GLN E 22 -37.68 -7.16 -68.38
CA GLN E 22 -37.45 -8.51 -68.85
C GLN E 22 -38.67 -9.14 -69.52
N ASN E 23 -39.81 -8.46 -69.54
CA ASN E 23 -41.03 -8.97 -70.16
C ASN E 23 -41.46 -10.28 -69.49
N GLN E 24 -41.73 -10.19 -68.19
CA GLN E 24 -42.14 -11.34 -67.40
C GLN E 24 -43.67 -11.43 -67.35
N SER E 25 -44.17 -12.54 -66.83
CA SER E 25 -45.60 -12.82 -66.79
C SER E 25 -46.09 -12.80 -65.35
N LEU E 26 -47.41 -12.61 -65.21
CA LEU E 26 -48.01 -12.58 -63.88
C LEU E 26 -47.96 -13.93 -63.19
N SER E 27 -47.81 -15.03 -63.93
CA SER E 27 -47.80 -16.35 -63.32
C SER E 27 -46.54 -16.60 -62.52
N GLU E 28 -45.43 -15.95 -62.87
CA GLU E 28 -44.17 -16.08 -62.15
C GLU E 28 -43.93 -14.92 -61.19
N LEU E 29 -44.91 -14.05 -60.99
CA LEU E 29 -44.76 -12.88 -60.15
C LEU E 29 -45.96 -12.77 -59.22
N VAL E 30 -45.75 -12.13 -58.06
CA VAL E 30 -46.82 -11.87 -57.12
C VAL E 30 -46.78 -10.39 -56.73
N VAL E 31 -47.94 -9.87 -56.35
CA VAL E 31 -48.11 -8.44 -56.10
C VAL E 31 -48.96 -8.23 -54.87
N PHE E 32 -48.51 -7.36 -53.98
CA PHE E 32 -49.24 -6.96 -52.78
C PHE E 32 -49.44 -5.46 -52.82
N TRP E 33 -50.63 -5.01 -52.40
CA TRP E 33 -50.89 -3.59 -52.18
C TRP E 33 -51.21 -3.41 -50.70
N GLN E 34 -50.50 -2.51 -50.04
CA GLN E 34 -50.65 -2.40 -48.60
C GLN E 34 -50.77 -0.94 -48.18
N ASP E 35 -51.39 -0.73 -47.01
CA ASP E 35 -51.65 0.59 -46.49
C ASP E 35 -50.58 0.95 -45.45
N GLN E 36 -50.71 2.14 -44.85
CA GLN E 36 -49.68 2.63 -43.95
C GLN E 36 -49.59 1.85 -42.66
N GLU E 37 -50.59 1.05 -42.32
CA GLU E 37 -50.57 0.24 -41.11
C GLU E 37 -50.07 -1.17 -41.37
N ASN E 38 -49.65 -1.46 -42.60
CA ASN E 38 -49.09 -2.74 -43.04
C ASN E 38 -50.19 -3.78 -43.29
N LEU E 39 -51.46 -3.42 -43.18
CA LEU E 39 -52.53 -4.37 -43.50
C LEU E 39 -52.67 -4.53 -45.00
N VAL E 40 -52.79 -5.77 -45.46
CA VAL E 40 -52.84 -6.02 -46.89
C VAL E 40 -54.22 -5.70 -47.45
N LEU E 41 -54.26 -5.41 -48.74
CA LEU E 41 -55.47 -5.09 -49.47
C LEU E 41 -55.86 -6.16 -50.47
N ASN E 42 -54.91 -6.63 -51.27
CA ASN E 42 -55.18 -7.57 -52.34
C ASN E 42 -53.90 -8.31 -52.65
N GLU E 43 -54.03 -9.45 -53.31
CA GLU E 43 -52.88 -10.29 -53.60
C GLU E 43 -53.15 -11.14 -54.82
N VAL E 44 -52.16 -11.23 -55.71
CA VAL E 44 -52.24 -12.07 -56.89
C VAL E 44 -51.15 -13.13 -56.80
N TYR E 45 -51.49 -14.29 -56.22
CA TYR E 45 -50.51 -15.36 -56.03
C TYR E 45 -50.39 -16.14 -57.33
N LEU E 46 -49.22 -16.10 -57.93
CA LEU E 46 -48.94 -16.78 -59.20
C LEU E 46 -50.01 -16.49 -60.25
N GLY E 47 -50.66 -15.32 -60.16
CA GLY E 47 -51.63 -14.90 -61.15
C GLY E 47 -53.08 -15.06 -60.74
N LYS E 48 -53.37 -15.86 -59.71
CA LYS E 48 -54.73 -16.06 -59.24
C LYS E 48 -54.95 -15.22 -57.99
N GLU E 49 -56.05 -14.49 -57.96
CA GLU E 49 -56.32 -13.62 -56.82
C GLU E 49 -56.52 -14.45 -55.56
N LYS E 50 -55.99 -13.96 -54.45
CA LYS E 50 -56.17 -14.59 -53.15
C LYS E 50 -56.66 -13.55 -52.15
N PHE E 51 -57.50 -13.99 -51.22
CA PHE E 51 -58.10 -13.12 -50.22
C PHE E 51 -58.05 -13.78 -48.85
N ASP E 52 -56.88 -14.32 -48.50
CA ASP E 52 -56.72 -15.05 -47.25
C ASP E 52 -56.29 -14.16 -46.08
N SER E 53 -55.89 -12.92 -46.36
CA SER E 53 -55.41 -12.03 -45.31
C SER E 53 -56.00 -10.63 -45.38
N VAL E 54 -56.73 -10.29 -46.43
CA VAL E 54 -57.33 -8.97 -46.53
C VAL E 54 -58.26 -8.76 -45.35
N HIS E 55 -58.13 -7.62 -44.69
CA HIS E 55 -59.06 -7.27 -43.62
C HIS E 55 -60.46 -7.08 -44.20
N SER E 56 -61.47 -7.41 -43.38
CA SER E 56 -62.84 -7.42 -43.89
C SER E 56 -63.20 -6.10 -44.54
N LYS E 57 -62.79 -4.98 -43.95
CA LYS E 57 -63.12 -3.68 -44.51
C LYS E 57 -62.71 -3.57 -45.97
N TYR E 58 -61.60 -4.20 -46.35
CA TYR E 58 -61.11 -4.12 -47.71
C TYR E 58 -61.63 -5.24 -48.60
N MET E 59 -62.48 -6.13 -48.08
CA MET E 59 -62.94 -7.26 -48.87
C MET E 59 -63.91 -6.80 -49.95
N GLY E 60 -63.66 -7.22 -51.19
CA GLY E 60 -64.57 -6.94 -52.28
C GLY E 60 -64.47 -5.54 -52.84
N ARG E 61 -64.09 -4.56 -52.01
CA ARG E 61 -64.02 -3.18 -52.46
C ARG E 61 -62.97 -2.95 -53.52
N THR E 62 -62.03 -3.88 -53.68
CA THR E 62 -60.91 -3.72 -54.59
C THR E 62 -61.06 -4.63 -55.79
N SER E 63 -60.63 -4.14 -56.94
CA SER E 63 -60.60 -4.95 -58.15
C SER E 63 -59.27 -4.73 -58.86
N PHE E 64 -58.88 -5.72 -59.64
CA PHE E 64 -57.59 -5.73 -60.33
C PHE E 64 -57.80 -5.84 -61.83
N ASP E 65 -56.88 -5.26 -62.59
CA ASP E 65 -56.89 -5.32 -64.04
C ASP E 65 -55.55 -5.84 -64.53
N SER E 66 -55.61 -6.68 -65.58
CA SER E 66 -54.40 -7.34 -66.05
C SER E 66 -53.50 -6.38 -66.81
N ASP E 67 -54.03 -5.77 -67.87
CA ASP E 67 -53.18 -4.95 -68.73
C ASP E 67 -52.63 -3.74 -68.00
N SER E 68 -53.43 -3.09 -67.16
CA SER E 68 -53.02 -1.81 -66.58
C SER E 68 -52.26 -1.97 -65.27
N TRP E 69 -52.30 -3.14 -64.64
CA TRP E 69 -51.61 -3.35 -63.37
C TRP E 69 -52.05 -2.33 -62.32
N THR E 70 -53.34 -2.03 -62.30
CA THR E 70 -53.90 -0.97 -61.47
C THR E 70 -54.95 -1.55 -60.54
N LEU E 71 -54.95 -1.09 -59.29
CA LEU E 71 -55.93 -1.51 -58.30
C LEU E 71 -57.01 -0.44 -58.18
N ARG E 72 -58.27 -0.82 -58.40
CA ARG E 72 -59.39 0.10 -58.34
C ARG E 72 -60.10 -0.10 -57.00
N LEU E 73 -60.14 0.97 -56.20
CA LEU E 73 -60.74 0.93 -54.87
C LEU E 73 -61.97 1.83 -54.84
N HIS E 74 -63.06 1.31 -54.27
CA HIS E 74 -64.32 2.01 -54.14
C HIS E 74 -64.51 2.52 -52.72
N ASN E 75 -65.57 3.30 -52.54
CA ASN E 75 -66.07 3.66 -51.20
C ASN E 75 -64.98 4.35 -50.38
N LEU E 76 -64.57 5.52 -50.84
CA LEU E 76 -63.59 6.29 -50.10
C LEU E 76 -64.22 6.86 -48.82
N GLN E 77 -63.36 7.14 -47.85
CA GLN E 77 -63.77 7.75 -46.59
C GLN E 77 -62.78 8.82 -46.22
N ILE E 78 -63.23 9.76 -45.38
CA ILE E 78 -62.35 10.83 -44.94
C ILE E 78 -61.17 10.26 -44.16
N LYS E 79 -61.38 9.11 -43.50
CA LYS E 79 -60.36 8.50 -42.67
C LYS E 79 -59.50 7.49 -43.43
N ASP E 80 -59.70 7.34 -44.74
CA ASP E 80 -58.88 6.44 -45.55
C ASP E 80 -57.71 7.14 -46.24
N LYS E 81 -57.47 8.42 -45.93
CA LYS E 81 -56.32 9.11 -46.49
C LYS E 81 -55.03 8.55 -45.90
N GLY E 82 -54.01 8.40 -46.75
CA GLY E 82 -52.73 7.91 -46.27
C GLY E 82 -51.88 7.41 -47.42
N LEU E 83 -50.88 6.60 -47.06
CA LEU E 83 -49.91 6.07 -48.00
C LEU E 83 -50.25 4.63 -48.38
N TYR E 84 -49.86 4.25 -49.59
CA TYR E 84 -50.10 2.93 -50.14
C TYR E 84 -48.87 2.49 -50.93
N GLN E 85 -48.65 1.17 -50.96
CA GLN E 85 -47.45 0.59 -51.56
C GLN E 85 -47.82 -0.58 -52.45
N CYS E 86 -47.08 -0.70 -53.56
CA CYS E 86 -47.24 -1.77 -54.56
C CYS E 86 -45.95 -2.59 -54.54
N ILE E 87 -45.90 -3.63 -53.73
CA ILE E 87 -44.72 -4.47 -53.64
C ILE E 87 -44.87 -5.63 -54.61
N ILE E 88 -43.86 -5.85 -55.45
CA ILE E 88 -43.84 -6.95 -56.40
C ILE E 88 -42.71 -7.89 -56.05
N HIS E 89 -43.00 -9.19 -56.00
CA HIS E 89 -42.02 -10.22 -55.73
C HIS E 89 -41.93 -11.18 -56.91
N HIS E 90 -40.72 -11.68 -57.15
CA HIS E 90 -40.42 -12.62 -58.22
C HIS E 90 -40.11 -13.97 -57.58
N LYS E 91 -41.03 -14.93 -57.74
CA LYS E 91 -41.00 -16.18 -56.97
C LYS E 91 -40.13 -17.21 -57.68
N LYS E 92 -38.83 -17.12 -57.43
CA LYS E 92 -37.90 -18.13 -57.90
C LYS E 92 -37.91 -19.34 -56.97
N PRO E 93 -37.35 -20.47 -57.40
CA PRO E 93 -37.32 -21.64 -56.51
C PRO E 93 -36.63 -21.37 -55.19
N THR E 94 -35.55 -20.60 -55.18
CA THR E 94 -34.80 -20.37 -53.95
C THR E 94 -35.55 -19.45 -53.00
N GLY E 95 -36.09 -18.35 -53.51
CA GLY E 95 -36.78 -17.41 -52.66
C GLY E 95 -37.48 -16.35 -53.50
N MET E 96 -38.04 -15.37 -52.81
CA MET E 96 -38.71 -14.25 -53.44
C MET E 96 -37.83 -13.02 -53.35
N ILE E 97 -37.55 -12.40 -54.49
CA ILE E 97 -36.73 -11.20 -54.58
C ILE E 97 -37.64 -10.03 -54.92
N ARG E 98 -37.53 -8.95 -54.16
CA ARG E 98 -38.37 -7.78 -54.36
C ARG E 98 -37.82 -6.96 -55.51
N ILE E 99 -38.55 -6.90 -56.62
CA ILE E 99 -38.06 -6.24 -57.82
C ILE E 99 -38.89 -5.00 -58.16
N HIS E 100 -39.78 -4.57 -57.29
CA HIS E 100 -40.45 -3.29 -57.52
C HIS E 100 -41.23 -2.87 -56.29
N GLN E 101 -41.19 -1.58 -56.01
CA GLN E 101 -41.93 -0.98 -54.91
C GLN E 101 -42.23 0.47 -55.27
N MET E 102 -43.50 0.85 -55.21
CA MET E 102 -43.92 2.20 -55.58
C MET E 102 -44.82 2.74 -54.49
N ASN E 103 -44.46 3.90 -53.95
CA ASN E 103 -45.25 4.54 -52.91
C ASN E 103 -46.16 5.61 -53.51
N SER E 104 -47.40 5.64 -53.05
CA SER E 104 -48.39 6.61 -53.50
C SER E 104 -49.14 7.14 -52.28
N GLU E 105 -49.77 8.30 -52.44
CA GLU E 105 -50.50 8.93 -51.35
C GLU E 105 -51.87 9.37 -51.87
N LEU E 106 -52.90 9.20 -51.04
CA LEU E 106 -54.24 9.61 -51.40
C LEU E 106 -54.89 10.36 -50.25
N SER E 107 -55.66 11.40 -50.59
CA SER E 107 -56.34 12.24 -49.63
C SER E 107 -57.77 12.52 -50.11
N VAL E 108 -58.61 12.96 -49.18
CA VAL E 108 -60.02 13.20 -49.45
C VAL E 108 -60.39 14.60 -48.98
N LEU E 109 -61.49 15.11 -49.52
CA LEU E 109 -61.96 16.44 -49.17
C LEU E 109 -62.31 16.53 -47.69
N ALA E 110 -62.04 17.67 -47.08
CA ALA E 110 -62.27 17.86 -45.66
C ALA E 110 -62.61 19.32 -45.34
N THR F 9 -26.38 -26.59 -41.81
CA THR F 9 -26.53 -27.95 -41.30
C THR F 9 -25.23 -28.72 -41.42
N ILE F 10 -24.45 -28.36 -42.42
CA ILE F 10 -23.24 -29.11 -42.71
C ILE F 10 -22.27 -29.10 -41.53
N CYS F 11 -22.27 -28.03 -40.74
CA CYS F 11 -21.19 -27.78 -39.81
C CYS F 11 -21.67 -27.41 -38.42
N PRO F 12 -20.87 -27.66 -37.38
CA PRO F 12 -21.04 -26.94 -36.11
C PRO F 12 -20.09 -25.76 -36.02
N PRO F 13 -20.45 -24.72 -35.26
CA PRO F 13 -19.66 -23.47 -35.30
C PRO F 13 -18.23 -23.57 -34.77
N ARG F 14 -18.01 -24.32 -33.69
CA ARG F 14 -16.70 -24.40 -33.01
C ARG F 14 -16.39 -23.11 -32.25
N GLN F 15 -17.34 -22.68 -31.42
CA GLN F 15 -17.23 -21.44 -30.66
C GLN F 15 -16.39 -21.68 -29.41
N ASP F 16 -16.28 -20.66 -28.56
CA ASP F 16 -15.70 -20.84 -27.23
C ASP F 16 -16.69 -21.52 -26.30
N TYR F 17 -17.77 -20.82 -25.95
CA TYR F 17 -18.79 -21.32 -25.04
C TYR F 17 -20.15 -21.14 -25.69
N ARG F 18 -21.07 -22.05 -25.40
CA ARG F 18 -22.32 -22.15 -26.11
C ARG F 18 -23.46 -21.56 -25.30
N TYR F 19 -24.27 -20.72 -25.96
CA TYR F 19 -25.53 -20.29 -25.38
C TYR F 19 -26.63 -21.31 -25.61
N TRP F 20 -26.51 -22.15 -26.63
CA TRP F 20 -27.56 -23.08 -27.01
C TRP F 20 -27.21 -24.50 -26.56
N TYR F 21 -28.14 -25.14 -25.84
CA TYR F 21 -27.93 -26.43 -25.21
C TYR F 21 -28.90 -27.47 -25.81
N PHE F 22 -28.77 -28.71 -25.33
CA PHE F 22 -29.62 -29.84 -25.71
C PHE F 22 -29.62 -30.81 -24.52
N ALA F 23 -29.89 -32.11 -24.76
CA ALA F 23 -29.99 -33.03 -23.64
C ALA F 23 -29.55 -34.46 -24.00
N ALA F 24 -29.07 -35.19 -22.97
CA ALA F 24 -28.89 -36.65 -22.95
C ALA F 24 -28.38 -37.10 -21.57
N GLU F 25 -28.99 -38.12 -20.95
CA GLU F 25 -28.75 -38.34 -19.52
C GLU F 25 -28.37 -39.79 -19.22
N LEU F 26 -27.84 -40.01 -18.02
CA LEU F 26 -27.54 -41.36 -17.56
C LEU F 26 -27.42 -41.37 -16.05
N THR F 27 -27.49 -42.57 -15.47
CA THR F 27 -27.46 -42.74 -14.03
C THR F 27 -26.68 -44.00 -13.67
N ILE F 28 -25.81 -43.87 -12.67
CA ILE F 28 -24.95 -44.95 -12.20
C ILE F 28 -25.30 -45.23 -10.75
N GLY F 29 -25.63 -46.48 -10.44
CA GLY F 29 -25.95 -46.86 -9.08
C GLY F 29 -24.84 -47.64 -8.44
N VAL F 30 -24.22 -47.07 -7.42
CA VAL F 30 -22.97 -47.56 -6.87
C VAL F 30 -23.17 -47.95 -5.41
N ASN F 31 -22.39 -48.93 -4.96
CA ASN F 31 -22.64 -49.57 -3.67
C ASN F 31 -21.98 -48.84 -2.50
N TYR F 32 -20.83 -48.19 -2.69
CA TYR F 32 -20.29 -47.38 -1.62
C TYR F 32 -21.19 -46.17 -1.39
N ASP F 33 -20.80 -45.32 -0.44
CA ASP F 33 -21.71 -44.38 0.19
C ASP F 33 -21.49 -42.96 -0.32
N ILE F 34 -22.59 -42.30 -0.68
CA ILE F 34 -22.59 -40.89 -1.05
C ILE F 34 -23.81 -40.23 -0.41
N ASN F 35 -23.60 -39.07 0.23
CA ASN F 35 -24.70 -38.42 0.94
C ASN F 35 -25.42 -37.39 0.08
N SER F 36 -24.71 -36.34 -0.35
CA SER F 36 -25.35 -35.20 -0.99
C SER F 36 -24.35 -34.52 -1.91
N THR F 37 -24.86 -33.65 -2.78
CA THR F 37 -24.01 -32.94 -3.72
C THR F 37 -23.08 -31.98 -2.99
N ILE F 38 -21.83 -31.91 -3.47
CA ILE F 38 -20.79 -31.16 -2.79
C ILE F 38 -20.55 -29.78 -3.40
N MET F 39 -21.25 -29.44 -4.48
CA MET F 39 -21.16 -28.11 -5.08
C MET F 39 -19.72 -27.82 -5.52
N GLY F 40 -19.27 -28.54 -6.54
CA GLY F 40 -17.99 -28.28 -7.15
C GLY F 40 -17.13 -29.52 -7.28
N GLU F 41 -17.73 -30.69 -7.06
CA GLU F 41 -16.96 -31.93 -7.09
C GLU F 41 -16.63 -32.35 -8.52
N CYS F 42 -17.58 -32.23 -9.44
CA CYS F 42 -17.33 -32.71 -10.79
C CYS F 42 -16.25 -31.89 -11.47
N HIS F 43 -15.56 -32.52 -12.42
CA HIS F 43 -14.66 -31.81 -13.32
C HIS F 43 -14.64 -32.56 -14.65
N MET F 44 -14.89 -31.84 -15.75
CA MET F 44 -15.09 -32.47 -17.04
C MET F 44 -14.12 -31.91 -18.07
N SER F 45 -13.73 -32.78 -19.00
CA SER F 45 -12.95 -32.41 -20.17
C SER F 45 -13.68 -32.91 -21.41
N GLU F 46 -13.86 -32.02 -22.38
CA GLU F 46 -14.59 -32.32 -23.60
C GLU F 46 -13.66 -32.23 -24.80
N SER F 47 -14.01 -32.97 -25.85
CA SER F 47 -13.22 -32.95 -27.08
C SER F 47 -14.07 -33.35 -28.26
N TYR F 48 -13.67 -32.87 -29.44
CA TYR F 48 -14.31 -33.25 -30.69
C TYR F 48 -13.31 -33.60 -31.79
N ILE F 49 -12.01 -33.42 -31.57
CA ILE F 49 -11.07 -33.24 -32.67
C ILE F 49 -11.08 -34.42 -33.64
N ASP F 50 -11.39 -35.61 -33.16
CA ASP F 50 -11.18 -36.78 -33.99
C ASP F 50 -12.29 -37.04 -35.00
N ARG F 51 -13.37 -36.25 -34.99
CA ARG F 51 -14.64 -36.53 -35.66
C ARG F 51 -15.63 -37.28 -34.76
N ASN F 52 -15.25 -37.62 -33.53
CA ASN F 52 -16.13 -38.32 -32.58
C ASN F 52 -16.16 -37.54 -31.28
N ALA F 53 -17.36 -37.23 -30.79
CA ALA F 53 -17.48 -36.39 -29.61
C ALA F 53 -17.12 -37.18 -28.36
N ASN F 54 -16.55 -36.49 -27.37
CA ASN F 54 -16.08 -37.23 -26.20
C ASN F 54 -16.08 -36.32 -24.98
N ILE F 55 -16.36 -36.94 -23.83
CA ILE F 55 -16.45 -36.22 -22.56
C ILE F 55 -16.03 -37.15 -21.44
N VAL F 56 -15.00 -36.76 -20.69
CA VAL F 56 -14.56 -37.52 -19.52
C VAL F 56 -14.77 -36.62 -18.32
N LEU F 57 -15.65 -37.03 -17.41
CA LEU F 57 -15.97 -36.25 -16.23
C LEU F 57 -15.69 -37.09 -14.99
N THR F 58 -14.89 -36.54 -14.08
CA THR F 58 -14.49 -37.19 -12.86
C THR F 58 -15.26 -36.56 -11.72
N GLY F 59 -15.90 -37.39 -10.91
CA GLY F 59 -16.84 -36.91 -9.93
C GLY F 59 -16.60 -37.44 -8.55
N TYR F 60 -17.62 -38.08 -7.99
CA TYR F 60 -17.64 -38.34 -6.56
C TYR F 60 -16.69 -39.47 -6.18
N GLY F 61 -16.70 -40.56 -6.93
CA GLY F 61 -15.71 -41.60 -6.71
C GLY F 61 -15.32 -42.35 -7.96
N LEU F 62 -15.77 -41.86 -9.12
CA LEU F 62 -15.49 -42.56 -10.36
C LEU F 62 -15.37 -41.56 -11.50
N GLU F 63 -14.69 -41.96 -12.57
CA GLU F 63 -14.61 -41.18 -13.78
C GLU F 63 -15.41 -41.86 -14.88
N ILE F 64 -16.22 -41.07 -15.58
CA ILE F 64 -17.12 -41.56 -16.63
C ILE F 64 -16.63 -40.98 -17.94
N ASN F 65 -16.40 -41.85 -18.92
CA ASN F 65 -15.81 -41.49 -20.20
C ASN F 65 -16.77 -41.92 -21.31
N MET F 66 -17.43 -40.94 -21.93
CA MET F 66 -18.46 -41.17 -22.93
C MET F 66 -18.00 -40.67 -24.28
N THR F 67 -18.36 -41.39 -25.33
CA THR F 67 -17.94 -41.06 -26.68
C THR F 67 -19.05 -41.40 -27.67
N ILE F 68 -19.33 -40.46 -28.57
CA ILE F 68 -20.31 -40.63 -29.64
C ILE F 68 -19.55 -40.70 -30.96
N MET F 69 -19.87 -41.70 -31.77
CA MET F 69 -19.22 -41.93 -33.06
C MET F 69 -20.10 -41.39 -34.18
N ASP F 70 -19.48 -40.63 -35.09
CA ASP F 70 -20.19 -40.02 -36.22
C ASP F 70 -21.33 -39.13 -35.72
N THR F 71 -20.95 -38.03 -35.08
CA THR F 71 -21.86 -37.33 -34.18
C THR F 71 -22.38 -36.00 -34.70
N ASP F 72 -21.51 -35.12 -35.18
CA ASP F 72 -21.86 -33.73 -35.44
C ASP F 72 -22.39 -33.03 -34.19
N GLN F 73 -21.94 -33.45 -33.01
CA GLN F 73 -22.27 -32.81 -31.76
C GLN F 73 -21.02 -32.69 -30.91
N ARG F 74 -21.04 -31.74 -29.98
CA ARG F 74 -19.95 -31.59 -29.03
C ARG F 74 -20.52 -31.22 -27.68
N PHE F 75 -20.04 -31.87 -26.63
CA PHE F 75 -20.67 -31.72 -25.34
C PHE F 75 -20.42 -30.31 -24.82
N VAL F 76 -21.48 -29.51 -24.76
CA VAL F 76 -21.36 -28.14 -24.30
C VAL F 76 -21.13 -28.09 -22.80
N ALA F 77 -21.87 -28.90 -22.04
CA ALA F 77 -21.74 -28.88 -20.59
C ALA F 77 -22.30 -30.17 -20.01
N ALA F 78 -22.32 -30.24 -18.68
CA ALA F 78 -22.87 -31.40 -17.99
C ALA F 78 -23.23 -31.00 -16.57
N ALA F 79 -24.06 -31.82 -15.95
CA ALA F 79 -24.49 -31.63 -14.57
C ALA F 79 -24.49 -32.97 -13.88
N GLU F 80 -24.31 -32.95 -12.56
CA GLU F 80 -24.25 -34.20 -11.81
C GLU F 80 -24.81 -34.00 -10.41
N GLY F 81 -25.61 -34.97 -9.97
CA GLY F 81 -26.23 -34.89 -8.67
C GLY F 81 -26.40 -36.27 -8.06
N VAL F 82 -26.74 -36.30 -6.78
CA VAL F 82 -26.89 -37.54 -6.03
C VAL F 82 -28.28 -37.58 -5.43
N GLY F 83 -28.88 -38.75 -5.46
CA GLY F 83 -30.23 -38.93 -4.97
C GLY F 83 -30.31 -39.80 -3.74
N LYS F 84 -31.29 -40.69 -3.71
CA LYS F 84 -31.47 -41.60 -2.59
C LYS F 84 -30.97 -42.99 -2.95
N ASP F 85 -30.31 -43.65 -2.00
CA ASP F 85 -29.83 -45.02 -2.14
C ASP F 85 -28.60 -45.09 -3.04
N ASN F 86 -27.70 -44.12 -2.90
CA ASN F 86 -26.40 -44.15 -3.57
C ASN F 86 -26.56 -44.26 -5.08
N LYS F 87 -27.17 -43.22 -5.64
CA LYS F 87 -27.34 -43.08 -7.07
C LYS F 87 -26.67 -41.79 -7.53
N LEU F 88 -26.13 -41.82 -8.74
CA LEU F 88 -25.39 -40.69 -9.29
C LEU F 88 -25.94 -40.41 -10.68
N SER F 89 -26.67 -39.31 -10.82
CA SER F 89 -27.29 -38.95 -12.08
C SER F 89 -26.45 -37.88 -12.76
N VAL F 90 -26.06 -38.14 -14.01
CA VAL F 90 -25.28 -37.20 -14.81
C VAL F 90 -26.09 -36.83 -16.03
N LEU F 91 -26.38 -35.54 -16.17
CA LEU F 91 -26.98 -34.98 -17.37
C LEU F 91 -25.88 -34.44 -18.27
N LEU F 92 -26.09 -34.51 -19.57
CA LEU F 92 -25.11 -34.10 -20.57
C LEU F 92 -25.80 -33.17 -21.57
N PHE F 93 -25.18 -32.01 -21.82
CA PHE F 93 -25.76 -30.99 -22.69
C PHE F 93 -24.86 -30.85 -23.91
N THR F 94 -25.43 -31.12 -25.08
CA THR F 94 -24.75 -31.06 -26.35
C THR F 94 -25.32 -29.94 -27.22
N THR F 95 -24.58 -29.55 -28.26
CA THR F 95 -24.88 -28.31 -28.96
C THR F 95 -26.24 -28.35 -29.63
N GLN F 96 -26.38 -29.16 -30.68
CA GLN F 96 -27.57 -29.13 -31.51
C GLN F 96 -27.54 -30.35 -32.42
N ARG F 97 -28.71 -30.80 -32.79
CA ARG F 97 -28.88 -32.03 -33.57
C ARG F 97 -29.15 -31.67 -35.03
N LEU F 98 -28.29 -32.16 -35.93
CA LEU F 98 -28.41 -31.87 -37.35
C LEU F 98 -29.08 -32.99 -38.12
N ASP F 99 -29.08 -34.22 -37.60
CA ASP F 99 -29.57 -35.36 -38.35
C ASP F 99 -30.10 -36.40 -37.38
N LYS F 100 -30.90 -37.32 -37.91
CA LYS F 100 -31.44 -38.45 -37.16
C LYS F 100 -30.80 -39.71 -37.71
N VAL F 101 -29.78 -40.23 -37.04
CA VAL F 101 -29.03 -41.38 -37.54
C VAL F 101 -28.77 -42.41 -36.46
N HIS F 102 -29.07 -42.09 -35.20
CA HIS F 102 -28.93 -43.04 -34.11
C HIS F 102 -27.49 -43.54 -33.96
N HIS F 103 -26.63 -42.63 -33.50
CA HIS F 103 -25.22 -42.96 -33.36
C HIS F 103 -25.02 -44.08 -32.34
N ASN F 104 -23.84 -44.70 -32.40
CA ASN F 104 -23.38 -45.58 -31.34
C ASN F 104 -22.79 -44.76 -30.20
N ILE F 105 -22.56 -45.43 -29.07
CA ILE F 105 -21.97 -44.79 -27.91
C ILE F 105 -21.06 -45.76 -27.18
N SER F 106 -19.98 -45.23 -26.61
CA SER F 106 -19.07 -46.03 -25.79
C SER F 106 -18.90 -45.34 -24.44
N VAL F 107 -19.07 -46.10 -23.36
CA VAL F 107 -18.98 -45.57 -22.00
C VAL F 107 -18.05 -46.45 -21.19
N THR F 108 -17.10 -45.84 -20.50
CA THR F 108 -16.25 -46.54 -19.55
C THR F 108 -16.37 -45.87 -18.20
N ILE F 109 -16.62 -46.68 -17.17
CA ILE F 109 -16.78 -46.21 -15.80
C ILE F 109 -15.64 -46.80 -14.99
N THR F 110 -14.73 -45.96 -14.52
CA THR F 110 -13.57 -46.42 -13.78
C THR F 110 -13.68 -45.94 -12.35
N CYS F 111 -13.59 -46.86 -11.39
CA CYS F 111 -13.69 -46.52 -9.98
C CYS F 111 -12.36 -45.98 -9.51
N MET F 112 -12.38 -44.82 -8.85
CA MET F 112 -11.17 -44.20 -8.37
C MET F 112 -11.15 -44.03 -6.86
N GLU F 113 -12.08 -44.66 -6.14
CA GLU F 113 -12.11 -44.54 -4.69
C GLU F 113 -13.02 -45.60 -4.12
N MET F 114 -12.49 -46.38 -3.19
CA MET F 114 -13.17 -47.32 -2.31
C MET F 114 -13.47 -48.69 -2.96
N ASN F 115 -13.35 -48.87 -4.28
CA ASN F 115 -13.41 -50.24 -4.79
C ASN F 115 -12.56 -50.48 -6.03
N CYS F 116 -11.39 -49.84 -6.14
CA CYS F 116 -10.63 -49.95 -7.38
C CYS F 116 -10.50 -51.40 -7.83
N GLY F 117 -10.12 -51.56 -9.09
CA GLY F 117 -9.94 -52.89 -9.63
C GLY F 117 -9.66 -52.84 -11.12
N THR F 118 -9.64 -54.02 -11.73
CA THR F 118 -9.47 -54.15 -13.16
C THR F 118 -10.82 -54.35 -13.84
N THR F 119 -10.79 -54.59 -15.15
CA THR F 119 -12.03 -54.66 -15.91
C THR F 119 -12.88 -55.82 -15.44
N LYS F 120 -14.16 -55.56 -15.23
CA LYS F 120 -15.10 -56.58 -14.78
C LYS F 120 -16.29 -56.73 -15.72
N TYR F 121 -16.34 -55.98 -16.82
CA TYR F 121 -17.44 -56.07 -17.76
C TYR F 121 -17.01 -55.37 -19.05
N ASP F 122 -17.17 -56.05 -20.18
CA ASP F 122 -16.77 -55.46 -21.46
C ASP F 122 -17.72 -55.84 -22.60
N SER F 123 -19.02 -55.91 -22.32
CA SER F 123 -20.00 -56.31 -23.32
C SER F 123 -20.67 -55.08 -23.92
N ASP F 124 -21.60 -55.30 -24.85
CA ASP F 124 -22.32 -54.24 -25.53
C ASP F 124 -23.82 -54.41 -25.32
N LEU F 125 -24.51 -53.29 -25.19
CA LEU F 125 -25.93 -53.28 -24.86
C LEU F 125 -26.75 -53.20 -26.14
N PRO F 126 -27.66 -54.13 -26.40
CA PRO F 126 -28.31 -54.14 -27.72
C PRO F 126 -29.27 -52.99 -27.93
N GLU F 127 -30.12 -52.66 -26.96
CA GLU F 127 -31.06 -51.56 -27.06
C GLU F 127 -32.04 -51.77 -28.22
N SER F 128 -32.88 -52.81 -28.08
CA SER F 128 -33.89 -53.11 -29.09
C SER F 128 -35.19 -52.35 -28.88
N ILE F 129 -35.17 -51.20 -28.21
CA ILE F 129 -36.35 -50.33 -28.18
C ILE F 129 -36.71 -49.93 -29.61
N HIS F 130 -35.70 -49.55 -30.38
CA HIS F 130 -35.80 -49.49 -31.83
C HIS F 130 -34.82 -50.42 -32.52
N HIS F 131 -33.78 -50.89 -31.83
CA HIS F 131 -32.84 -51.84 -32.39
C HIS F 131 -32.12 -51.27 -33.60
N LYS F 132 -31.49 -50.12 -33.40
CA LYS F 132 -30.70 -49.48 -34.46
C LYS F 132 -29.30 -49.14 -33.98
N SER F 133 -29.15 -48.86 -32.69
CA SER F 133 -27.89 -48.44 -32.11
C SER F 133 -27.46 -49.40 -31.03
N SER F 134 -26.14 -49.47 -30.79
CA SER F 134 -25.56 -50.30 -29.76
C SER F 134 -24.52 -49.51 -28.99
N CYS F 135 -24.51 -49.69 -27.66
CA CYS F 135 -23.57 -49.01 -26.79
C CYS F 135 -22.67 -50.04 -26.11
N ASP F 136 -21.39 -49.72 -25.98
CA ASP F 136 -20.41 -50.63 -25.36
C ASP F 136 -19.95 -50.05 -24.02
N ILE F 137 -20.08 -50.85 -22.96
CA ILE F 137 -19.76 -50.44 -21.60
C ILE F 137 -18.54 -51.21 -21.14
N THR F 138 -17.58 -50.49 -20.56
CA THR F 138 -16.48 -51.12 -19.86
C THR F 138 -16.38 -50.55 -18.45
N ILE F 139 -16.53 -51.41 -17.45
CA ILE F 139 -16.51 -51.02 -16.06
C ILE F 139 -15.23 -51.55 -15.44
N ASN F 140 -14.42 -50.66 -14.89
CA ASN F 140 -13.24 -51.03 -14.12
C ASN F 140 -13.55 -50.81 -12.64
N GLY F 141 -13.52 -51.88 -11.87
CA GLY F 141 -13.81 -51.85 -10.47
C GLY F 141 -15.05 -52.66 -10.12
N SER F 142 -15.53 -52.46 -8.90
CA SER F 142 -16.78 -53.04 -8.46
C SER F 142 -17.71 -52.00 -7.86
N CYS F 143 -17.46 -50.71 -8.11
CA CYS F 143 -18.29 -49.64 -7.57
C CYS F 143 -19.46 -49.33 -8.51
N VAL F 144 -20.17 -50.37 -8.94
CA VAL F 144 -21.33 -50.20 -9.81
C VAL F 144 -22.31 -51.31 -9.52
N THR F 145 -23.57 -50.96 -9.36
CA THR F 145 -24.66 -51.91 -9.23
C THR F 145 -25.72 -51.75 -10.30
N CYS F 146 -25.94 -50.54 -10.81
CA CYS F 146 -26.83 -50.32 -11.93
C CYS F 146 -26.18 -49.34 -12.89
N VAL F 147 -26.50 -49.46 -14.18
CA VAL F 147 -26.12 -48.44 -15.15
C VAL F 147 -27.26 -48.27 -16.14
N ASN F 148 -27.77 -47.05 -16.25
CA ASN F 148 -28.84 -46.72 -17.19
C ASN F 148 -28.43 -45.51 -18.01
N LEU F 149 -28.79 -45.51 -19.29
CA LEU F 149 -28.41 -44.44 -20.21
C LEU F 149 -29.59 -44.12 -21.10
N GLU F 150 -30.11 -42.90 -21.00
CA GLU F 150 -31.24 -42.45 -21.79
C GLU F 150 -30.73 -41.41 -22.78
N THR F 151 -30.72 -41.78 -24.06
CA THR F 151 -30.28 -40.91 -25.14
C THR F 151 -31.49 -40.24 -25.77
N ASP F 152 -31.39 -38.93 -25.98
CA ASP F 152 -32.50 -38.15 -26.51
C ASP F 152 -33.70 -38.27 -25.58
N PRO F 153 -33.58 -37.80 -24.36
CA PRO F 153 -34.67 -37.92 -23.39
C PRO F 153 -35.82 -37.00 -23.73
N THR F 154 -37.00 -37.38 -23.25
CA THR F 154 -38.20 -36.56 -23.37
C THR F 154 -38.67 -36.02 -22.03
N LYS F 155 -38.02 -36.40 -20.93
CA LYS F 155 -38.36 -35.90 -19.61
C LYS F 155 -37.90 -34.45 -19.48
N ILE F 156 -38.04 -33.88 -18.29
CA ILE F 156 -37.68 -32.47 -18.07
C ILE F 156 -36.20 -32.46 -17.72
N ASN F 157 -35.37 -32.51 -18.75
CA ASN F 157 -33.93 -32.37 -18.54
C ASN F 157 -33.57 -31.09 -17.80
N PRO F 158 -34.11 -29.92 -18.13
CA PRO F 158 -33.56 -28.68 -17.56
C PRO F 158 -33.63 -28.66 -16.05
N HIS F 159 -32.47 -28.58 -15.43
CA HIS F 159 -32.36 -28.33 -13.99
C HIS F 159 -32.45 -26.84 -13.76
N TYR F 160 -33.34 -26.43 -12.86
CA TYR F 160 -33.58 -25.01 -12.60
C TYR F 160 -33.75 -24.26 -13.92
N LEU F 161 -34.69 -24.73 -14.74
CA LEU F 161 -34.98 -24.10 -16.02
C LEU F 161 -35.11 -22.60 -15.86
N HIS F 162 -34.18 -21.81 -16.39
CA HIS F 162 -32.93 -22.17 -17.07
C HIS F 162 -31.81 -21.27 -16.55
N PRO F 163 -30.54 -21.67 -16.74
CA PRO F 163 -29.44 -20.79 -16.35
C PRO F 163 -29.62 -19.39 -16.88
N LYS F 164 -28.90 -18.42 -16.31
CA LYS F 164 -29.28 -17.02 -16.47
C LYS F 164 -29.45 -16.63 -17.94
N ASP F 165 -28.50 -16.99 -18.78
CA ASP F 165 -28.49 -16.53 -20.16
C ASP F 165 -28.72 -17.63 -21.20
N LYS F 166 -28.41 -18.88 -20.88
CA LYS F 166 -28.42 -19.93 -21.88
C LYS F 166 -29.85 -20.32 -22.25
N TYR F 167 -30.01 -20.89 -23.43
CA TYR F 167 -31.27 -21.46 -23.88
C TYR F 167 -31.09 -22.96 -24.03
N LEU F 168 -32.16 -23.70 -23.83
CA LEU F 168 -32.09 -25.15 -23.73
C LEU F 168 -33.24 -25.78 -24.49
N TYR F 169 -32.94 -26.87 -25.19
CA TYR F 169 -33.92 -27.58 -25.99
C TYR F 169 -33.92 -29.05 -25.60
N ARG F 170 -35.02 -29.72 -25.87
CA ARG F 170 -35.17 -31.11 -25.50
C ARG F 170 -36.00 -31.82 -26.55
N ASN F 171 -35.59 -33.02 -26.91
CA ASN F 171 -36.32 -33.77 -27.92
C ASN F 171 -37.75 -34.04 -27.46
N SER F 172 -38.68 -33.98 -28.40
CA SER F 172 -40.08 -34.29 -28.12
C SER F 172 -40.67 -35.25 -29.15
N GLU F 173 -39.83 -36.04 -29.82
CA GLU F 173 -40.29 -37.02 -30.79
C GLU F 173 -39.89 -38.40 -30.26
N TYR F 174 -40.88 -39.24 -29.97
CA TYR F 174 -40.62 -40.50 -29.30
C TYR F 174 -39.71 -41.40 -30.12
N GLY F 175 -39.71 -41.23 -31.44
CA GLY F 175 -38.97 -42.14 -32.29
C GLY F 175 -37.47 -42.05 -32.18
N MET F 176 -36.94 -41.07 -31.46
CA MET F 176 -35.50 -40.87 -31.35
C MET F 176 -34.93 -41.27 -30.00
N ARG F 177 -35.76 -41.45 -28.98
CA ARG F 177 -35.23 -41.80 -27.67
C ARG F 177 -34.73 -43.23 -27.65
N GLY F 178 -33.67 -43.46 -26.89
CA GLY F 178 -33.14 -44.80 -26.71
C GLY F 178 -32.75 -45.00 -25.25
N SER F 179 -32.86 -46.25 -24.81
CA SER F 179 -32.52 -46.61 -23.44
C SER F 179 -31.60 -47.83 -23.45
N TYR F 180 -30.42 -47.68 -22.84
CA TYR F 180 -29.48 -48.77 -22.63
C TYR F 180 -29.38 -49.04 -21.14
N GLY F 181 -29.35 -50.30 -20.74
CA GLY F 181 -29.35 -50.65 -19.34
C GLY F 181 -28.58 -51.92 -19.06
N VAL F 182 -27.98 -51.95 -17.87
CA VAL F 182 -27.35 -53.16 -17.37
C VAL F 182 -27.38 -53.14 -15.85
N THR F 183 -27.90 -54.21 -15.26
CA THR F 183 -28.03 -54.33 -13.82
C THR F 183 -27.43 -55.63 -13.34
N PHE F 184 -26.72 -55.57 -12.23
CA PHE F 184 -26.14 -56.76 -11.60
C PHE F 184 -26.94 -57.26 -10.41
N MET F 185 -27.61 -56.37 -9.67
CA MET F 185 -28.52 -56.76 -8.61
C MET F 185 -29.83 -57.20 -9.25
N ASP F 186 -30.88 -57.34 -8.44
CA ASP F 186 -32.15 -57.91 -8.89
C ASP F 186 -33.21 -56.83 -9.06
N GLU F 187 -33.77 -56.75 -10.28
CA GLU F 187 -34.92 -55.90 -10.63
C GLU F 187 -34.80 -54.50 -10.01
N LEU F 188 -33.84 -53.73 -10.54
CA LEU F 188 -33.65 -52.33 -10.17
C LEU F 188 -34.07 -51.39 -11.29
N ASN F 189 -35.06 -51.79 -12.08
CA ASN F 189 -35.48 -50.98 -13.22
C ASN F 189 -35.96 -49.61 -12.76
N GLN F 190 -35.77 -48.61 -13.62
CA GLN F 190 -36.00 -47.21 -13.26
C GLN F 190 -35.10 -46.84 -12.08
N CYS F 191 -33.79 -46.90 -12.32
CA CYS F 191 -32.84 -46.86 -11.23
C CYS F 191 -32.95 -45.58 -10.39
N PHE F 192 -33.64 -44.55 -10.87
CA PHE F 192 -33.78 -43.34 -10.09
C PHE F 192 -34.64 -42.34 -10.84
N LEU F 193 -35.30 -41.46 -10.09
CA LEU F 193 -36.22 -40.49 -10.65
C LEU F 193 -35.65 -39.09 -10.48
N ASP F 194 -36.02 -38.19 -11.38
CA ASP F 194 -35.31 -36.92 -11.51
C ASP F 194 -35.65 -35.95 -10.39
N ILE F 195 -36.88 -35.48 -10.32
CA ILE F 195 -37.23 -34.39 -9.42
C ILE F 195 -37.29 -34.96 -8.01
N LYS F 196 -36.21 -34.77 -7.27
CA LYS F 196 -36.10 -35.17 -5.87
C LYS F 196 -35.13 -34.19 -5.22
N GLU F 197 -34.57 -34.56 -4.07
CA GLU F 197 -33.59 -33.71 -3.41
C GLU F 197 -32.35 -33.53 -4.28
N VAL F 198 -32.35 -34.13 -5.48
CA VAL F 198 -31.28 -33.90 -6.43
C VAL F 198 -30.99 -32.41 -6.52
N SER F 199 -29.71 -32.06 -6.45
CA SER F 199 -29.34 -30.64 -6.43
C SER F 199 -28.86 -30.16 -7.79
N TYR F 200 -28.04 -30.96 -8.46
CA TYR F 200 -27.57 -30.65 -9.81
C TYR F 200 -26.77 -29.35 -9.85
N ASP F 201 -25.59 -29.39 -9.22
CA ASP F 201 -24.59 -28.36 -9.43
C ASP F 201 -23.93 -28.57 -10.79
N ILE F 202 -23.63 -27.46 -11.47
CA ILE F 202 -23.05 -27.55 -12.80
C ILE F 202 -21.74 -28.30 -12.74
N CYS F 203 -21.41 -29.02 -13.81
CA CYS F 203 -20.30 -29.96 -13.84
C CYS F 203 -19.09 -29.25 -14.43
N TYR F 204 -18.55 -28.30 -13.68
CA TYR F 204 -17.27 -27.68 -14.04
C TYR F 204 -16.80 -26.75 -12.93
N MET G 1 -46.17 -45.71 -28.59
CA MET G 1 -46.68 -45.77 -29.99
C MET G 1 -47.89 -46.68 -30.11
N LEU G 2 -48.19 -47.42 -29.04
CA LEU G 2 -49.35 -48.30 -29.00
C LEU G 2 -50.31 -47.79 -27.95
N LYS G 3 -51.41 -47.18 -28.40
CA LYS G 3 -52.46 -46.70 -27.53
C LYS G 3 -53.63 -47.67 -27.59
N ILE G 4 -54.16 -48.03 -26.43
CA ILE G 4 -55.26 -48.99 -26.34
C ILE G 4 -56.45 -48.31 -25.67
N GLN G 5 -57.61 -48.41 -26.30
CA GLN G 5 -58.87 -47.90 -25.78
C GLN G 5 -59.83 -49.06 -25.60
N ALA G 6 -60.57 -49.04 -24.49
CA ALA G 6 -61.53 -50.09 -24.19
C ALA G 6 -62.81 -49.47 -23.65
N TYR G 7 -63.92 -50.18 -23.84
CA TYR G 7 -65.20 -49.72 -23.32
C TYR G 7 -65.17 -49.71 -21.79
N PHE G 8 -66.19 -49.08 -21.20
CA PHE G 8 -66.21 -48.88 -19.75
C PHE G 8 -66.06 -50.20 -19.01
N ASN G 9 -65.08 -50.25 -18.11
CA ASN G 9 -64.87 -51.42 -17.25
C ASN G 9 -64.74 -52.70 -18.07
N GLU G 10 -64.11 -52.58 -19.24
CA GLU G 10 -63.82 -53.71 -20.09
C GLU G 10 -62.44 -54.28 -19.72
N THR G 11 -62.12 -55.46 -20.26
CA THR G 11 -60.82 -56.08 -20.02
C THR G 11 -59.77 -55.44 -20.91
N ALA G 12 -58.51 -55.56 -20.49
CA ALA G 12 -57.38 -54.93 -21.18
C ALA G 12 -56.30 -55.96 -21.51
N ASP G 13 -55.61 -55.75 -22.62
CA ASP G 13 -54.51 -56.59 -23.05
C ASP G 13 -53.29 -55.72 -23.31
N LEU G 14 -52.15 -56.10 -22.73
CA LEU G 14 -50.89 -55.38 -22.89
C LEU G 14 -49.89 -56.30 -23.57
N PRO G 15 -49.68 -56.18 -24.88
CA PRO G 15 -48.57 -56.87 -25.53
C PRO G 15 -47.36 -55.96 -25.64
N CYS G 16 -46.21 -56.58 -25.92
CA CYS G 16 -45.00 -55.78 -26.14
C CYS G 16 -44.12 -56.31 -27.26
N GLN G 17 -44.66 -57.15 -28.15
CA GLN G 17 -44.13 -57.35 -29.51
C GLN G 17 -42.61 -57.50 -29.51
N PHE G 18 -42.14 -58.56 -28.87
CA PHE G 18 -40.71 -58.85 -28.87
C PHE G 18 -40.35 -59.57 -30.16
N ALA G 19 -39.46 -58.97 -30.96
CA ALA G 19 -39.08 -59.56 -32.24
C ALA G 19 -38.42 -60.92 -32.05
N ASN G 20 -37.53 -61.03 -31.06
CA ASN G 20 -36.80 -62.27 -30.82
C ASN G 20 -35.99 -62.69 -32.06
N SER G 21 -35.05 -61.82 -32.44
CA SER G 21 -34.23 -62.11 -33.60
C SER G 21 -33.32 -63.30 -33.38
N GLN G 22 -32.87 -63.53 -32.13
CA GLN G 22 -31.98 -64.63 -31.81
C GLN G 22 -32.72 -65.92 -31.48
N ASN G 23 -34.05 -65.90 -31.37
CA ASN G 23 -34.84 -67.08 -31.07
C ASN G 23 -34.43 -67.68 -29.72
N GLN G 24 -34.61 -66.88 -28.67
CA GLN G 24 -34.28 -67.29 -27.32
C GLN G 24 -35.51 -67.85 -26.62
N SER G 25 -35.31 -68.45 -25.45
CA SER G 25 -36.36 -69.14 -24.72
C SER G 25 -36.73 -68.33 -23.48
N LEU G 26 -37.94 -68.57 -22.99
CA LEU G 26 -38.40 -67.87 -21.79
C LEU G 26 -37.63 -68.28 -20.55
N SER G 27 -36.92 -69.42 -20.59
CA SER G 27 -36.16 -69.86 -19.44
C SER G 27 -34.91 -69.02 -19.21
N GLU G 28 -34.35 -68.44 -20.27
CA GLU G 28 -33.16 -67.60 -20.16
C GLU G 28 -33.50 -66.12 -20.15
N LEU G 29 -34.77 -65.76 -20.08
CA LEU G 29 -35.19 -64.37 -20.10
C LEU G 29 -36.19 -64.13 -18.97
N VAL G 30 -36.23 -62.88 -18.50
CA VAL G 30 -37.21 -62.46 -17.51
C VAL G 30 -37.95 -61.25 -18.07
N VAL G 31 -39.19 -61.07 -17.62
CA VAL G 31 -40.06 -60.02 -18.14
C VAL G 31 -40.78 -59.34 -16.97
N PHE G 32 -40.86 -58.01 -17.04
CA PHE G 32 -41.58 -57.20 -16.08
C PHE G 32 -42.58 -56.32 -16.80
N TRP G 33 -43.76 -56.18 -16.22
CA TRP G 33 -44.75 -55.22 -16.67
C TRP G 33 -45.01 -54.25 -15.52
N GLN G 34 -44.84 -52.96 -15.78
CA GLN G 34 -44.93 -51.98 -14.69
C GLN G 34 -45.76 -50.78 -15.11
N ASP G 35 -46.29 -50.08 -14.12
CA ASP G 35 -47.18 -48.94 -14.34
C ASP G 35 -46.39 -47.64 -14.21
N GLN G 36 -47.10 -46.52 -14.30
CA GLN G 36 -46.45 -45.22 -14.34
C GLN G 36 -45.85 -44.81 -13.01
N GLU G 37 -46.22 -45.47 -11.92
CA GLU G 37 -45.65 -45.18 -10.61
C GLU G 37 -44.50 -46.11 -10.27
N ASN G 38 -44.10 -47.00 -11.19
CA ASN G 38 -42.99 -47.93 -11.07
C ASN G 38 -43.34 -49.17 -10.25
N LEU G 39 -44.61 -49.40 -9.95
CA LEU G 39 -45.01 -50.61 -9.21
C LEU G 39 -45.20 -51.77 -10.18
N VAL G 40 -44.68 -52.94 -9.81
CA VAL G 40 -44.70 -54.08 -10.72
C VAL G 40 -46.09 -54.69 -10.77
N LEU G 41 -46.37 -55.40 -11.86
CA LEU G 41 -47.64 -56.09 -12.08
C LEU G 41 -47.48 -57.61 -12.11
N ASN G 42 -46.54 -58.12 -12.88
CA ASN G 42 -46.33 -59.54 -13.02
C ASN G 42 -44.87 -59.75 -13.40
N GLU G 43 -44.40 -60.98 -13.21
CA GLU G 43 -43.00 -61.28 -13.46
C GLU G 43 -42.85 -62.74 -13.83
N VAL G 44 -42.08 -62.99 -14.90
CA VAL G 44 -41.76 -64.34 -15.31
C VAL G 44 -40.28 -64.58 -15.07
N TYR G 45 -39.92 -65.07 -13.89
CA TYR G 45 -38.52 -65.31 -13.55
C TYR G 45 -38.10 -66.64 -14.14
N LEU G 46 -37.17 -66.59 -15.10
CA LEU G 46 -36.66 -67.78 -15.76
C LEU G 46 -37.77 -68.68 -16.27
N GLY G 47 -38.93 -68.11 -16.60
CA GLY G 47 -40.03 -68.85 -17.17
C GLY G 47 -41.16 -69.18 -16.21
N LYS G 48 -40.92 -69.11 -14.90
CA LYS G 48 -41.94 -69.40 -13.90
C LYS G 48 -42.46 -68.10 -13.33
N GLU G 49 -43.77 -67.97 -13.24
CA GLU G 49 -44.35 -66.75 -12.72
C GLU G 49 -43.98 -66.59 -11.25
N LYS G 50 -43.65 -65.36 -10.86
CA LYS G 50 -43.36 -65.01 -9.48
C LYS G 50 -44.26 -63.87 -9.05
N PHE G 51 -44.72 -63.90 -7.81
CA PHE G 51 -45.63 -62.91 -7.25
C PHE G 51 -45.13 -62.43 -5.90
N ASP G 52 -43.84 -62.11 -5.83
CA ASP G 52 -43.22 -61.68 -4.58
C ASP G 52 -43.27 -60.17 -4.37
N SER G 53 -43.68 -59.40 -5.37
CA SER G 53 -43.70 -57.94 -5.25
C SER G 53 -44.95 -57.30 -5.83
N VAL G 54 -45.86 -58.06 -6.43
CA VAL G 54 -47.07 -57.47 -6.97
C VAL G 54 -47.91 -56.90 -5.84
N HIS G 55 -48.42 -55.69 -6.02
CA HIS G 55 -49.30 -55.10 -5.03
C HIS G 55 -50.63 -55.86 -4.97
N SER G 56 -51.25 -55.86 -3.79
CA SER G 56 -52.45 -56.66 -3.58
C SER G 56 -53.51 -56.35 -4.63
N LYS G 57 -53.69 -55.07 -4.96
CA LYS G 57 -54.67 -54.70 -5.97
C LYS G 57 -54.43 -55.43 -7.27
N TYR G 58 -53.17 -55.63 -7.65
CA TYR G 58 -52.83 -56.31 -8.89
C TYR G 58 -52.70 -57.82 -8.74
N MET G 59 -52.83 -58.34 -7.52
CA MET G 59 -52.63 -59.77 -7.31
C MET G 59 -53.75 -60.57 -7.96
N GLY G 60 -53.37 -61.53 -8.80
CA GLY G 60 -54.33 -62.43 -9.41
C GLY G 60 -55.06 -61.83 -10.60
N ARG G 61 -55.22 -60.50 -10.63
CA ARG G 61 -55.95 -59.86 -11.71
C ARG G 61 -55.25 -59.99 -13.04
N THR G 62 -53.97 -60.35 -13.05
CA THR G 62 -53.17 -60.44 -14.25
C THR G 62 -52.90 -61.89 -14.60
N SER G 63 -52.90 -62.19 -15.89
CA SER G 63 -52.54 -63.52 -16.37
C SER G 63 -51.60 -63.38 -17.55
N PHE G 64 -50.78 -64.41 -17.76
CA PHE G 64 -49.75 -64.41 -18.77
C PHE G 64 -50.04 -65.51 -19.80
N ASP G 65 -49.60 -65.26 -21.03
CA ASP G 65 -49.73 -66.22 -22.12
C ASP G 65 -48.35 -66.46 -22.73
N SER G 66 -48.06 -67.73 -23.03
CA SER G 66 -46.74 -68.08 -23.52
C SER G 66 -46.54 -67.64 -24.97
N ASP G 67 -47.39 -68.13 -25.87
CA ASP G 67 -47.18 -67.88 -27.29
C ASP G 67 -47.34 -66.41 -27.64
N SER G 68 -48.34 -65.74 -27.06
CA SER G 68 -48.64 -64.36 -27.46
C SER G 68 -47.80 -63.33 -26.72
N TRP G 69 -47.13 -63.69 -25.64
CA TRP G 69 -46.31 -62.75 -24.88
C TRP G 69 -47.12 -61.54 -24.45
N THR G 70 -48.37 -61.76 -24.09
CA THR G 70 -49.31 -60.69 -23.78
C THR G 70 -49.86 -60.87 -22.38
N LEU G 71 -49.98 -59.76 -21.65
CA LEU G 71 -50.52 -59.75 -20.30
C LEU G 71 -52.00 -59.38 -20.37
N ARG G 72 -52.85 -60.19 -19.74
CA ARG G 72 -54.28 -59.95 -19.72
C ARG G 72 -54.65 -59.43 -18.34
N LEU G 73 -55.24 -58.23 -18.30
CA LEU G 73 -55.63 -57.59 -17.06
C LEU G 73 -57.13 -57.38 -17.04
N HIS G 74 -57.77 -57.71 -15.92
CA HIS G 74 -59.21 -57.60 -15.73
C HIS G 74 -59.53 -56.39 -14.86
N ASN G 75 -60.83 -56.16 -14.67
CA ASN G 75 -61.33 -55.23 -13.66
C ASN G 75 -60.74 -53.83 -13.84
N LEU G 76 -61.02 -53.25 -14.99
CA LEU G 76 -60.55 -51.89 -15.24
C LEU G 76 -61.29 -50.89 -14.35
N GLN G 77 -60.65 -49.76 -14.12
CA GLN G 77 -61.22 -48.68 -13.34
C GLN G 77 -60.95 -47.37 -14.04
N ILE G 78 -61.78 -46.37 -13.74
CA ILE G 78 -61.57 -45.04 -14.33
C ILE G 78 -60.22 -44.48 -13.89
N LYS G 79 -59.76 -44.87 -12.71
CA LYS G 79 -58.50 -44.37 -12.16
C LYS G 79 -57.29 -45.23 -12.52
N ASP G 80 -57.47 -46.26 -13.34
CA ASP G 80 -56.35 -47.09 -13.78
C ASP G 80 -55.77 -46.66 -15.11
N LYS G 81 -56.23 -45.54 -15.67
CA LYS G 81 -55.66 -45.04 -16.91
C LYS G 81 -54.23 -44.56 -16.68
N GLY G 82 -53.36 -44.83 -17.64
CA GLY G 82 -51.98 -44.41 -17.52
C GLY G 82 -51.08 -45.19 -18.46
N LEU G 83 -49.78 -45.14 -18.17
CA LEU G 83 -48.75 -45.75 -18.99
C LEU G 83 -48.26 -47.04 -18.38
N TYR G 84 -47.89 -47.98 -19.25
CA TYR G 84 -47.38 -49.28 -18.83
C TYR G 84 -46.21 -49.67 -19.72
N GLN G 85 -45.28 -50.42 -19.15
CA GLN G 85 -44.02 -50.75 -19.80
C GLN G 85 -43.73 -52.23 -19.68
N CYS G 86 -43.15 -52.79 -20.73
CA CYS G 86 -42.77 -54.19 -20.84
C CYS G 86 -41.26 -54.25 -20.94
N ILE G 87 -40.59 -54.46 -19.82
CA ILE G 87 -39.13 -54.49 -19.79
C ILE G 87 -38.68 -55.95 -19.80
N ILE G 88 -37.88 -56.33 -20.78
CA ILE G 88 -37.36 -57.68 -20.90
C ILE G 88 -35.87 -57.68 -20.61
N HIS G 89 -35.41 -58.62 -19.78
CA HIS G 89 -34.01 -58.74 -19.39
C HIS G 89 -33.49 -60.12 -19.75
N HIS G 90 -32.20 -60.18 -20.12
CA HIS G 90 -31.51 -61.41 -20.45
C HIS G 90 -30.53 -61.73 -19.32
N LYS G 91 -30.79 -62.81 -18.59
CA LYS G 91 -30.05 -63.12 -17.35
C LYS G 91 -28.80 -63.94 -17.68
N LYS G 92 -27.76 -63.24 -18.12
CA LYS G 92 -26.47 -63.85 -18.34
C LYS G 92 -25.75 -64.05 -17.02
N PRO G 93 -24.70 -64.89 -17.00
CA PRO G 93 -23.97 -65.10 -15.74
C PRO G 93 -23.43 -63.81 -15.14
N THR G 94 -22.92 -62.89 -15.95
CA THR G 94 -22.31 -61.68 -15.42
C THR G 94 -23.37 -60.70 -14.92
N GLY G 95 -24.43 -60.49 -15.69
CA GLY G 95 -25.44 -59.53 -15.30
C GLY G 95 -26.62 -59.58 -16.25
N MET G 96 -27.55 -58.66 -16.03
CA MET G 96 -28.75 -58.56 -16.85
C MET G 96 -28.63 -57.36 -17.77
N ILE G 97 -28.84 -57.56 -19.06
CA ILE G 97 -28.82 -56.51 -20.06
C ILE G 97 -30.21 -56.41 -20.67
N ARG G 98 -30.75 -55.20 -20.72
CA ARG G 98 -32.13 -54.98 -21.15
C ARG G 98 -32.20 -55.01 -22.67
N ILE G 99 -32.94 -55.98 -23.22
CA ILE G 99 -33.02 -56.15 -24.66
C ILE G 99 -34.40 -55.84 -25.22
N HIS G 100 -35.28 -55.23 -24.42
CA HIS G 100 -36.54 -54.78 -24.99
C HIS G 100 -37.31 -53.93 -24.00
N GLN G 101 -37.95 -52.89 -24.52
CA GLN G 101 -38.84 -52.03 -23.75
C GLN G 101 -39.89 -51.47 -24.70
N MET G 102 -41.16 -51.59 -24.33
CA MET G 102 -42.26 -51.10 -25.15
C MET G 102 -43.22 -50.34 -24.25
N ASN G 103 -43.56 -49.12 -24.64
CA ASN G 103 -44.46 -48.29 -23.86
C ASN G 103 -45.86 -48.30 -24.46
N SER G 104 -46.85 -48.46 -23.59
CA SER G 104 -48.25 -48.47 -24.01
C SER G 104 -49.03 -47.56 -23.06
N GLU G 105 -50.15 -47.05 -23.54
CA GLU G 105 -51.02 -46.18 -22.74
C GLU G 105 -52.45 -46.70 -22.84
N LEU G 106 -53.16 -46.68 -21.71
CA LEU G 106 -54.55 -47.13 -21.67
C LEU G 106 -55.41 -46.11 -20.95
N SER G 107 -56.62 -45.91 -21.48
CA SER G 107 -57.60 -44.98 -20.93
C SER G 107 -58.97 -45.65 -20.90
N VAL G 108 -59.87 -45.07 -20.10
CA VAL G 108 -61.19 -45.62 -19.88
C VAL G 108 -62.23 -44.52 -20.12
N LEU G 109 -63.46 -44.96 -20.38
CA LEU G 109 -64.56 -44.02 -20.62
C LEU G 109 -64.77 -43.13 -19.41
N ALA G 110 -65.06 -41.86 -19.66
CA ALA G 110 -65.24 -40.88 -18.58
C ALA G 110 -66.36 -39.89 -18.91
N MET H 1 27.20 65.02 9.88
CA MET H 1 28.39 65.45 10.66
C MET H 1 28.41 66.96 10.87
N LEU H 2 27.33 67.63 10.49
CA LEU H 2 27.18 69.07 10.68
C LEU H 2 25.87 69.34 11.39
N LYS H 3 25.95 69.68 12.66
CA LYS H 3 24.79 70.06 13.47
C LYS H 3 24.80 71.56 13.66
N ILE H 4 23.65 72.18 13.45
CA ILE H 4 23.51 73.63 13.59
C ILE H 4 22.47 73.91 14.66
N GLN H 5 22.82 74.79 15.59
CA GLN H 5 21.92 75.26 16.64
C GLN H 5 21.67 76.74 16.41
N ALA H 6 20.42 77.16 16.60
CA ALA H 6 20.03 78.56 16.42
C ALA H 6 19.21 79.01 17.61
N TYR H 7 19.39 80.28 17.99
CA TYR H 7 18.59 80.85 19.05
C TYR H 7 17.13 80.87 18.63
N PHE H 8 16.25 81.14 19.60
CA PHE H 8 14.81 81.05 19.36
C PHE H 8 14.41 81.93 18.19
N ASN H 9 13.72 81.33 17.21
CA ASN H 9 13.17 82.05 16.07
C ASN H 9 14.24 82.88 15.37
N GLU H 10 15.45 82.35 15.33
CA GLU H 10 16.56 82.97 14.63
C GLU H 10 16.62 82.45 13.19
N THR H 11 17.42 83.11 12.35
CA THR H 11 17.59 82.69 10.97
C THR H 11 18.58 81.53 10.90
N ALA H 12 18.44 80.71 9.85
CA ALA H 12 19.23 79.49 9.70
C ALA H 12 19.93 79.48 8.35
N ASP H 13 21.10 78.85 8.31
CA ASP H 13 21.87 78.68 7.08
C ASP H 13 22.22 77.21 6.91
N LEU H 14 21.95 76.67 5.72
CA LEU H 14 22.25 75.28 5.39
C LEU H 14 23.27 75.25 4.27
N PRO H 15 24.56 75.04 4.57
CA PRO H 15 25.53 74.76 3.52
C PRO H 15 25.71 73.26 3.31
N CYS H 16 26.28 72.91 2.15
CA CYS H 16 26.56 71.51 1.88
C CYS H 16 27.89 71.28 1.20
N GLN H 17 28.80 72.26 1.24
CA GLN H 17 30.25 72.05 1.11
C GLN H 17 30.59 71.12 -0.05
N PHE H 18 30.28 71.57 -1.26
CA PHE H 18 30.66 70.81 -2.45
C PHE H 18 32.11 71.11 -2.82
N ALA H 19 32.95 70.08 -2.81
CA ALA H 19 34.37 70.28 -3.09
C ALA H 19 34.58 70.79 -4.51
N ASN H 20 33.85 70.25 -5.48
CA ASN H 20 33.99 70.63 -6.88
C ASN H 20 35.42 70.39 -7.37
N SER H 21 35.81 69.12 -7.35
CA SER H 21 37.15 68.75 -7.80
C SER H 21 37.35 69.01 -9.28
N GLN H 22 36.29 68.89 -10.08
CA GLN H 22 36.38 69.08 -11.53
C GLN H 22 36.19 70.53 -11.97
N ASN H 23 35.83 71.44 -11.06
CA ASN H 23 35.61 72.85 -11.40
C ASN H 23 34.50 72.99 -12.44
N GLN H 24 33.32 72.52 -12.07
CA GLN H 24 32.16 72.58 -12.95
C GLN H 24 31.35 73.85 -12.67
N SER H 25 30.33 74.08 -13.49
CA SER H 25 29.53 75.29 -13.41
C SER H 25 28.11 74.95 -12.97
N LEU H 26 27.43 75.93 -12.38
CA LEU H 26 26.08 75.71 -11.90
C LEU H 26 25.10 75.41 -13.03
N SER H 27 25.43 75.80 -14.27
CA SER H 27 24.51 75.57 -15.38
C SER H 27 24.44 74.11 -15.78
N GLU H 28 25.46 73.31 -15.47
CA GLU H 28 25.49 71.91 -15.79
C GLU H 28 25.09 71.01 -14.63
N LEU H 29 24.70 71.60 -13.50
CA LEU H 29 24.36 70.85 -12.30
C LEU H 29 23.05 71.37 -11.73
N VAL H 30 22.34 70.51 -11.02
CA VAL H 30 21.11 70.88 -10.35
C VAL H 30 21.23 70.52 -8.88
N VAL H 31 20.58 71.30 -8.02
CA VAL H 31 20.70 71.16 -6.58
C VAL H 31 19.31 71.15 -5.96
N PHE H 32 19.06 70.17 -5.09
CA PHE H 32 17.82 70.07 -4.33
C PHE H 32 18.17 70.12 -2.85
N TRP H 33 17.41 70.90 -2.09
CA TRP H 33 17.46 70.87 -0.63
C TRP H 33 16.13 70.33 -0.15
N GLN H 34 16.15 69.29 0.66
CA GLN H 34 14.91 68.64 1.07
C GLN H 34 14.90 68.39 2.57
N ASP H 35 13.69 68.35 3.13
CA ASP H 35 13.49 68.15 4.56
C ASP H 35 13.27 66.66 4.84
N GLN H 36 13.03 66.32 6.09
CA GLN H 36 12.95 64.92 6.48
C GLN H 36 11.71 64.22 5.96
N GLU H 37 10.71 64.96 5.51
CA GLU H 37 9.51 64.37 4.94
C GLU H 37 9.59 64.24 3.43
N ASN H 38 10.72 64.60 2.84
CA ASN H 38 11.03 64.50 1.41
C ASN H 38 10.39 65.63 0.60
N LEU H 39 9.70 66.58 1.22
CA LEU H 39 9.16 67.72 0.49
C LEU H 39 10.29 68.69 0.15
N VAL H 40 10.33 69.14 -1.11
CA VAL H 40 11.44 69.97 -1.56
C VAL H 40 11.33 71.37 -0.98
N LEU H 41 12.46 72.06 -0.92
CA LEU H 41 12.57 73.43 -0.46
C LEU H 41 12.89 74.41 -1.57
N ASN H 42 13.89 74.09 -2.40
CA ASN H 42 14.37 74.99 -3.42
C ASN H 42 15.07 74.16 -4.48
N GLU H 43 15.23 74.74 -5.65
CA GLU H 43 15.86 74.04 -6.77
C GLU H 43 16.48 75.05 -7.72
N VAL H 44 17.70 74.76 -8.16
CA VAL H 44 18.37 75.56 -9.18
C VAL H 44 18.52 74.71 -10.42
N TYR H 45 17.56 74.78 -11.33
CA TYR H 45 17.59 73.97 -12.54
C TYR H 45 18.51 74.65 -13.54
N LEU H 46 19.62 74.00 -13.87
CA LEU H 46 20.59 74.51 -14.82
C LEU H 46 20.99 75.95 -14.50
N GLY H 47 20.94 76.35 -13.23
CA GLY H 47 21.38 77.66 -12.81
C GLY H 47 20.28 78.66 -12.53
N LYS H 48 19.05 78.42 -13.00
CA LYS H 48 17.93 79.32 -12.77
C LYS H 48 17.03 78.71 -11.71
N GLU H 49 16.68 79.50 -10.71
CA GLU H 49 15.84 78.99 -9.64
C GLU H 49 14.47 78.60 -10.18
N LYS H 50 13.96 77.48 -9.72
CA LYS H 50 12.63 77.01 -10.06
C LYS H 50 11.83 76.78 -8.79
N PHE H 51 10.54 77.08 -8.84
CA PHE H 51 9.65 76.99 -7.70
C PHE H 51 8.35 76.31 -8.09
N ASP H 52 8.47 75.19 -8.79
CA ASP H 52 7.30 74.46 -9.27
C ASP H 52 6.80 73.41 -8.30
N SER H 53 7.55 73.13 -7.22
CA SER H 53 7.15 72.10 -6.28
C SER H 53 7.35 72.49 -4.82
N VAL H 54 7.92 73.65 -4.53
CA VAL H 54 8.11 74.06 -3.15
C VAL H 54 6.74 74.22 -2.49
N HIS H 55 6.59 73.60 -1.32
CA HIS H 55 5.35 73.76 -0.57
C HIS H 55 5.20 75.22 -0.13
N SER H 56 3.94 75.67 -0.07
CA SER H 56 3.67 77.08 0.19
C SER H 56 4.39 77.57 1.43
N LYS H 57 4.46 76.73 2.47
CA LYS H 57 5.14 77.13 3.69
C LYS H 57 6.58 77.56 3.42
N TYR H 58 7.27 76.87 2.51
CA TYR H 58 8.64 77.20 2.20
C TYR H 58 8.77 78.23 1.08
N MET H 59 7.67 78.66 0.47
CA MET H 59 7.75 79.57 -0.66
C MET H 59 8.30 80.92 -0.20
N GLY H 60 9.32 81.41 -0.90
CA GLY H 60 9.86 82.73 -0.65
C GLY H 60 10.75 82.82 0.57
N ARG H 61 10.49 81.99 1.58
CA ARG H 61 11.26 82.06 2.82
C ARG H 61 12.72 81.66 2.62
N THR H 62 13.05 81.00 1.53
CA THR H 62 14.40 80.53 1.27
C THR H 62 15.05 81.39 0.20
N SER H 63 16.36 81.60 0.34
CA SER H 63 17.14 82.31 -0.65
C SER H 63 18.45 81.57 -0.88
N PHE H 64 19.02 81.78 -2.06
CA PHE H 64 20.22 81.08 -2.48
C PHE H 64 21.35 82.07 -2.73
N ASP H 65 22.58 81.61 -2.56
CA ASP H 65 23.78 82.40 -2.83
C ASP H 65 24.69 81.60 -3.75
N SER H 66 25.28 82.29 -4.72
CA SER H 66 26.07 81.61 -5.75
C SER H 66 27.41 81.16 -5.20
N ASP H 67 28.22 82.11 -4.71
CA ASP H 67 29.58 81.78 -4.31
C ASP H 67 29.60 80.87 -3.09
N SER H 68 28.70 81.07 -2.13
CA SER H 68 28.76 80.31 -0.89
C SER H 68 28.01 78.98 -0.97
N TRP H 69 27.14 78.79 -1.97
CA TRP H 69 26.40 77.54 -2.12
C TRP H 69 25.63 77.21 -0.85
N THR H 70 25.02 78.24 -0.24
CA THR H 70 24.34 78.10 1.04
C THR H 70 22.89 78.53 0.89
N LEU H 71 21.99 77.79 1.53
CA LEU H 71 20.57 78.12 1.53
C LEU H 71 20.23 78.86 2.82
N ARG H 72 19.70 80.07 2.68
CA ARG H 72 19.38 80.92 3.83
C ARG H 72 17.87 80.82 4.05
N LEU H 73 17.47 80.32 5.23
CA LEU H 73 16.08 80.12 5.58
C LEU H 73 15.72 81.01 6.76
N HIS H 74 14.61 81.72 6.64
CA HIS H 74 14.11 82.63 7.67
C HIS H 74 12.99 81.97 8.46
N ASN H 75 12.52 82.69 9.48
CA ASN H 75 11.27 82.37 10.17
C ASN H 75 11.30 80.94 10.72
N LEU H 76 12.22 80.72 11.66
CA LEU H 76 12.30 79.41 12.28
C LEU H 76 11.12 79.18 13.22
N GLN H 77 10.82 77.91 13.46
CA GLN H 77 9.74 77.52 14.35
C GLN H 77 10.22 76.36 15.22
N ILE H 78 9.56 76.18 16.35
CA ILE H 78 9.92 75.08 17.26
C ILE H 78 9.71 73.75 16.56
N LYS H 79 8.71 73.66 15.69
CA LYS H 79 8.37 72.42 15.03
C LYS H 79 9.13 72.20 13.72
N ASP H 80 10.05 73.09 13.37
CA ASP H 80 10.86 72.93 12.17
C ASP H 80 12.19 72.23 12.42
N LYS H 81 12.42 71.75 13.65
CA LYS H 81 13.64 70.99 13.92
C LYS H 81 13.60 69.66 13.18
N GLY H 82 14.74 69.28 12.61
CA GLY H 82 14.82 68.02 11.89
C GLY H 82 16.04 67.98 10.99
N LEU H 83 16.00 67.06 10.04
CA LEU H 83 17.10 66.81 9.13
C LEU H 83 16.83 67.43 7.76
N TYR H 84 17.92 67.81 7.09
CA TYR H 84 17.86 68.40 5.75
C TYR H 84 19.01 67.84 4.92
N GLN H 85 18.81 67.80 3.61
CA GLN H 85 19.74 67.17 2.69
C GLN H 85 19.97 68.04 1.46
N CYS H 86 21.19 67.99 0.96
CA CYS H 86 21.65 68.74 -0.22
C CYS H 86 22.01 67.73 -1.30
N ILE H 87 21.04 67.33 -2.10
CA ILE H 87 21.26 66.34 -3.14
C ILE H 87 21.64 67.08 -4.42
N ILE H 88 22.83 66.82 -4.94
CA ILE H 88 23.34 67.48 -6.14
C ILE H 88 23.41 66.46 -7.26
N HIS H 89 22.87 66.82 -8.42
CA HIS H 89 22.86 65.96 -9.60
C HIS H 89 23.61 66.64 -10.74
N HIS H 90 24.25 65.82 -11.57
CA HIS H 90 24.96 66.27 -12.77
C HIS H 90 24.15 65.83 -13.98
N LYS H 91 23.59 66.81 -14.71
CA LYS H 91 22.64 66.53 -15.79
C LYS H 91 23.39 66.30 -17.09
N LYS H 92 23.86 65.06 -17.25
CA LYS H 92 24.46 64.63 -18.50
C LYS H 92 23.38 64.35 -19.53
N PRO H 93 23.75 64.27 -20.82
CA PRO H 93 22.73 63.96 -21.84
C PRO H 93 22.00 62.66 -21.58
N THR H 94 22.68 61.66 -21.03
CA THR H 94 22.05 60.35 -20.83
C THR H 94 21.14 60.37 -19.60
N GLY H 95 21.68 60.80 -18.45
CA GLY H 95 20.91 60.79 -17.23
C GLY H 95 21.58 61.64 -16.18
N MET H 96 20.99 61.64 -14.99
CA MET H 96 21.51 62.41 -13.86
C MET H 96 22.15 61.45 -12.85
N ILE H 97 23.41 61.72 -12.50
CA ILE H 97 24.15 60.92 -11.54
C ILE H 97 24.41 61.77 -10.30
N ARG H 98 24.13 61.20 -9.14
CA ARG H 98 24.23 61.93 -7.88
C ARG H 98 25.69 62.03 -7.46
N ILE H 99 26.24 63.24 -7.46
CA ILE H 99 27.65 63.44 -7.17
C ILE H 99 27.86 64.21 -5.87
N HIS H 100 26.82 64.39 -5.06
CA HIS H 100 27.05 64.94 -3.72
C HIS H 100 25.77 64.86 -2.90
N GLN H 101 25.94 64.58 -1.62
CA GLN H 101 24.84 64.53 -0.67
C GLN H 101 25.41 64.79 0.71
N MET H 102 24.80 65.71 1.45
CA MET H 102 25.30 66.12 2.76
C MET H 102 24.12 66.30 3.69
N ASN H 103 24.06 65.49 4.74
CA ASN H 103 23.00 65.59 5.73
C ASN H 103 23.36 66.64 6.78
N SER H 104 22.34 67.37 7.22
CA SER H 104 22.49 68.37 8.28
C SER H 104 21.28 68.28 9.19
N GLU H 105 21.45 68.72 10.44
CA GLU H 105 20.37 68.71 11.43
C GLU H 105 20.27 70.06 12.10
N LEU H 106 19.04 70.52 12.33
CA LEU H 106 18.81 71.79 12.99
C LEU H 106 17.76 71.63 14.08
N SER H 107 17.95 72.34 15.19
CA SER H 107 17.06 72.32 16.33
C SER H 107 16.82 73.74 16.83
N VAL H 108 15.78 73.90 17.64
CA VAL H 108 15.37 75.21 18.16
C VAL H 108 15.21 75.11 19.66
N LEU H 109 15.28 76.28 20.31
CA LEU H 109 15.16 76.35 21.77
C LEU H 109 13.79 75.85 22.22
N ALA H 110 13.76 75.18 23.36
CA ALA H 110 12.52 74.61 23.89
C ALA H 110 12.54 74.57 25.41
N THR I 9 -11.06 -54.52 -6.62
CA THR I 9 -10.52 -55.21 -5.47
C THR I 9 -9.03 -55.38 -5.59
N ILE I 10 -8.56 -55.53 -6.83
CA ILE I 10 -7.16 -55.82 -7.06
C ILE I 10 -6.27 -54.69 -6.55
N CYS I 11 -6.75 -53.44 -6.63
CA CYS I 11 -5.88 -52.29 -6.50
C CYS I 11 -6.39 -51.29 -5.48
N PRO I 12 -5.52 -50.48 -4.91
CA PRO I 12 -5.97 -49.23 -4.28
C PRO I 12 -5.77 -48.04 -5.21
N PRO I 13 -6.58 -46.99 -5.08
CA PRO I 13 -6.56 -45.90 -6.08
C PRO I 13 -5.26 -45.11 -6.18
N ARG I 14 -4.60 -44.82 -5.05
CA ARG I 14 -3.40 -43.95 -5.02
C ARG I 14 -3.75 -42.48 -5.22
N GLN I 15 -4.74 -42.00 -4.46
CA GLN I 15 -5.27 -40.66 -4.59
C GLN I 15 -4.36 -39.67 -3.85
N ASP I 16 -4.76 -38.39 -3.79
CA ASP I 16 -4.11 -37.43 -2.93
C ASP I 16 -4.58 -37.56 -1.49
N TYR I 17 -5.84 -37.22 -1.23
CA TYR I 17 -6.43 -37.25 0.10
C TYR I 17 -7.72 -38.04 0.05
N ARG I 18 -7.92 -38.87 1.07
CA ARG I 18 -8.97 -39.86 1.04
C ARG I 18 -10.18 -39.39 1.84
N TYR I 19 -11.37 -39.53 1.26
CA TYR I 19 -12.59 -39.32 2.01
C TYR I 19 -12.96 -40.55 2.83
N TRP I 20 -12.39 -41.71 2.53
CA TRP I 20 -12.85 -42.97 3.11
C TRP I 20 -11.78 -43.57 4.03
N TYR I 21 -12.17 -43.90 5.26
CA TYR I 21 -11.26 -44.29 6.33
C TYR I 21 -11.54 -45.71 6.81
N PHE I 22 -10.72 -46.14 7.77
CA PHE I 22 -10.81 -47.45 8.43
C PHE I 22 -10.27 -47.27 9.84
N ALA I 23 -9.80 -48.34 10.49
CA ALA I 23 -9.31 -48.20 11.86
C ALA I 23 -8.23 -49.22 12.21
N ALA I 24 -7.35 -48.84 13.17
CA ALA I 24 -6.41 -49.72 13.88
C ALA I 24 -5.66 -48.93 14.96
N GLU I 25 -5.54 -49.41 16.20
CA GLU I 25 -5.09 -48.54 17.28
C GLU I 25 -3.98 -49.17 18.13
N LEU I 26 -3.29 -48.32 18.90
CA LEU I 26 -2.31 -48.79 19.86
C LEU I 26 -2.15 -47.75 20.97
N THR I 27 -1.53 -48.19 22.07
CA THR I 27 -1.31 -47.32 23.22
C THR I 27 0.04 -47.66 23.83
N ILE I 28 0.81 -46.62 24.13
CA ILE I 28 2.15 -46.73 24.70
C ILE I 28 2.13 -46.07 26.07
N GLY I 29 2.54 -46.82 27.09
CA GLY I 29 2.55 -46.28 28.44
C GLY I 29 3.96 -45.93 28.85
N VAL I 30 4.22 -44.63 28.96
CA VAL I 30 5.55 -44.10 29.18
C VAL I 30 5.65 -43.57 30.60
N ASN I 31 6.87 -43.60 31.15
CA ASN I 31 7.06 -43.26 32.55
C ASN I 31 7.30 -41.78 32.79
N TYR I 32 7.93 -41.07 31.86
CA TYR I 32 8.08 -39.64 32.03
C TYR I 32 6.70 -38.97 31.91
N ASP I 33 6.68 -37.65 32.03
CA ASP I 33 5.47 -36.92 32.36
C ASP I 33 4.87 -36.25 31.12
N ILE I 34 3.56 -36.43 30.94
CA ILE I 34 2.77 -35.67 29.97
C ILE I 34 1.49 -35.24 30.65
N ASN I 35 1.09 -33.99 30.44
CA ASN I 35 -0.13 -33.48 31.06
C ASN I 35 -1.36 -33.67 30.17
N SER I 36 -1.36 -33.05 28.99
CA SER I 36 -2.56 -33.03 28.16
C SER I 36 -2.15 -32.83 26.70
N THR I 37 -3.13 -32.93 25.82
CA THR I 37 -2.89 -32.76 24.39
C THR I 37 -2.52 -31.31 24.08
N ILE I 38 -1.69 -31.14 23.04
CA ILE I 38 -1.13 -29.83 22.71
C ILE I 38 -1.68 -29.25 21.42
N MET I 39 -2.52 -29.99 20.70
CA MET I 39 -3.19 -29.48 19.52
C MET I 39 -2.17 -29.03 18.46
N GLY I 40 -1.46 -30.03 17.92
CA GLY I 40 -0.51 -29.78 16.85
C GLY I 40 0.84 -30.39 17.11
N GLU I 41 0.94 -31.28 18.09
CA GLU I 41 2.22 -31.87 18.44
C GLU I 41 2.64 -32.93 17.41
N CYS I 42 1.70 -33.79 17.00
CA CYS I 42 2.08 -34.90 16.16
C CYS I 42 2.52 -34.42 14.77
N HIS I 43 3.34 -35.24 14.12
CA HIS I 43 3.68 -35.04 12.72
C HIS I 43 3.99 -36.39 12.11
N MET I 44 3.30 -36.73 11.02
CA MET I 44 3.34 -38.08 10.48
C MET I 44 3.78 -38.06 9.02
N SER I 45 4.50 -39.11 8.63
CA SER I 45 4.85 -39.36 7.24
C SER I 45 4.47 -40.80 6.90
N GLU I 46 3.80 -40.97 5.78
CA GLU I 46 3.26 -42.25 5.34
C GLU I 46 3.91 -42.67 4.03
N SER I 47 3.89 -43.98 3.77
CA SER I 47 4.46 -44.49 2.53
C SER I 47 3.86 -45.84 2.19
N TYR I 48 3.77 -46.11 0.89
CA TYR I 48 3.40 -47.41 0.37
C TYR I 48 4.34 -47.90 -0.71
N ILE I 49 5.26 -47.05 -1.18
CA ILE I 49 5.91 -47.30 -2.48
C ILE I 49 6.51 -48.69 -2.55
N ASP I 50 6.93 -49.25 -1.43
CA ASP I 50 7.73 -50.46 -1.49
C ASP I 50 6.91 -51.73 -1.65
N ARG I 51 5.59 -51.67 -1.59
CA ARG I 51 4.67 -52.80 -1.42
C ARG I 51 4.32 -53.07 0.04
N ASN I 52 4.86 -52.34 1.02
CA ASN I 52 4.56 -52.54 2.43
C ASN I 52 4.20 -51.20 3.06
N ALA I 53 3.07 -51.16 3.75
CA ALA I 53 2.58 -49.88 4.28
C ALA I 53 3.45 -49.46 5.45
N ASN I 54 3.65 -48.15 5.60
CA ASN I 54 4.53 -47.68 6.66
C ASN I 54 4.14 -46.27 7.07
N ILE I 55 4.32 -45.99 8.36
CA ILE I 55 3.94 -44.71 8.94
C ILE I 55 4.88 -44.41 10.10
N VAL I 56 5.57 -43.27 10.04
CA VAL I 56 6.38 -42.80 11.15
C VAL I 56 5.74 -41.52 11.66
N LEU I 57 5.31 -41.53 12.92
CA LEU I 57 4.71 -40.35 13.53
C LEU I 57 5.50 -39.96 14.76
N THR I 58 5.90 -38.69 14.80
CA THR I 58 6.72 -38.13 15.86
C THR I 58 5.85 -37.23 16.70
N GLY I 59 5.86 -37.43 18.00
CA GLY I 59 4.93 -36.78 18.88
C GLY I 59 5.53 -36.23 20.14
N TYR I 60 5.01 -36.69 21.28
CA TYR I 60 5.25 -35.98 22.53
C TYR I 60 6.67 -36.16 23.03
N GLY I 61 7.18 -37.38 23.01
CA GLY I 61 8.58 -37.57 23.27
C GLY I 61 9.18 -38.76 22.53
N LEU I 62 8.42 -39.33 21.60
CA LEU I 62 8.88 -40.53 20.93
C LEU I 62 8.41 -40.51 19.48
N GLU I 63 9.14 -41.25 18.65
CA GLU I 63 8.71 -41.51 17.28
C GLU I 63 8.31 -42.98 17.18
N ILE I 64 7.13 -43.22 16.61
CA ILE I 64 6.58 -44.55 16.43
C ILE I 64 6.61 -44.87 14.95
N ASN I 65 7.17 -46.03 14.61
CA ASN I 65 7.42 -46.45 13.24
C ASN I 65 6.71 -47.78 13.03
N MET I 66 5.59 -47.76 12.31
CA MET I 66 4.76 -48.94 12.09
C MET I 66 4.82 -49.35 10.64
N THR I 67 4.82 -50.66 10.41
CA THR I 67 4.93 -51.21 9.06
C THR I 67 4.09 -52.47 8.96
N ILE I 68 3.37 -52.59 7.85
CA ILE I 68 2.55 -53.76 7.54
C ILE I 68 3.12 -54.41 6.29
N MET I 69 3.35 -55.71 6.36
CA MET I 69 3.91 -56.48 5.25
C MET I 69 2.77 -57.12 4.46
N ASP I 70 2.81 -56.97 3.13
CA ASP I 70 1.77 -57.50 2.24
C ASP I 70 0.40 -56.92 2.60
N THR I 71 0.24 -55.62 2.35
CA THR I 71 -0.83 -54.85 2.98
C THR I 71 -2.04 -54.61 2.08
N ASP I 72 -1.85 -54.06 0.88
CA ASP I 72 -2.95 -53.52 0.08
C ASP I 72 -3.72 -52.43 0.83
N GLN I 73 -3.06 -51.76 1.78
CA GLN I 73 -3.63 -50.62 2.46
C GLN I 73 -2.56 -49.57 2.65
N ARG I 74 -2.98 -48.31 2.74
CA ARG I 74 -2.06 -47.20 2.98
C ARG I 74 -2.65 -46.28 4.01
N PHE I 75 -1.80 -45.77 4.90
CA PHE I 75 -2.33 -45.04 6.05
C PHE I 75 -2.85 -43.68 5.62
N VAL I 76 -4.16 -43.52 5.69
CA VAL I 76 -4.78 -42.26 5.30
C VAL I 76 -4.49 -41.18 6.31
N ALA I 77 -4.61 -41.50 7.60
CA ALA I 77 -4.37 -40.49 8.63
C ALA I 77 -4.15 -41.16 9.97
N ALA I 78 -4.01 -40.35 11.02
CA ALA I 78 -3.80 -40.84 12.37
C ALA I 78 -4.23 -39.77 13.36
N ALA I 79 -4.32 -40.17 14.62
CA ALA I 79 -4.73 -39.29 15.71
C ALA I 79 -4.00 -39.71 16.97
N GLU I 80 -3.70 -38.73 17.82
CA GLU I 80 -2.92 -38.99 19.03
C GLU I 80 -3.50 -38.19 20.19
N GLY I 81 -3.58 -38.84 21.34
CA GLY I 81 -4.07 -38.17 22.54
C GLY I 81 -3.43 -38.76 23.78
N VAL I 82 -3.59 -38.05 24.89
CA VAL I 82 -3.00 -38.45 26.17
C VAL I 82 -4.10 -38.52 27.21
N GLY I 83 -4.08 -39.60 27.99
CA GLY I 83 -5.11 -39.81 28.98
C GLY I 83 -4.60 -39.60 30.39
N LYS I 84 -4.95 -40.50 31.30
CA LYS I 84 -4.53 -40.40 32.69
C LYS I 84 -3.41 -41.38 32.97
N ASP I 85 -2.44 -40.95 33.77
CA ASP I 85 -1.34 -41.79 34.23
C ASP I 85 -0.33 -42.06 33.11
N ASN I 86 -0.02 -41.02 32.33
CA ASN I 86 1.07 -41.06 31.35
C ASN I 86 0.89 -42.24 30.38
N LYS I 87 -0.21 -42.17 29.65
CA LYS I 87 -0.49 -43.08 28.55
C LYS I 87 -0.67 -42.26 27.29
N LEU I 88 -0.29 -42.84 26.16
CA LEU I 88 -0.34 -42.15 24.87
C LEU I 88 -1.05 -43.06 23.88
N SER I 89 -2.23 -42.67 23.43
CA SER I 89 -3.04 -43.50 22.54
C SER I 89 -2.98 -42.94 21.13
N VAL I 90 -2.67 -43.81 20.17
CA VAL I 90 -2.56 -43.45 18.77
C VAL I 90 -3.55 -44.31 17.99
N LEU I 91 -4.48 -43.64 17.31
CA LEU I 91 -5.36 -44.28 16.35
C LEU I 91 -4.78 -44.10 14.95
N LEU I 92 -4.97 -45.09 14.08
CA LEU I 92 -4.40 -45.11 12.75
C LEU I 92 -5.48 -45.50 11.77
N PHE I 93 -5.76 -44.63 10.80
CA PHE I 93 -6.82 -44.83 9.82
C PHE I 93 -6.19 -45.16 8.49
N THR I 94 -6.48 -46.36 7.98
CA THR I 94 -6.01 -46.87 6.71
C THR I 94 -7.16 -46.86 5.70
N THR I 95 -6.81 -47.02 4.42
CA THR I 95 -7.78 -46.78 3.35
C THR I 95 -8.96 -47.76 3.43
N GLN I 96 -8.71 -49.02 3.14
CA GLN I 96 -9.80 -49.98 3.04
C GLN I 96 -9.20 -51.38 3.05
N ARG I 97 -10.00 -52.33 3.48
CA ARG I 97 -9.58 -53.71 3.66
C ARG I 97 -10.07 -54.53 2.48
N LEU I 98 -9.13 -55.09 1.71
CA LEU I 98 -9.48 -55.88 0.54
C LEU I 98 -9.51 -57.38 0.81
N ASP I 99 -8.82 -57.85 1.84
CA ASP I 99 -8.66 -59.27 2.07
C ASP I 99 -8.52 -59.52 3.56
N LYS I 100 -8.68 -60.78 3.95
CA LYS I 100 -8.51 -61.23 5.33
C LYS I 100 -7.34 -62.20 5.34
N VAL I 101 -6.15 -61.71 5.71
CA VAL I 101 -4.95 -62.55 5.66
C VAL I 101 -4.14 -62.45 6.94
N HIS I 102 -4.47 -61.51 7.82
CA HIS I 102 -3.76 -61.36 9.10
C HIS I 102 -2.27 -61.06 8.88
N HIS I 103 -2.00 -59.86 8.39
CA HIS I 103 -0.64 -59.47 8.07
C HIS I 103 0.24 -59.47 9.32
N ASN I 104 1.54 -59.61 9.09
CA ASN I 104 2.51 -59.33 10.14
C ASN I 104 2.63 -57.83 10.32
N ILE I 105 3.29 -57.43 11.42
CA ILE I 105 3.49 -56.02 11.71
C ILE I 105 4.85 -55.81 12.36
N SER I 106 5.44 -54.65 12.11
CA SER I 106 6.70 -54.26 12.73
C SER I 106 6.55 -52.87 13.32
N VAL I 107 6.85 -52.73 14.61
CA VAL I 107 6.72 -51.45 15.29
C VAL I 107 8.01 -51.16 16.05
N THR I 108 8.52 -49.95 15.88
CA THR I 108 9.68 -49.48 16.63
C THR I 108 9.33 -48.16 17.31
N ILE I 109 9.63 -48.08 18.60
CA ILE I 109 9.38 -46.89 19.40
C ILE I 109 10.72 -46.35 19.86
N THR I 110 11.07 -45.16 19.40
CA THR I 110 12.34 -44.55 19.76
C THR I 110 12.07 -43.33 20.63
N CYS I 111 12.69 -43.30 21.81
CA CYS I 111 12.53 -42.20 22.74
C CYS I 111 13.43 -41.05 22.30
N MET I 112 12.84 -39.89 22.06
CA MET I 112 13.57 -38.72 21.60
C MET I 112 13.67 -37.64 22.66
N GLU I 113 13.24 -37.91 23.88
CA GLU I 113 13.27 -36.88 24.91
C GLU I 113 13.08 -37.55 26.27
N MET I 114 13.99 -37.26 27.19
CA MET I 114 13.97 -37.55 28.61
C MET I 114 14.43 -38.97 28.97
N ASN I 115 14.56 -39.92 28.03
CA ASN I 115 15.19 -41.17 28.41
C ASN I 115 15.97 -41.83 27.27
N CYS I 116 16.58 -41.06 26.38
CA CYS I 116 17.20 -41.65 25.20
C CYS I 116 18.08 -42.83 25.59
N GLY I 117 18.42 -43.64 24.58
CA GLY I 117 19.27 -44.78 24.82
C GLY I 117 19.40 -45.63 23.58
N THR I 118 20.04 -46.78 23.76
CA THR I 118 20.17 -47.77 22.72
C THR I 118 19.05 -48.80 22.84
N THR I 119 19.11 -49.85 22.01
CA THR I 119 18.03 -50.82 21.93
C THR I 119 17.91 -51.60 23.22
N LYS I 120 16.70 -51.67 23.77
CA LYS I 120 16.43 -52.38 25.01
C LYS I 120 15.44 -53.52 24.84
N TYR I 121 14.96 -53.79 23.63
CA TYR I 121 14.01 -54.87 23.41
C TYR I 121 13.96 -55.17 21.92
N ASP I 122 14.11 -56.45 21.56
CA ASP I 122 14.10 -56.83 20.16
C ASP I 122 13.42 -58.18 19.93
N SER I 123 12.36 -58.49 20.67
CA SER I 123 11.66 -59.75 20.53
C SER I 123 10.37 -59.53 19.72
N ASP I 124 9.61 -60.60 19.49
CA ASP I 124 8.39 -60.56 18.71
C ASP I 124 7.24 -61.12 19.52
N LEU I 125 6.04 -60.57 19.27
CA LEU I 125 4.87 -60.90 20.07
C LEU I 125 4.04 -61.96 19.36
N PRO I 126 3.70 -63.08 20.00
CA PRO I 126 3.10 -64.18 19.25
C PRO I 126 1.65 -63.92 18.87
N GLU I 127 0.85 -63.36 19.78
CA GLU I 127 -0.56 -63.06 19.49
C GLU I 127 -1.35 -64.34 19.17
N SER I 128 -1.45 -65.20 20.17
CA SER I 128 -2.21 -66.45 20.03
C SER I 128 -3.69 -66.28 20.31
N ILE I 129 -4.23 -65.06 20.22
CA ILE I 129 -5.68 -64.89 20.26
C ILE I 129 -6.31 -65.68 19.12
N HIS I 130 -5.70 -65.61 17.94
CA HIS I 130 -5.92 -66.56 16.88
C HIS I 130 -4.66 -67.30 16.47
N HIS I 131 -3.49 -66.78 16.80
CA HIS I 131 -2.22 -67.45 16.49
C HIS I 131 -2.01 -67.57 14.99
N LYS I 132 -2.03 -66.42 14.30
CA LYS I 132 -1.78 -66.40 12.87
C LYS I 132 -0.74 -65.35 12.51
N SER I 133 -0.66 -64.27 13.28
CA SER I 133 0.19 -63.13 12.96
C SER I 133 1.16 -62.86 14.11
N SER I 134 2.30 -62.27 13.78
CA SER I 134 3.31 -61.90 14.76
C SER I 134 3.77 -60.48 14.51
N CYS I 135 3.99 -59.73 15.58
CA CYS I 135 4.48 -58.35 15.51
C CYS I 135 5.85 -58.28 16.15
N ASP I 136 6.78 -57.60 15.47
CA ASP I 136 8.14 -57.44 15.99
C ASP I 136 8.30 -56.03 16.53
N ILE I 137 8.65 -55.94 17.83
CA ILE I 137 8.76 -54.66 18.53
C ILE I 137 10.23 -54.39 18.77
N THR I 138 10.66 -53.18 18.45
CA THR I 138 11.99 -52.71 18.82
C THR I 138 11.87 -51.38 19.55
N ILE I 139 12.34 -51.34 20.80
CA ILE I 139 12.25 -50.17 21.64
C ILE I 139 13.65 -49.63 21.85
N ASN I 140 13.86 -48.37 21.48
CA ASN I 140 15.09 -47.67 21.79
C ASN I 140 14.80 -46.65 22.87
N GLY I 141 15.50 -46.76 23.99
CA GLY I 141 15.30 -45.93 25.14
C GLY I 141 14.72 -46.72 26.29
N SER I 142 14.41 -45.99 27.37
CA SER I 142 13.73 -46.56 28.53
C SER I 142 12.41 -45.86 28.82
N CYS I 143 11.86 -45.13 27.86
CA CYS I 143 10.62 -44.38 28.06
C CYS I 143 9.40 -45.22 27.73
N VAL I 144 9.36 -46.45 28.24
CA VAL I 144 8.24 -47.34 27.95
C VAL I 144 7.97 -48.20 29.16
N THR I 145 6.70 -48.27 29.54
CA THR I 145 6.23 -49.19 30.57
C THR I 145 5.17 -50.15 30.05
N CYS I 146 4.40 -49.77 29.04
CA CYS I 146 3.43 -50.68 28.43
C CYS I 146 3.40 -50.47 26.93
N VAL I 147 3.06 -51.51 26.18
CA VAL I 147 2.76 -51.38 24.77
C VAL I 147 1.60 -52.32 24.45
N ASN I 148 0.50 -51.77 23.93
CA ASN I 148 -0.64 -52.56 23.51
C ASN I 148 -1.02 -52.16 22.09
N LEU I 149 -1.38 -53.14 21.26
CA LEU I 149 -1.69 -52.91 19.86
C LEU I 149 -2.90 -53.74 19.50
N GLU I 150 -4.00 -53.08 19.13
CA GLU I 150 -5.22 -53.74 18.71
C GLU I 150 -5.44 -53.44 17.24
N THR I 151 -5.35 -54.48 16.41
CA THR I 151 -5.56 -54.37 14.97
C THR I 151 -6.95 -54.89 14.62
N ASP I 152 -7.62 -54.18 13.72
CA ASP I 152 -8.99 -54.50 13.35
C ASP I 152 -9.86 -54.42 14.58
N PRO I 153 -9.93 -53.26 15.22
CA PRO I 153 -10.69 -53.14 16.47
C PRO I 153 -12.19 -53.15 16.23
N THR I 154 -12.92 -53.41 17.31
CA THR I 154 -14.38 -53.36 17.29
C THR I 154 -14.94 -52.28 18.20
N LYS I 155 -14.09 -51.56 18.94
CA LYS I 155 -14.53 -50.48 19.81
C LYS I 155 -14.93 -49.29 18.96
N ILE I 156 -15.25 -48.17 19.60
CA ILE I 156 -15.70 -46.97 18.88
C ILE I 156 -14.43 -46.18 18.56
N ASN I 157 -13.80 -46.57 17.45
CA ASN I 157 -12.66 -45.80 16.95
C ASN I 157 -13.01 -44.34 16.69
N PRO I 158 -14.12 -44.02 16.03
CA PRO I 158 -14.29 -42.64 15.55
C PRO I 158 -14.27 -41.63 16.69
N HIS I 159 -13.27 -40.76 16.65
CA HIS I 159 -13.19 -39.60 17.52
C HIS I 159 -14.07 -38.51 16.94
N TYR I 160 -14.95 -37.94 17.77
CA TYR I 160 -15.87 -36.92 17.32
C TYR I 160 -16.53 -37.34 16.00
N LEU I 161 -17.13 -38.53 16.01
CA LEU I 161 -17.78 -39.06 14.82
C LEU I 161 -18.68 -38.00 14.18
N HIS I 162 -18.33 -37.52 12.98
CA HIS I 162 -17.12 -37.74 12.19
C HIS I 162 -16.60 -36.42 11.67
N PRO I 163 -15.33 -36.37 11.23
CA PRO I 163 -14.82 -35.14 10.64
C PRO I 163 -15.76 -34.62 9.55
N LYS I 164 -15.62 -33.34 9.20
CA LYS I 164 -16.70 -32.65 8.48
C LYS I 164 -17.16 -33.42 7.25
N ASP I 165 -16.23 -34.02 6.51
CA ASP I 165 -16.56 -34.64 5.23
C ASP I 165 -16.24 -36.13 5.15
N LYS I 166 -15.24 -36.62 5.90
CA LYS I 166 -14.78 -37.98 5.71
C LYS I 166 -15.79 -38.98 6.24
N TYR I 167 -15.77 -40.18 5.68
CA TYR I 167 -16.59 -41.30 6.14
C TYR I 167 -15.67 -42.34 6.75
N LEU I 168 -16.12 -42.96 7.84
CA LEU I 168 -15.29 -43.85 8.62
C LEU I 168 -16.00 -45.19 8.80
N TYR I 169 -15.25 -46.27 8.66
CA TYR I 169 -15.75 -47.62 8.84
C TYR I 169 -14.94 -48.31 9.92
N ARG I 170 -15.52 -49.35 10.51
CA ARG I 170 -14.86 -50.08 11.57
C ARG I 170 -15.25 -51.54 11.49
N ASN I 171 -14.28 -52.42 11.70
CA ASN I 171 -14.55 -53.85 11.62
C ASN I 171 -15.57 -54.25 12.67
N SER I 172 -16.46 -55.17 12.29
CA SER I 172 -17.48 -55.69 13.18
C SER I 172 -17.51 -57.21 13.19
N GLU I 173 -16.42 -57.86 12.83
CA GLU I 173 -16.31 -59.31 12.83
C GLU I 173 -15.21 -59.71 13.79
N TYR I 174 -15.58 -60.47 14.83
CA TYR I 174 -14.63 -60.78 15.89
C TYR I 174 -13.46 -61.60 15.37
N GLY I 175 -13.63 -62.32 14.27
CA GLY I 175 -12.58 -63.20 13.80
C GLY I 175 -11.33 -62.49 13.31
N MET I 176 -11.39 -61.19 13.09
CA MET I 176 -10.27 -60.47 12.48
C MET I 176 -9.50 -59.58 13.46
N ARG I 177 -10.04 -59.30 14.64
CA ARG I 177 -9.31 -58.48 15.58
C ARG I 177 -8.12 -59.27 16.14
N GLY I 178 -7.02 -58.56 16.36
CA GLY I 178 -5.85 -59.16 16.99
C GLY I 178 -5.27 -58.20 18.01
N SER I 179 -4.72 -58.78 19.07
CA SER I 179 -4.15 -57.99 20.16
C SER I 179 -2.72 -58.46 20.43
N TYR I 180 -1.79 -57.52 20.41
CA TYR I 180 -0.39 -57.74 20.76
C TYR I 180 -0.07 -56.89 21.98
N GLY I 181 0.66 -57.46 22.94
CA GLY I 181 0.93 -56.74 24.18
C GLY I 181 2.26 -57.12 24.77
N VAL I 182 2.90 -56.13 25.39
CA VAL I 182 4.12 -56.36 26.17
C VAL I 182 4.20 -55.32 27.26
N THR I 183 4.36 -55.77 28.50
CA THR I 183 4.45 -54.89 29.66
C THR I 183 5.67 -55.25 30.47
N PHE I 184 6.33 -54.21 31.01
CA PHE I 184 7.48 -54.37 31.88
C PHE I 184 7.17 -54.14 33.35
N MET I 185 6.13 -53.37 33.66
CA MET I 185 5.63 -53.25 35.01
C MET I 185 4.78 -54.47 35.34
N ASP I 186 4.03 -54.41 36.44
CA ASP I 186 3.26 -55.55 36.93
C ASP I 186 1.76 -55.36 36.65
N GLU I 187 1.19 -56.32 35.94
CA GLU I 187 -0.26 -56.42 35.68
C GLU I 187 -0.89 -55.05 35.39
N LEU I 188 -0.48 -54.47 34.26
CA LEU I 188 -1.07 -53.23 33.75
C LEU I 188 -2.01 -53.49 32.57
N ASN I 189 -2.69 -54.64 32.58
CA ASN I 189 -3.54 -55.01 31.47
C ASN I 189 -4.65 -53.97 31.26
N GLN I 190 -5.07 -53.82 30.01
CA GLN I 190 -5.99 -52.74 29.61
C GLN I 190 -5.33 -51.39 29.91
N CYS I 191 -4.22 -51.14 29.24
CA CYS I 191 -3.33 -50.06 29.64
C CYS I 191 -4.03 -48.69 29.62
N PHE I 192 -5.22 -48.59 29.04
CA PHE I 192 -5.93 -47.31 29.04
C PHE I 192 -7.26 -47.49 28.30
N LEU I 193 -8.22 -46.61 28.60
CA LEU I 193 -9.56 -46.69 28.06
C LEU I 193 -9.84 -45.48 27.19
N ASP I 194 -10.69 -45.68 26.18
CA ASP I 194 -10.79 -44.71 25.09
C ASP I 194 -11.45 -43.41 25.53
N ILE I 195 -12.71 -43.47 25.93
CA ILE I 195 -13.50 -42.26 26.12
C ILE I 195 -13.17 -41.69 27.49
N LYS I 196 -12.31 -40.67 27.51
CA LYS I 196 -11.96 -39.93 28.73
C LYS I 196 -11.64 -38.52 28.28
N GLU I 197 -10.91 -37.77 29.11
CA GLU I 197 -10.51 -36.42 28.74
C GLU I 197 -9.64 -36.41 27.49
N VAL I 198 -9.37 -37.60 26.92
CA VAL I 198 -8.66 -37.69 25.67
C VAL I 198 -9.21 -36.66 24.70
N SER I 199 -8.31 -35.85 24.13
CA SER I 199 -8.75 -34.80 23.22
C SER I 199 -8.74 -35.29 21.77
N TYR I 200 -7.71 -36.03 21.40
CA TYR I 200 -7.61 -36.62 20.07
C TYR I 200 -7.61 -35.54 18.99
N ASP I 201 -6.54 -34.76 18.97
CA ASP I 201 -6.29 -33.83 17.87
C ASP I 201 -5.72 -34.57 16.68
N ILE I 202 -6.14 -34.19 15.49
CA ILE I 202 -5.72 -34.90 14.29
C ILE I 202 -4.21 -34.85 14.16
N CYS I 203 -3.65 -35.94 13.63
CA CYS I 203 -2.20 -36.16 13.63
C CYS I 203 -1.64 -35.68 12.31
N TYR I 204 -1.52 -34.36 12.17
CA TYR I 204 -0.79 -33.77 11.05
C TYR I 204 -0.66 -32.28 11.25
N MET J 1 -16.38 -65.71 21.32
CA MET J 1 -16.88 -66.87 20.53
C MET J 1 -17.40 -67.98 21.45
N LEU J 2 -17.26 -67.79 22.76
CA LEU J 2 -17.74 -68.76 23.74
C LEU J 2 -18.74 -68.06 24.64
N LYS J 3 -20.03 -68.37 24.45
CA LYS J 3 -21.10 -67.86 25.29
C LYS J 3 -21.56 -68.98 26.22
N ILE J 4 -21.75 -68.65 27.49
CA ILE J 4 -22.20 -69.62 28.48
C ILE J 4 -23.51 -69.13 29.08
N GLN J 5 -24.50 -70.02 29.10
CA GLN J 5 -25.79 -69.76 29.72
C GLN J 5 -25.94 -70.70 30.91
N ALA J 6 -26.41 -70.16 32.03
CA ALA J 6 -26.59 -70.94 33.25
C ALA J 6 -27.98 -70.68 33.81
N TYR J 7 -28.55 -71.70 34.46
CA TYR J 7 -29.85 -71.54 35.08
C TYR J 7 -29.76 -70.56 36.24
N PHE J 8 -30.92 -70.10 36.71
CA PHE J 8 -30.97 -69.04 37.72
C PHE J 8 -30.11 -69.41 38.91
N ASN J 9 -29.15 -68.54 39.23
CA ASN J 9 -28.30 -68.70 40.41
C ASN J 9 -27.61 -70.06 40.41
N GLU J 10 -27.21 -70.52 39.23
CA GLU J 10 -26.42 -71.73 39.08
C GLU J 10 -24.93 -71.36 39.11
N THR J 11 -24.07 -72.37 39.25
CA THR J 11 -22.63 -72.15 39.22
C THR J 11 -22.15 -71.96 37.77
N ALA J 12 -21.01 -71.29 37.63
CA ALA J 12 -20.46 -70.94 36.33
C ALA J 12 -19.03 -71.44 36.19
N ASP J 13 -18.64 -71.75 34.95
CA ASP J 13 -17.29 -72.17 34.63
C ASP J 13 -16.76 -71.30 33.49
N LEU J 14 -15.57 -70.76 33.66
CA LEU J 14 -14.90 -69.95 32.65
C LEU J 14 -13.65 -70.67 32.19
N PRO J 15 -13.67 -71.34 31.04
CA PRO J 15 -12.44 -71.86 30.44
C PRO J 15 -11.89 -70.89 29.42
N CYS J 16 -10.60 -71.05 29.10
CA CYS J 16 -10.00 -70.23 28.05
C CYS J 16 -9.04 -71.00 27.16
N GLN J 17 -9.09 -72.34 27.17
CA GLN J 17 -8.60 -73.17 26.08
C GLN J 17 -7.24 -72.71 25.55
N PHE J 18 -6.25 -72.78 26.42
CA PHE J 18 -4.88 -72.45 26.02
C PHE J 18 -4.27 -73.66 25.30
N ALA J 19 -3.90 -73.47 24.04
CA ALA J 19 -3.37 -74.58 23.25
C ALA J 19 -2.07 -75.10 23.83
N ASN J 20 -1.18 -74.20 24.25
CA ASN J 20 0.13 -74.57 24.77
C ASN J 20 0.92 -75.36 23.73
N SER J 21 1.22 -74.69 22.62
CA SER J 21 1.96 -75.34 21.54
C SER J 21 3.39 -75.67 21.98
N GLN J 22 3.97 -74.87 22.85
CA GLN J 22 5.34 -75.09 23.32
C GLN J 22 5.44 -76.00 24.53
N ASN J 23 4.31 -76.42 25.11
CA ASN J 23 4.29 -77.30 26.27
C ASN J 23 5.04 -76.67 27.44
N GLN J 24 4.53 -75.52 27.89
CA GLN J 24 5.14 -74.79 28.99
C GLN J 24 4.46 -75.15 30.31
N SER J 25 5.01 -74.64 31.41
CA SER J 25 4.55 -74.97 32.75
C SER J 25 3.96 -73.74 33.41
N LEU J 26 3.04 -73.98 34.36
CA LEU J 26 2.38 -72.88 35.05
C LEU J 26 3.36 -72.05 35.87
N SER J 27 4.52 -72.60 36.23
CA SER J 27 5.48 -71.84 37.02
C SER J 27 6.13 -70.72 36.22
N GLU J 28 6.17 -70.83 34.90
CA GLU J 28 6.73 -69.80 34.04
C GLU J 28 5.67 -68.91 33.41
N LEU J 29 4.42 -69.06 33.80
CA LEU J 29 3.33 -68.31 33.20
C LEU J 29 2.43 -67.76 34.29
N VAL J 30 1.72 -66.68 33.98
CA VAL J 30 0.74 -66.11 34.90
C VAL J 30 -0.57 -65.91 34.15
N VAL J 31 -1.68 -66.04 34.87
CA VAL J 31 -3.00 -65.97 34.28
C VAL J 31 -3.89 -65.07 35.11
N PHE J 32 -4.55 -64.12 34.45
CA PHE J 32 -5.52 -63.23 35.07
C PHE J 32 -6.88 -63.48 34.44
N TRP J 33 -7.91 -63.48 35.26
CA TRP J 33 -9.29 -63.50 34.79
C TRP J 33 -9.95 -62.21 35.24
N GLN J 34 -10.50 -61.46 34.30
CA GLN J 34 -11.01 -60.12 34.62
C GLN J 34 -12.40 -59.92 34.05
N ASP J 35 -13.13 -58.99 34.65
CA ASP J 35 -14.51 -58.70 34.27
C ASP J 35 -14.54 -57.52 33.30
N GLN J 36 -15.74 -57.02 33.00
CA GLN J 36 -15.89 -55.96 32.02
C GLN J 36 -15.52 -54.60 32.56
N GLU J 37 -15.43 -54.42 33.87
CA GLU J 37 -15.01 -53.17 34.46
C GLU J 37 -13.52 -53.12 34.75
N ASN J 38 -12.79 -54.18 34.40
CA ASN J 38 -11.34 -54.33 34.54
C ASN J 38 -10.93 -54.72 35.95
N LEU J 39 -11.85 -55.10 36.82
CA LEU J 39 -11.49 -55.57 38.16
C LEU J 39 -11.13 -57.05 38.10
N VAL J 40 -9.98 -57.40 38.69
CA VAL J 40 -9.48 -58.76 38.59
C VAL J 40 -10.34 -59.70 39.43
N LEU J 41 -10.32 -60.97 39.07
CA LEU J 41 -10.99 -62.05 39.79
C LEU J 41 -10.04 -63.00 40.48
N ASN J 42 -8.99 -63.41 39.79
CA ASN J 42 -8.05 -64.39 40.31
C ASN J 42 -6.73 -64.20 39.61
N GLU J 43 -5.66 -64.70 40.23
CA GLU J 43 -4.32 -64.54 39.69
C GLU J 43 -3.45 -65.70 40.15
N VAL J 44 -2.75 -66.31 39.21
CA VAL J 44 -1.83 -67.40 39.51
C VAL J 44 -0.42 -66.93 39.19
N TYR J 45 0.26 -66.37 40.19
CA TYR J 45 1.59 -65.82 39.97
C TYR J 45 2.60 -66.96 40.07
N LEU J 46 3.27 -67.24 38.96
CA LEU J 46 4.28 -68.30 38.89
C LEU J 46 3.77 -69.62 39.45
N GLY J 47 2.46 -69.85 39.39
CA GLY J 47 1.87 -71.10 39.81
C GLY J 47 1.19 -71.07 41.17
N LYS J 48 1.47 -70.06 42.00
CA LYS J 48 0.86 -69.95 43.32
C LYS J 48 -0.23 -68.88 43.26
N GLU J 49 -1.39 -69.20 43.80
CA GLU J 49 -2.50 -68.26 43.75
C GLU J 49 -2.18 -67.05 44.60
N LYS J 50 -2.53 -65.87 44.09
CA LYS J 50 -2.39 -64.62 44.82
C LYS J 50 -3.74 -63.91 44.85
N PHE J 51 -4.02 -63.24 45.95
CA PHE J 51 -5.29 -62.56 46.17
C PHE J 51 -5.05 -61.16 46.72
N ASP J 52 -4.12 -60.45 46.10
CA ASP J 52 -3.73 -59.12 46.57
C ASP J 52 -4.54 -58.00 45.93
N SER J 53 -5.34 -58.29 44.90
CA SER J 53 -6.09 -57.26 44.20
C SER J 53 -7.54 -57.62 43.94
N VAL J 54 -7.95 -58.86 44.17
CA VAL J 54 -9.33 -59.24 43.93
C VAL J 54 -10.25 -58.39 44.78
N HIS J 55 -11.28 -57.82 44.17
CA HIS J 55 -12.29 -57.11 44.94
C HIS J 55 -12.99 -58.06 45.89
N SER J 56 -13.37 -57.54 47.06
CA SER J 56 -13.89 -58.40 48.12
C SER J 56 -15.04 -59.27 47.62
N LYS J 57 -15.90 -58.71 46.77
CA LYS J 57 -17.05 -59.48 46.28
C LYS J 57 -16.60 -60.79 45.65
N TYR J 58 -15.45 -60.80 44.98
CA TYR J 58 -14.97 -61.98 44.31
C TYR J 58 -14.05 -62.84 45.18
N MET J 59 -13.82 -62.44 46.43
CA MET J 59 -12.90 -63.19 47.28
C MET J 59 -13.51 -64.53 47.67
N GLY J 60 -12.73 -65.59 47.48
CA GLY J 60 -13.16 -66.91 47.89
C GLY J 60 -14.14 -67.58 46.95
N ARG J 61 -14.96 -66.78 46.25
CA ARG J 61 -15.97 -67.33 45.36
C ARG J 61 -15.39 -68.05 44.16
N THR J 62 -14.12 -67.83 43.85
CA THR J 62 -13.48 -68.40 42.68
C THR J 62 -12.51 -69.50 43.08
N SER J 63 -12.47 -70.55 42.28
CA SER J 63 -11.52 -71.64 42.51
C SER J 63 -10.89 -72.03 41.18
N PHE J 64 -9.71 -72.64 41.28
CA PHE J 64 -8.89 -72.96 40.11
C PHE J 64 -8.61 -74.45 40.06
N ASP J 65 -8.43 -74.97 38.84
CA ASP J 65 -8.05 -76.35 38.61
C ASP J 65 -6.86 -76.39 37.67
N SER J 66 -5.91 -77.28 37.95
CA SER J 66 -4.66 -77.29 37.21
C SER J 66 -4.85 -77.85 35.80
N ASP J 67 -5.36 -79.08 35.71
CA ASP J 67 -5.39 -79.76 34.41
C ASP J 67 -6.36 -79.07 33.46
N SER J 68 -7.49 -78.58 33.97
CA SER J 68 -8.53 -78.06 33.09
C SER J 68 -8.35 -76.59 32.75
N TRP J 69 -7.50 -75.86 33.49
CA TRP J 69 -7.27 -74.44 33.24
C TRP J 69 -8.58 -73.66 33.22
N THR J 70 -9.48 -74.00 34.14
CA THR J 70 -10.82 -73.43 34.19
C THR J 70 -11.05 -72.78 35.54
N LEU J 71 -11.74 -71.63 35.53
CA LEU J 71 -12.07 -70.92 36.75
C LEU J 71 -13.53 -71.22 37.11
N ARG J 72 -13.75 -71.70 38.32
CA ARG J 72 -15.09 -72.08 38.78
C ARG J 72 -15.59 -70.98 39.69
N LEU J 73 -16.74 -70.38 39.33
CA LEU J 73 -17.33 -69.26 40.04
C LEU J 73 -18.66 -69.69 40.62
N HIS J 74 -18.88 -69.40 41.90
CA HIS J 74 -20.12 -69.72 42.61
C HIS J 74 -20.99 -68.48 42.73
N ASN J 75 -22.19 -68.67 43.27
CA ASN J 75 -23.04 -67.58 43.72
C ASN J 75 -23.30 -66.57 42.60
N LEU J 76 -23.95 -67.04 41.55
CA LEU J 76 -24.30 -66.16 40.44
C LEU J 76 -25.38 -65.18 40.88
N GLN J 77 -25.43 -64.05 40.18
CA GLN J 77 -26.44 -63.02 40.43
C GLN J 77 -26.95 -62.51 39.09
N ILE J 78 -28.15 -61.93 39.12
CA ILE J 78 -28.71 -61.37 37.89
C ILE J 78 -27.85 -60.24 37.37
N LYS J 79 -27.20 -59.50 38.27
CA LYS J 79 -26.40 -58.34 37.90
C LYS J 79 -24.96 -58.68 37.58
N ASP J 80 -24.58 -59.96 37.58
CA ASP J 80 -23.23 -60.38 37.22
C ASP J 80 -23.10 -60.79 35.77
N LYS J 81 -24.13 -60.60 34.95
CA LYS J 81 -24.02 -60.91 33.54
C LYS J 81 -23.07 -59.93 32.86
N GLY J 82 -22.27 -60.45 31.93
CA GLY J 82 -21.35 -59.60 31.19
C GLY J 82 -20.23 -60.42 30.57
N LEU J 83 -19.15 -59.71 30.23
CA LEU J 83 -18.00 -60.31 29.56
C LEU J 83 -16.88 -60.56 30.56
N TYR J 84 -16.10 -61.60 30.28
CA TYR J 84 -14.95 -61.98 31.08
C TYR J 84 -13.81 -62.38 30.16
N GLN J 85 -12.58 -62.17 30.63
CA GLN J 85 -11.39 -62.35 29.81
C GLN J 85 -10.34 -63.15 30.57
N CYS J 86 -9.62 -63.99 29.82
CA CYS J 86 -8.57 -64.87 30.33
C CYS J 86 -7.25 -64.43 29.70
N ILE J 87 -6.55 -63.52 30.36
CA ILE J 87 -5.29 -63.00 29.85
C ILE J 87 -4.17 -63.86 30.40
N ILE J 88 -3.25 -64.28 29.55
CA ILE J 88 -2.10 -65.07 29.96
C ILE J 88 -0.82 -64.35 29.58
N HIS J 89 0.11 -64.26 30.51
CA HIS J 89 1.41 -63.64 30.29
C HIS J 89 2.52 -64.64 30.52
N HIS J 90 3.60 -64.49 29.76
CA HIS J 90 4.78 -65.34 29.84
C HIS J 90 5.93 -64.51 30.42
N LYS J 91 6.27 -64.78 31.68
CA LYS J 91 7.17 -63.92 32.46
C LYS J 91 8.62 -64.28 32.15
N LYS J 92 9.12 -63.75 31.05
CA LYS J 92 10.52 -63.86 30.71
C LYS J 92 11.34 -62.89 31.55
N PRO J 93 12.67 -63.08 31.60
CA PRO J 93 13.49 -62.15 32.37
C PRO J 93 13.33 -60.70 31.96
N THR J 94 13.14 -60.43 30.67
CA THR J 94 13.06 -59.05 30.20
C THR J 94 11.70 -58.43 30.51
N GLY J 95 10.62 -59.11 30.13
CA GLY J 95 9.30 -58.58 30.36
C GLY J 95 8.25 -59.65 30.14
N MET J 96 7.00 -59.25 30.29
CA MET J 96 5.86 -60.13 30.13
C MET J 96 5.22 -59.90 28.76
N ILE J 97 5.09 -60.98 27.98
CA ILE J 97 4.48 -60.93 26.66
C ILE J 97 3.20 -61.74 26.69
N ARG J 98 2.13 -61.17 26.15
CA ARG J 98 0.80 -61.79 26.20
C ARG J 98 0.70 -62.86 25.13
N ILE J 99 0.51 -64.11 25.55
CA ILE J 99 0.48 -65.23 24.62
C ILE J 99 -0.87 -65.93 24.61
N HIS J 100 -1.90 -65.36 25.22
CA HIS J 100 -3.24 -65.87 25.02
C HIS J 100 -4.27 -64.94 25.64
N GLN J 101 -5.42 -64.83 24.98
CA GLN J 101 -6.55 -64.06 25.46
C GLN J 101 -7.80 -64.65 24.86
N MET J 102 -8.80 -64.93 25.70
CA MET J 102 -10.05 -65.51 25.25
C MET J 102 -11.20 -64.78 25.92
N ASN J 103 -12.15 -64.31 25.12
CA ASN J 103 -13.30 -63.60 25.64
C ASN J 103 -14.49 -64.54 25.76
N SER J 104 -15.20 -64.42 26.88
CA SER J 104 -16.38 -65.23 27.14
C SER J 104 -17.48 -64.32 27.68
N GLU J 105 -18.73 -64.74 27.51
CA GLU J 105 -19.87 -63.98 27.98
C GLU J 105 -20.80 -64.88 28.78
N LEU J 106 -21.34 -64.36 29.88
CA LEU J 106 -22.25 -65.11 30.72
C LEU J 106 -23.48 -64.28 31.05
N SER J 107 -24.64 -64.93 31.10
CA SER J 107 -25.91 -64.31 31.41
C SER J 107 -26.70 -65.18 32.37
N VAL J 108 -27.75 -64.59 32.95
CA VAL J 108 -28.60 -65.26 33.92
C VAL J 108 -30.06 -65.06 33.55
N LEU J 109 -30.91 -65.93 34.08
CA LEU J 109 -32.34 -65.84 33.83
C LEU J 109 -32.89 -64.53 34.35
N ALA J 110 -33.88 -63.98 33.64
CA ALA J 110 -34.46 -62.70 33.99
C ALA J 110 -35.93 -62.61 33.60
N THR K 9 19.39 -44.40 28.42
CA THR K 9 20.27 -43.71 29.36
C THR K 9 21.59 -43.34 28.71
N ILE K 10 21.96 -44.08 27.67
CA ILE K 10 23.29 -43.92 27.10
C ILE K 10 23.49 -42.51 26.53
N CYS K 11 22.43 -41.90 26.02
CA CYS K 11 22.57 -40.72 25.18
C CYS K 11 21.68 -39.57 25.65
N PRO K 12 22.04 -38.34 25.33
CA PRO K 12 21.06 -37.25 25.33
C PRO K 12 20.51 -37.01 23.92
N PRO K 13 19.29 -36.47 23.81
CA PRO K 13 18.63 -36.40 22.48
C PRO K 13 19.31 -35.51 21.45
N ARG K 14 19.83 -34.35 21.85
CA ARG K 14 20.39 -33.35 20.91
C ARG K 14 19.30 -32.67 20.09
N GLN K 15 18.30 -32.13 20.79
CA GLN K 15 17.11 -31.54 20.19
C GLN K 15 17.37 -30.07 19.87
N ASP K 16 16.34 -29.37 19.38
CA ASP K 16 16.40 -27.92 19.25
C ASP K 16 16.19 -27.23 20.59
N TYR K 17 14.97 -27.33 21.12
CA TYR K 17 14.60 -26.70 22.38
C TYR K 17 13.91 -27.73 23.25
N ARG K 18 14.19 -27.68 24.55
CA ARG K 18 13.81 -28.74 25.46
C ARG K 18 12.60 -28.32 26.29
N TYR K 19 11.64 -29.24 26.43
CA TYR K 19 10.56 -29.06 27.38
C TYR K 19 10.97 -29.46 28.79
N TRP K 20 12.03 -30.24 28.94
CA TRP K 20 12.41 -30.81 30.23
C TRP K 20 13.67 -30.16 30.77
N TYR K 21 13.62 -29.71 32.03
CA TYR K 21 14.67 -28.94 32.68
C TYR K 21 15.19 -29.65 33.93
N PHE K 22 16.22 -29.05 34.54
CA PHE K 22 16.83 -29.51 35.79
C PHE K 22 17.33 -28.25 36.51
N ALA K 23 18.36 -28.39 37.37
CA ALA K 23 18.83 -27.20 38.09
C ALA K 23 20.31 -27.28 38.49
N ALA K 24 20.91 -26.08 38.69
CA ALA K 24 22.20 -25.85 39.33
C ALA K 24 22.48 -24.35 39.45
N GLU K 25 22.90 -23.82 40.61
CA GLU K 25 22.86 -22.37 40.82
C GLU K 25 24.19 -21.81 41.29
N LEU K 26 24.37 -20.50 41.15
CA LEU K 26 25.54 -19.84 41.71
C LEU K 26 25.25 -18.35 41.87
N THR K 27 26.09 -17.69 42.66
CA THR K 27 25.90 -16.28 43.00
C THR K 27 27.25 -15.59 43.09
N ILE K 28 27.32 -14.39 42.51
CA ILE K 28 28.55 -13.60 42.43
C ILE K 28 28.29 -12.27 43.13
N GLY K 29 29.13 -11.93 44.09
CA GLY K 29 29.00 -10.68 44.81
C GLY K 29 30.01 -9.68 44.35
N VAL K 30 29.54 -8.64 43.66
CA VAL K 30 30.37 -7.68 42.96
C VAL K 30 30.25 -6.33 43.65
N ASN K 31 31.30 -5.51 43.50
CA ASN K 31 31.40 -4.30 44.30
C ASN K 31 30.82 -3.06 43.63
N TYR K 32 30.88 -2.95 42.30
CA TYR K 32 30.21 -1.84 41.66
C TYR K 32 28.69 -2.02 41.78
N ASP K 33 27.94 -1.11 41.18
CA ASP K 33 26.53 -0.91 41.54
C ASP K 33 25.62 -1.55 40.49
N ILE K 34 24.64 -2.32 40.97
CA ILE K 34 23.55 -2.84 40.14
C ILE K 34 22.25 -2.61 40.91
N ASN K 35 21.28 -1.95 40.27
CA ASN K 35 20.04 -1.62 40.97
C ASN K 35 19.01 -2.75 40.88
N SER K 36 18.57 -3.08 39.67
CA SER K 36 17.46 -4.02 39.51
C SER K 36 17.60 -4.71 38.16
N THR K 37 16.82 -5.78 38.00
CA THR K 37 16.83 -6.53 36.75
C THR K 37 16.32 -5.67 35.60
N ILE K 38 16.91 -5.88 34.42
CA ILE K 38 16.66 -5.01 33.27
C ILE K 38 15.77 -5.68 32.23
N MET K 39 15.42 -6.95 32.40
CA MET K 39 14.50 -7.64 31.49
C MET K 39 15.04 -7.65 30.06
N GLY K 40 16.10 -8.41 29.86
CA GLY K 40 16.67 -8.60 28.54
C GLY K 40 18.16 -8.41 28.50
N GLU K 41 18.78 -8.29 29.66
CA GLU K 41 20.21 -7.98 29.71
C GLU K 41 21.05 -9.20 29.37
N CYS K 42 20.70 -10.37 29.90
CA CYS K 42 21.55 -11.53 29.72
C CYS K 42 21.58 -11.97 28.27
N HIS K 43 22.66 -12.67 27.91
CA HIS K 43 22.74 -13.35 26.62
C HIS K 43 23.67 -14.54 26.75
N MET K 44 23.21 -15.72 26.38
CA MET K 44 23.92 -16.96 26.67
C MET K 44 24.20 -17.74 25.40
N SER K 45 25.32 -18.46 25.41
CA SER K 45 25.68 -19.39 24.36
C SER K 45 26.05 -20.72 24.99
N GLU K 46 25.45 -21.80 24.49
CA GLU K 46 25.63 -23.13 25.03
C GLU K 46 26.34 -24.02 24.02
N SER K 47 27.04 -25.04 24.52
CA SER K 47 27.73 -25.97 23.64
C SER K 47 27.94 -27.30 24.36
N TYR K 48 27.97 -28.36 23.56
CA TYR K 48 28.31 -29.69 24.06
C TYR K 48 29.28 -30.44 23.16
N ILE K 49 29.67 -29.88 22.02
CA ILE K 49 30.22 -30.67 20.94
C ILE K 49 31.43 -31.49 21.37
N ASP K 50 32.12 -31.05 22.42
CA ASP K 50 33.41 -31.65 22.71
C ASP K 50 33.35 -32.85 23.63
N ARG K 51 32.18 -33.22 24.16
CA ARG K 51 32.00 -34.15 25.29
C ARG K 51 31.96 -33.43 26.65
N ASN K 52 32.14 -32.11 26.70
CA ASN K 52 32.10 -31.35 27.94
C ASN K 52 31.12 -30.19 27.79
N ALA K 53 30.16 -30.09 28.69
CA ALA K 53 29.12 -29.08 28.55
C ALA K 53 29.67 -27.70 28.88
N ASN K 54 29.13 -26.68 28.22
CA ASN K 54 29.67 -25.34 28.41
C ASN K 54 28.60 -24.29 28.16
N ILE K 55 28.66 -23.22 28.94
CA ILE K 55 27.73 -22.11 28.83
C ILE K 55 28.47 -20.83 29.16
N VAL K 56 28.47 -19.88 28.23
CA VAL K 56 29.02 -18.56 28.49
C VAL K 56 27.87 -17.57 28.41
N LEU K 57 27.57 -16.92 29.53
CA LEU K 57 26.48 -15.96 29.58
C LEU K 57 27.03 -14.60 30.00
N THR K 58 26.74 -13.60 29.18
CA THR K 58 27.19 -12.24 29.37
C THR K 58 26.03 -11.41 29.88
N GLY K 59 26.26 -10.72 30.99
CA GLY K 59 25.16 -10.12 31.71
C GLY K 59 25.40 -8.67 32.10
N TYR K 60 25.28 -8.40 33.39
CA TYR K 60 25.14 -7.01 33.83
C TYR K 60 26.45 -6.25 33.71
N GLY K 61 27.54 -6.83 34.17
CA GLY K 61 28.83 -6.21 33.93
C GLY K 61 29.95 -7.21 33.80
N LEU K 62 29.62 -8.49 33.75
CA LEU K 62 30.64 -9.52 33.65
C LEU K 62 30.12 -10.66 32.80
N GLU K 63 31.06 -11.42 32.23
CA GLU K 63 30.72 -12.63 31.51
C GLU K 63 31.17 -13.84 32.31
N ILE K 64 30.28 -14.82 32.44
CA ILE K 64 30.49 -16.02 33.24
C ILE K 64 30.58 -17.19 32.28
N ASN K 65 31.70 -17.92 32.34
CA ASN K 65 31.96 -19.02 31.42
C ASN K 65 32.15 -20.29 32.25
N MET K 66 31.16 -21.18 32.19
CA MET K 66 31.10 -22.37 33.02
C MET K 66 31.21 -23.61 32.14
N THR K 67 31.94 -24.61 32.63
CA THR K 67 32.18 -25.83 31.88
C THR K 67 32.16 -27.02 32.82
N ILE K 68 31.51 -28.09 32.39
CA ILE K 68 31.42 -29.34 33.13
C ILE K 68 32.12 -30.42 32.31
N MET K 69 32.99 -31.18 32.96
CA MET K 69 33.77 -32.23 32.32
C MET K 69 33.10 -33.58 32.52
N ASP K 70 32.95 -34.35 31.44
CA ASP K 70 32.34 -35.67 31.48
C ASP K 70 30.91 -35.61 32.00
N THR K 71 30.03 -34.99 31.22
CA THR K 71 28.76 -34.49 31.73
C THR K 71 27.55 -35.34 31.38
N ASP K 72 27.35 -35.66 30.10
CA ASP K 72 26.08 -36.21 29.62
C ASP K 72 24.93 -35.27 29.91
N GLN K 73 25.20 -33.98 30.05
CA GLN K 73 24.17 -32.97 30.18
C GLN K 73 24.51 -31.79 29.28
N ARG K 74 23.50 -31.03 28.87
CA ARG K 74 23.72 -29.84 28.09
C ARG K 74 22.81 -28.74 28.60
N PHE K 75 23.35 -27.54 28.75
CA PHE K 75 22.60 -26.49 29.42
C PHE K 75 21.42 -26.06 28.57
N VAL K 76 20.22 -26.41 29.01
CA VAL K 76 19.02 -26.06 28.26
C VAL K 76 18.77 -24.56 28.32
N ALA K 77 18.87 -23.97 29.51
CA ALA K 77 18.56 -22.56 29.66
C ALA K 77 19.22 -22.03 30.92
N ALA K 78 18.98 -20.75 31.20
CA ALA K 78 19.50 -20.12 32.41
C ALA K 78 18.66 -18.90 32.71
N ALA K 79 18.81 -18.40 33.94
CA ALA K 79 18.10 -17.22 34.42
C ALA K 79 19.05 -16.43 35.31
N GLU K 80 18.84 -15.11 35.37
CA GLU K 80 19.74 -14.25 36.11
C GLU K 80 18.97 -13.11 36.73
N GLY K 81 19.29 -12.81 37.99
CA GLY K 81 18.62 -11.73 38.70
C GLY K 81 19.55 -11.06 39.68
N VAL K 82 19.12 -9.90 40.17
CA VAL K 82 19.90 -9.10 41.09
C VAL K 82 19.13 -8.92 42.37
N GLY K 83 19.84 -8.87 43.49
CA GLY K 83 19.21 -8.79 44.79
C GLY K 83 19.62 -7.55 45.57
N LYS K 84 19.79 -7.70 46.87
CA LYS K 84 20.21 -6.60 47.72
C LYS K 84 21.70 -6.71 48.03
N ASP K 85 22.37 -5.57 48.01
CA ASP K 85 23.81 -5.49 48.30
C ASP K 85 24.65 -6.03 47.16
N ASN K 86 24.26 -5.69 45.93
CA ASN K 86 25.07 -5.95 44.74
C ASN K 86 25.48 -7.43 44.66
N LYS K 87 24.45 -8.27 44.52
CA LYS K 87 24.61 -9.70 44.34
C LYS K 87 23.90 -10.10 43.06
N LEU K 88 24.56 -10.94 42.26
CA LEU K 88 24.03 -11.39 40.98
C LEU K 88 23.89 -12.90 41.04
N SER K 89 22.66 -13.39 41.01
CA SER K 89 22.41 -14.82 41.11
C SER K 89 22.02 -15.37 39.75
N VAL K 90 22.66 -16.46 39.34
CA VAL K 90 22.42 -17.12 38.08
C VAL K 90 21.99 -18.56 38.36
N LEU K 91 20.81 -18.92 37.86
CA LEU K 91 20.33 -20.29 37.85
C LEU K 91 20.61 -20.89 36.48
N LEU K 92 20.94 -22.18 36.45
CA LEU K 92 21.35 -22.88 35.24
C LEU K 92 20.54 -24.16 35.13
N PHE K 93 19.79 -24.31 34.03
CA PHE K 93 18.91 -25.45 33.83
C PHE K 93 19.51 -26.34 32.76
N THR K 94 19.81 -27.58 33.13
CA THR K 94 20.40 -28.58 32.27
C THR K 94 19.39 -29.69 31.99
N THR K 95 19.68 -30.52 30.98
CA THR K 95 18.68 -31.43 30.45
C THR K 95 18.23 -32.44 31.50
N GLN K 96 19.11 -33.37 31.87
CA GLN K 96 18.68 -34.49 32.69
C GLN K 96 19.92 -35.23 33.17
N ARG K 97 19.80 -35.86 34.33
CA ARG K 97 20.91 -36.49 35.01
C ARG K 97 20.84 -38.00 34.77
N LEU K 98 21.88 -38.55 34.15
CA LEU K 98 21.92 -39.97 33.84
C LEU K 98 22.75 -40.77 34.84
N ASP K 99 23.62 -40.12 35.59
CA ASP K 99 24.53 -40.84 36.46
C ASP K 99 24.92 -39.94 37.64
N LYS K 100 25.47 -40.56 38.67
CA LYS K 100 25.98 -39.86 39.84
C LYS K 100 27.49 -40.06 39.90
N VAL K 101 28.24 -39.05 39.46
CA VAL K 101 29.69 -39.19 39.36
C VAL K 101 30.43 -37.98 39.93
N HIS K 102 29.71 -36.90 40.23
CA HIS K 102 30.30 -35.71 40.84
C HIS K 102 31.38 -35.10 39.92
N HIS K 103 30.91 -34.54 38.82
CA HIS K 103 31.83 -33.97 37.82
C HIS K 103 32.68 -32.86 38.42
N ASN K 104 33.72 -32.49 37.70
CA ASN K 104 34.46 -31.26 37.97
C ASN K 104 33.80 -30.08 37.27
N ILE K 105 34.24 -28.89 37.60
CA ILE K 105 33.71 -27.67 36.99
C ILE K 105 34.82 -26.64 36.83
N SER K 106 34.73 -25.87 35.76
CA SER K 106 35.64 -24.76 35.52
C SER K 106 34.82 -23.51 35.25
N VAL K 107 35.05 -22.46 36.03
CA VAL K 107 34.28 -21.22 35.89
C VAL K 107 35.26 -20.05 35.80
N THR K 108 35.06 -19.20 34.80
CA THR K 108 35.83 -17.98 34.65
C THR K 108 34.87 -16.80 34.67
N ILE K 109 35.17 -15.82 35.52
CA ILE K 109 34.38 -14.61 35.67
C ILE K 109 35.22 -13.45 35.17
N THR K 110 34.83 -12.85 34.05
CA THR K 110 35.61 -11.78 33.44
C THR K 110 34.82 -10.49 33.54
N CYS K 111 35.45 -9.45 34.11
CA CYS K 111 34.79 -8.17 34.30
C CYS K 111 34.89 -7.38 33.01
N MET K 112 33.74 -6.99 32.47
CA MET K 112 33.69 -6.23 31.23
C MET K 112 33.24 -4.79 31.44
N GLU K 113 33.13 -4.33 32.68
CA GLU K 113 32.64 -2.97 32.91
C GLU K 113 32.96 -2.57 34.33
N MET K 114 33.65 -1.44 34.48
CA MET K 114 33.90 -0.69 35.70
C MET K 114 35.03 -1.26 36.57
N ASN K 115 35.57 -2.45 36.31
CA ASN K 115 36.81 -2.81 36.99
C ASN K 115 37.71 -3.71 36.17
N CYS K 116 37.75 -3.54 34.85
CA CYS K 116 38.50 -4.46 34.01
C CYS K 116 39.91 -4.69 34.57
N GLY K 117 40.53 -5.77 34.12
CA GLY K 117 41.88 -6.07 34.55
C GLY K 117 42.34 -7.40 34.00
N THR K 118 43.49 -7.83 34.48
CA THR K 118 44.05 -9.13 34.16
C THR K 118 43.67 -10.13 35.24
N THR K 119 44.24 -11.33 35.17
CA THR K 119 43.87 -12.40 36.10
C THR K 119 44.28 -12.04 37.52
N LYS K 120 43.39 -12.30 38.48
CA LYS K 120 43.66 -12.03 39.88
C LYS K 120 43.43 -13.24 40.77
N TYR K 121 43.04 -14.39 40.21
CA TYR K 121 42.81 -15.60 40.99
C TYR K 121 42.84 -16.78 40.04
N ASP K 122 43.62 -17.80 40.37
CA ASP K 122 43.69 -18.98 39.51
C ASP K 122 43.82 -20.27 40.33
N SER K 123 43.16 -20.37 41.47
CA SER K 123 43.22 -21.56 42.30
C SER K 123 41.99 -22.43 42.08
N ASP K 124 41.88 -23.52 42.83
CA ASP K 124 40.78 -24.47 42.71
C ASP K 124 40.14 -24.68 44.08
N LEU K 125 38.85 -25.00 44.07
CA LEU K 125 38.07 -25.09 45.29
C LEU K 125 37.83 -26.54 45.64
N PRO K 126 38.18 -26.99 46.86
CA PRO K 126 38.18 -28.44 47.11
C PRO K 126 36.80 -29.06 47.26
N GLU K 127 35.89 -28.39 47.97
CA GLU K 127 34.55 -28.94 48.20
C GLU K 127 34.62 -30.26 48.96
N SER K 128 35.09 -30.19 50.21
CA SER K 128 35.13 -31.35 51.08
C SER K 128 33.81 -31.61 51.80
N ILE K 129 32.69 -31.06 51.29
CA ILE K 129 31.39 -31.43 51.82
C ILE K 129 31.18 -32.93 51.64
N HIS K 130 31.53 -33.45 50.46
CA HIS K 130 31.77 -34.86 50.25
C HIS K 130 33.19 -35.16 49.80
N HIS K 131 33.94 -34.16 49.36
CA HIS K 131 35.35 -34.33 48.98
C HIS K 131 35.49 -35.31 47.82
N LYS K 132 34.83 -34.99 46.71
CA LYS K 132 34.95 -35.82 45.51
C LYS K 132 35.24 -34.98 44.27
N SER K 133 34.74 -33.74 44.25
CA SER K 133 34.81 -32.89 43.07
C SER K 133 35.55 -31.60 43.39
N SER K 134 36.17 -31.02 42.37
CA SER K 134 36.90 -29.77 42.50
C SER K 134 36.53 -28.82 41.37
N CYS K 135 36.38 -27.54 41.70
CA CYS K 135 36.09 -26.50 40.73
C CYS K 135 37.25 -25.54 40.65
N ASP K 136 37.62 -25.15 39.44
CA ASP K 136 38.70 -24.18 39.22
C ASP K 136 38.10 -22.85 38.78
N ILE K 137 38.41 -21.80 39.54
CA ILE K 137 37.90 -20.46 39.29
C ILE K 137 39.03 -19.61 38.72
N THR K 138 38.74 -18.88 37.66
CA THR K 138 39.63 -17.84 37.17
C THR K 138 38.88 -16.54 37.09
N ILE K 139 39.32 -15.53 37.85
CA ILE K 139 38.67 -14.24 37.92
C ILE K 139 39.58 -13.24 37.23
N ASN K 140 39.05 -12.56 36.23
CA ASN K 140 39.74 -11.46 35.57
C ASN K 140 39.08 -10.16 35.99
N GLY K 141 39.80 -9.36 36.75
CA GLY K 141 39.33 -8.07 37.22
C GLY K 141 39.32 -7.98 38.73
N SER K 142 38.78 -6.86 39.21
CA SER K 142 38.56 -6.64 40.63
C SER K 142 37.08 -6.51 40.96
N CYS K 143 36.19 -6.92 40.05
CA CYS K 143 34.75 -6.77 40.26
C CYS K 143 34.14 -7.99 40.92
N VAL K 144 34.77 -8.48 41.98
CA VAL K 144 34.25 -9.66 42.68
C VAL K 144 34.57 -9.51 44.16
N THR K 145 33.58 -9.83 44.99
CA THR K 145 33.76 -9.91 46.42
C THR K 145 33.36 -11.27 47.00
N CYS K 146 32.39 -11.95 46.40
CA CYS K 146 32.06 -13.31 46.80
C CYS K 146 31.79 -14.15 45.57
N VAL K 147 32.00 -15.46 45.68
CA VAL K 147 31.58 -16.40 44.65
C VAL K 147 31.13 -17.67 45.33
N ASN K 148 29.87 -18.06 45.13
CA ASN K 148 29.33 -19.29 45.69
C ASN K 148 28.68 -20.08 44.58
N LEU K 149 28.83 -21.41 44.62
CA LEU K 149 28.32 -22.30 43.58
C LEU K 149 27.71 -23.51 44.24
N GLU K 150 26.40 -23.71 44.05
CA GLU K 150 25.68 -24.85 44.60
C GLU K 150 25.27 -25.75 43.44
N THR K 151 25.86 -26.93 43.37
CA THR K 151 25.57 -27.91 42.33
C THR K 151 24.58 -28.94 42.87
N ASP K 152 23.56 -29.24 42.07
CA ASP K 152 22.50 -30.15 42.46
C ASP K 152 21.82 -29.60 43.71
N PRO K 153 21.21 -28.43 43.61
CA PRO K 153 20.59 -27.81 44.78
C PRO K 153 19.29 -28.51 45.17
N THR K 154 18.91 -28.32 46.44
CA THR K 154 17.66 -28.83 46.97
C THR K 154 16.67 -27.72 47.31
N LYS K 155 17.05 -26.45 47.12
CA LYS K 155 16.15 -25.33 47.36
C LYS K 155 15.11 -25.26 46.24
N ILE K 156 14.29 -24.22 46.26
CA ILE K 156 13.22 -24.08 45.25
C ILE K 156 13.83 -23.31 44.09
N ASN K 157 14.51 -24.05 43.21
CA ASN K 157 15.02 -23.44 41.98
C ASN K 157 13.93 -22.80 41.14
N PRO K 158 12.78 -23.43 40.90
CA PRO K 158 11.87 -22.91 39.87
C PRO K 158 11.45 -21.47 40.17
N HIS K 159 11.80 -20.58 39.26
CA HIS K 159 11.33 -19.20 39.28
C HIS K 159 9.95 -19.17 38.65
N TYR K 160 8.98 -18.57 39.35
CA TYR K 160 7.60 -18.55 38.87
C TYR K 160 7.19 -19.94 38.41
N LEU K 161 7.34 -20.92 39.29
CA LEU K 161 7.02 -22.30 38.98
C LEU K 161 5.65 -22.40 38.30
N HIS K 162 5.59 -22.76 37.02
CA HIS K 162 6.66 -23.00 36.06
C HIS K 162 6.34 -22.30 34.75
N PRO K 163 7.34 -22.10 33.88
CA PRO K 163 7.06 -21.49 32.58
C PRO K 163 5.90 -22.19 31.88
N LYS K 164 5.31 -21.53 30.87
CA LYS K 164 3.98 -21.92 30.42
C LYS K 164 3.89 -23.40 30.07
N ASP K 165 4.85 -23.92 29.32
CA ASP K 165 4.78 -25.29 28.81
C ASP K 165 5.85 -26.21 29.35
N LYS K 166 6.99 -25.69 29.79
CA LYS K 166 8.10 -26.54 30.18
C LYS K 166 7.82 -27.23 31.51
N TYR K 167 8.49 -28.36 31.73
CA TYR K 167 8.43 -29.08 33.00
C TYR K 167 9.81 -29.07 33.63
N LEU K 168 9.86 -29.05 34.95
CA LEU K 168 11.10 -28.81 35.67
C LEU K 168 11.24 -29.78 36.83
N TYR K 169 12.46 -30.24 37.04
CA TYR K 169 12.78 -31.19 38.08
C TYR K 169 13.92 -30.64 38.92
N ARG K 170 14.00 -31.10 40.16
CA ARG K 170 15.05 -30.66 41.06
C ARG K 170 15.48 -31.83 41.93
N ASN K 171 16.78 -31.89 42.23
CA ASN K 171 17.29 -32.99 43.04
C ASN K 171 16.69 -32.95 44.43
N SER K 172 16.50 -34.12 45.02
CA SER K 172 15.98 -34.26 46.37
C SER K 172 16.79 -35.23 47.22
N GLU K 173 18.00 -35.55 46.81
CA GLU K 173 18.88 -36.43 47.57
C GLU K 173 20.07 -35.61 48.05
N TYR K 174 20.22 -35.51 49.37
CA TYR K 174 21.26 -34.64 49.93
C TYR K 174 22.66 -35.09 49.53
N GLY K 175 22.84 -36.39 49.29
CA GLY K 175 24.17 -36.91 49.03
C GLY K 175 24.80 -36.42 47.74
N MET K 176 24.03 -35.78 46.87
CA MET K 176 24.55 -35.33 45.57
C MET K 176 24.81 -33.83 45.51
N ARG K 177 24.31 -33.05 46.46
CA ARG K 177 24.56 -31.62 46.41
C ARG K 177 26.00 -31.31 46.78
N GLY K 178 26.56 -30.32 46.11
CA GLY K 178 27.91 -29.86 46.41
C GLY K 178 27.95 -28.36 46.47
N SER K 179 28.87 -27.84 47.29
CA SER K 179 29.00 -26.41 47.49
C SER K 179 30.45 -26.00 47.36
N TYR K 180 30.72 -24.99 46.53
CA TYR K 180 32.03 -24.40 46.36
C TYR K 180 31.93 -22.92 46.68
N GLY K 181 32.96 -22.36 47.30
CA GLY K 181 32.91 -20.97 47.73
C GLY K 181 34.28 -20.35 47.82
N VAL K 182 34.32 -19.05 47.56
CA VAL K 182 35.52 -18.25 47.81
C VAL K 182 35.11 -16.81 48.03
N THR K 183 35.63 -16.21 49.11
CA THR K 183 35.31 -14.84 49.47
C THR K 183 36.59 -14.08 49.80
N PHE K 184 36.57 -12.78 49.51
CA PHE K 184 37.69 -11.90 49.79
C PHE K 184 37.42 -10.90 50.91
N MET K 185 36.16 -10.56 51.14
CA MET K 185 35.77 -9.76 52.30
C MET K 185 35.73 -10.68 53.52
N ASP K 186 35.15 -10.21 54.62
CA ASP K 186 35.16 -10.93 55.88
C ASP K 186 33.78 -11.54 56.18
N GLU K 187 33.76 -12.86 56.37
CA GLU K 187 32.59 -13.63 56.78
C GLU K 187 31.32 -13.17 56.05
N LEU K 188 31.30 -13.41 54.74
CA LEU K 188 30.14 -13.15 53.90
C LEU K 188 29.40 -14.45 53.53
N ASN K 189 29.44 -15.43 54.43
CA ASN K 189 28.81 -16.71 54.14
C ASN K 189 27.31 -16.53 53.89
N GLN K 190 26.75 -17.40 53.06
CA GLN K 190 25.38 -17.24 52.57
C GLN K 190 25.25 -15.90 51.83
N CYS K 191 25.99 -15.79 50.73
CA CYS K 191 26.16 -14.50 50.08
C CYS K 191 24.84 -13.89 49.62
N PHE K 192 23.75 -14.66 49.60
CA PHE K 192 22.47 -14.09 49.17
C PHE K 192 21.40 -15.16 49.26
N LEU K 193 20.15 -14.72 49.39
CA LEU K 193 19.00 -15.61 49.57
C LEU K 193 18.04 -15.44 48.41
N ASP K 194 17.34 -16.53 48.07
CA ASP K 194 16.63 -16.60 46.81
C ASP K 194 15.38 -15.72 46.79
N ILE K 195 14.38 -16.07 47.61
CA ILE K 195 13.06 -15.46 47.47
C ILE K 195 13.14 -14.05 48.03
N LYS K 196 13.30 -13.08 47.14
CA LYS K 196 13.31 -11.66 47.49
C LYS K 196 12.80 -10.91 46.28
N GLU K 197 13.06 -9.61 46.21
CA GLU K 197 12.65 -8.81 45.07
C GLU K 197 13.32 -9.31 43.79
N VAL K 198 14.15 -10.35 43.89
CA VAL K 198 14.72 -10.98 42.72
C VAL K 198 13.64 -11.17 41.67
N SER K 199 13.91 -10.72 40.44
CA SER K 199 12.91 -10.82 39.39
C SER K 199 13.11 -12.07 38.55
N TYR K 200 14.36 -12.42 38.25
CA TYR K 200 14.68 -13.63 37.50
C TYR K 200 14.03 -13.61 36.11
N ASP K 201 14.50 -12.69 35.28
CA ASP K 201 14.13 -12.70 33.87
C ASP K 201 14.94 -13.74 33.12
N ILE K 202 14.28 -14.43 32.18
CA ILE K 202 14.92 -15.54 31.48
C ILE K 202 16.15 -15.03 30.74
N CYS K 203 17.13 -15.91 30.57
CA CYS K 203 18.46 -15.54 30.13
C CYS K 203 18.58 -15.84 28.64
N TYR K 204 17.98 -14.98 27.83
CA TYR K 204 18.20 -15.02 26.38
C TYR K 204 17.53 -13.82 25.72
N MET L 1 22.82 -34.96 57.37
CA MET L 1 22.94 -36.44 57.54
C MET L 1 23.12 -36.82 59.01
N LEU L 2 23.30 -35.82 59.87
CA LEU L 2 23.45 -36.03 61.31
C LEU L 2 22.30 -35.35 62.02
N LYS L 3 21.36 -36.13 62.53
CA LYS L 3 20.24 -35.64 63.31
C LYS L 3 20.51 -35.94 64.78
N ILE L 4 20.31 -34.93 65.63
CA ILE L 4 20.54 -35.05 67.06
C ILE L 4 19.23 -34.79 67.79
N GLN L 5 18.88 -35.69 68.70
CA GLN L 5 17.71 -35.56 69.55
C GLN L 5 18.17 -35.42 70.99
N ALA L 6 17.51 -34.56 71.75
CA ALA L 6 17.86 -34.32 73.15
C ALA L 6 16.59 -34.29 74.00
N TYR L 7 16.73 -34.72 75.25
CA TYR L 7 15.61 -34.68 76.18
C TYR L 7 15.25 -33.22 76.47
N PHE L 8 14.09 -33.03 77.09
CA PHE L 8 13.55 -31.69 77.30
C PHE L 8 14.57 -30.82 78.03
N ASN L 9 14.90 -29.69 77.41
CA ASN L 9 15.82 -28.70 78.00
C ASN L 9 17.12 -29.36 78.44
N GLU L 10 17.62 -30.27 77.61
CA GLU L 10 18.92 -30.88 77.81
C GLU L 10 19.98 -30.06 77.07
N THR L 11 21.26 -30.36 77.31
CA THR L 11 22.34 -29.70 76.60
C THR L 11 22.56 -30.37 75.24
N ALA L 12 23.20 -29.63 74.34
CA ALA L 12 23.40 -30.08 72.96
C ALA L 12 24.87 -30.00 72.58
N ASP L 13 25.30 -30.93 71.73
CA ASP L 13 26.65 -30.95 71.17
C ASP L 13 26.55 -30.97 69.66
N LEU L 14 27.24 -30.03 69.01
CA LEU L 14 27.27 -29.94 67.55
C LEU L 14 28.70 -30.21 67.08
N PRO L 15 28.99 -31.42 66.61
CA PRO L 15 30.27 -31.66 65.94
C PRO L 15 30.13 -31.50 64.44
N CYS L 16 31.24 -31.34 63.70
CA CYS L 16 31.14 -31.32 62.26
C CYS L 16 32.29 -32.06 61.57
N GLN L 17 32.97 -32.95 62.29
CA GLN L 17 33.78 -34.04 61.72
C GLN L 17 34.63 -33.57 60.55
N PHE L 18 35.58 -32.68 60.86
CA PHE L 18 36.53 -32.23 59.85
C PHE L 18 37.63 -33.27 59.72
N ALA L 19 37.74 -33.87 58.54
CA ALA L 19 38.70 -34.95 58.33
C ALA L 19 40.13 -34.44 58.50
N ASN L 20 40.43 -33.26 57.98
CA ASN L 20 41.77 -32.68 58.04
C ASN L 20 42.80 -33.61 57.38
N SER L 21 42.62 -33.80 56.07
CA SER L 21 43.52 -34.66 55.32
C SER L 21 44.92 -34.08 55.25
N GLN L 22 45.05 -32.75 55.23
CA GLN L 22 46.36 -32.09 55.13
C GLN L 22 47.00 -31.84 56.48
N ASN L 23 46.31 -32.09 57.59
CA ASN L 23 46.86 -31.89 58.94
C ASN L 23 47.23 -30.42 59.15
N GLN L 24 46.22 -29.55 59.07
CA GLN L 24 46.40 -28.13 59.26
C GLN L 24 46.11 -27.75 60.71
N SER L 25 46.33 -26.48 61.03
CA SER L 25 46.20 -25.97 62.40
C SER L 25 45.09 -24.94 62.49
N LEU L 26 44.52 -24.82 63.68
CA LEU L 26 43.46 -23.84 63.89
C LEU L 26 43.95 -22.41 63.72
N SER L 27 45.26 -22.17 63.81
CA SER L 27 45.78 -20.82 63.63
C SER L 27 45.65 -20.34 62.20
N GLU L 28 45.67 -21.25 61.22
CA GLU L 28 45.55 -20.89 59.81
C GLU L 28 44.13 -21.09 59.27
N LEU L 29 43.18 -21.44 60.13
CA LEU L 29 41.81 -21.72 59.70
C LEU L 29 40.84 -20.99 60.62
N VAL L 30 39.65 -20.71 60.09
CA VAL L 30 38.57 -20.10 60.88
C VAL L 30 37.33 -20.96 60.73
N VAL L 31 36.40 -20.83 61.67
CA VAL L 31 35.21 -21.67 61.73
C VAL L 31 34.02 -20.83 62.16
N PHE L 32 32.87 -21.10 61.57
CA PHE L 32 31.61 -20.47 61.93
C PHE L 32 30.57 -21.56 62.16
N TRP L 33 29.75 -21.39 63.20
CA TRP L 33 28.55 -22.19 63.39
C TRP L 33 27.37 -21.24 63.29
N GLN L 34 26.45 -21.55 62.38
CA GLN L 34 25.35 -20.64 62.13
C GLN L 34 24.01 -21.38 62.14
N ASP L 35 22.96 -20.65 62.48
CA ASP L 35 21.63 -21.22 62.59
C ASP L 35 20.87 -21.02 61.28
N GLN L 36 19.60 -21.43 61.24
CA GLN L 36 18.86 -21.43 60.00
C GLN L 36 18.47 -20.04 59.54
N GLU L 37 18.56 -19.03 60.40
CA GLU L 37 18.28 -17.66 60.02
C GLU L 37 19.53 -16.90 59.61
N ASN L 38 20.68 -17.57 59.57
CA ASN L 38 21.97 -17.04 59.16
C ASN L 38 22.64 -16.21 60.25
N LEU L 39 22.12 -16.21 61.48
CA LEU L 39 22.75 -15.50 62.57
C LEU L 39 23.87 -16.36 63.16
N VAL L 40 25.05 -15.77 63.32
CA VAL L 40 26.21 -16.51 63.77
C VAL L 40 26.06 -16.88 65.24
N LEU L 41 26.78 -17.94 65.64
CA LEU L 41 26.83 -18.41 67.02
C LEU L 41 28.18 -18.23 67.66
N ASN L 42 29.25 -18.60 66.95
CA ASN L 42 30.59 -18.59 67.52
C ASN L 42 31.58 -18.49 66.36
N GLU L 43 32.80 -18.10 66.69
CA GLU L 43 33.82 -17.93 65.67
C GLU L 43 35.19 -18.08 66.29
N VAL L 44 36.05 -18.84 65.63
CA VAL L 44 37.43 -19.01 66.06
C VAL L 44 38.34 -18.38 65.01
N TYR L 45 38.61 -17.10 65.15
CA TYR L 45 39.41 -16.37 64.17
C TYR L 45 40.88 -16.66 64.44
N LEU L 46 41.53 -17.33 63.50
CA LEU L 46 42.94 -17.69 63.61
C LEU L 46 43.26 -18.33 64.96
N GLY L 47 42.30 -19.01 65.56
CA GLY L 47 42.51 -19.74 66.79
C GLY L 47 42.00 -19.08 68.05
N LYS L 48 41.72 -17.78 68.01
CA LYS L 48 41.21 -17.05 69.17
C LYS L 48 39.72 -16.81 68.97
N GLU L 49 38.94 -17.09 70.00
CA GLU L 49 37.50 -16.93 69.88
C GLU L 49 37.16 -15.44 69.75
N LYS L 50 36.21 -15.15 68.87
CA LYS L 50 35.72 -13.80 68.67
C LYS L 50 34.21 -13.78 68.86
N PHE L 51 33.71 -12.72 69.48
CA PHE L 51 32.30 -12.57 69.80
C PHE L 51 31.80 -11.19 69.37
N ASP L 52 32.16 -10.79 68.16
CA ASP L 52 31.81 -9.48 67.64
C ASP L 52 30.48 -9.45 66.91
N SER L 53 29.88 -10.61 66.64
CA SER L 53 28.62 -10.67 65.90
C SER L 53 27.61 -11.64 66.47
N VAL L 54 27.95 -12.39 67.52
CA VAL L 54 26.99 -13.30 68.12
C VAL L 54 25.82 -12.51 68.68
N HIS L 55 24.61 -12.92 68.34
CA HIS L 55 23.44 -12.30 68.94
C HIS L 55 23.41 -12.57 70.44
N SER L 56 22.89 -11.62 71.20
CA SER L 56 22.97 -11.69 72.66
C SER L 56 22.45 -13.01 73.18
N LYS L 57 21.37 -13.53 72.58
CA LYS L 57 20.79 -14.79 73.05
C LYS L 57 21.83 -15.91 73.05
N TYR L 58 22.74 -15.91 72.08
CA TYR L 58 23.74 -16.95 71.98
C TYR L 58 25.04 -16.60 72.70
N MET L 59 25.11 -15.46 73.37
CA MET L 59 26.34 -15.05 74.03
C MET L 59 26.57 -15.90 75.28
N GLY L 60 27.78 -16.46 75.39
CA GLY L 60 28.16 -17.21 76.57
C GLY L 60 27.62 -18.62 76.61
N ARG L 61 26.45 -18.84 76.02
CA ARG L 61 25.83 -20.16 76.04
C ARG L 61 26.61 -21.19 75.23
N THR L 62 27.53 -20.76 74.40
CA THR L 62 28.32 -21.64 73.55
C THR L 62 29.75 -21.73 74.05
N SER L 63 30.30 -22.94 73.99
CA SER L 63 31.71 -23.14 74.33
C SER L 63 32.33 -24.05 73.29
N PHE L 64 33.65 -23.92 73.15
CA PHE L 64 34.41 -24.59 72.09
C PHE L 64 35.42 -25.54 72.72
N ASP L 65 35.71 -26.62 71.98
CA ASP L 65 36.72 -27.59 72.38
C ASP L 65 37.69 -27.82 71.23
N SER L 66 38.97 -27.97 71.55
CA SER L 66 39.99 -28.07 70.51
C SER L 66 40.03 -29.46 69.91
N ASP L 67 40.28 -30.47 70.74
CA ASP L 67 40.49 -31.83 70.23
C ASP L 67 39.24 -32.37 69.57
N SER L 68 38.06 -32.14 70.15
CA SER L 68 36.83 -32.71 69.61
C SER L 68 36.23 -31.88 68.48
N TRP L 69 36.64 -30.62 68.33
CA TRP L 69 36.09 -29.74 67.30
C TRP L 69 34.57 -29.65 67.42
N THR L 70 34.07 -29.69 68.64
CA THR L 70 32.64 -29.75 68.91
C THR L 70 32.21 -28.51 69.69
N LEU L 71 31.05 -27.97 69.31
CA LEU L 71 30.47 -26.82 70.00
C LEU L 71 29.46 -27.31 71.01
N ARG L 72 29.58 -26.85 72.26
CA ARG L 72 28.69 -27.24 73.34
C ARG L 72 27.74 -26.08 73.61
N LEU L 73 26.44 -26.35 73.48
CA LEU L 73 25.40 -25.34 73.66
C LEU L 73 24.50 -25.75 74.81
N HIS L 74 24.22 -24.80 75.71
CA HIS L 74 23.39 -25.02 76.89
C HIS L 74 22.01 -24.41 76.67
N ASN L 75 21.14 -24.62 77.66
CA ASN L 75 19.87 -23.90 77.76
C ASN L 75 19.04 -24.06 76.49
N LEU L 76 18.65 -25.30 76.22
CA LEU L 76 17.80 -25.56 75.06
C LEU L 76 16.41 -24.99 75.29
N GLN L 77 15.69 -24.80 74.19
CA GLN L 77 14.32 -24.31 74.22
C GLN L 77 13.52 -25.05 73.17
N ILE L 78 12.20 -25.09 73.36
CA ILE L 78 11.34 -25.75 72.38
C ILE L 78 11.43 -25.05 71.03
N LYS L 79 11.63 -23.74 71.04
CA LYS L 79 11.67 -22.94 69.81
C LYS L 79 13.05 -22.86 69.19
N ASP L 80 14.05 -23.54 69.76
CA ASP L 80 15.40 -23.55 69.20
C ASP L 80 15.64 -24.73 68.27
N LYS L 81 14.61 -25.53 67.98
CA LYS L 81 14.77 -26.61 67.01
C LYS L 81 15.00 -26.05 65.62
N GLY L 82 15.87 -26.69 64.86
CA GLY L 82 16.13 -26.26 63.50
C GLY L 82 17.44 -26.83 62.99
N LEU L 83 17.93 -26.22 61.91
CA LEU L 83 19.16 -26.64 61.25
C LEU L 83 20.32 -25.75 61.66
N TYR L 84 21.51 -26.32 61.65
CA TYR L 84 22.74 -25.60 61.98
C TYR L 84 23.85 -26.07 61.05
N GLN L 85 24.79 -25.17 60.77
CA GLN L 85 25.83 -25.40 59.79
C GLN L 85 27.20 -25.07 60.38
N CYS L 86 28.18 -25.88 60.01
CA CYS L 86 29.58 -25.75 60.43
C CYS L 86 30.41 -25.42 59.20
N ILE L 87 30.67 -24.13 58.99
CA ILE L 87 31.42 -23.69 57.82
C ILE L 87 32.86 -23.44 58.24
N ILE L 88 33.81 -24.10 57.58
CA ILE L 88 35.23 -23.94 57.88
C ILE L 88 35.91 -23.26 56.70
N HIS L 89 36.77 -22.27 56.99
CA HIS L 89 37.44 -21.48 55.98
C HIS L 89 38.95 -21.54 56.17
N HIS L 90 39.67 -21.52 55.06
CA HIS L 90 41.13 -21.51 55.04
C HIS L 90 41.60 -20.15 54.55
N LYS L 91 42.20 -19.36 55.46
CA LYS L 91 42.52 -17.95 55.21
C LYS L 91 43.92 -17.84 54.60
N LYS L 92 43.97 -18.01 53.28
CA LYS L 92 45.20 -17.80 52.53
C LYS L 92 45.43 -16.30 52.33
N PRO L 93 46.66 -15.91 51.97
CA PRO L 93 46.89 -14.49 51.69
C PRO L 93 45.95 -13.91 50.65
N THR L 94 45.63 -14.67 49.60
CA THR L 94 44.77 -14.15 48.55
C THR L 94 43.32 -14.05 49.01
N GLY L 95 42.81 -15.08 49.67
CA GLY L 95 41.43 -15.06 50.13
C GLY L 95 41.11 -16.29 50.95
N MET L 96 39.83 -16.43 51.27
CA MET L 96 39.33 -17.55 52.05
C MET L 96 38.58 -18.50 51.13
N ILE L 97 38.95 -19.79 51.19
CA ILE L 97 38.28 -20.83 50.42
C ILE L 97 37.64 -21.81 51.39
N ARG L 98 36.37 -22.10 51.16
CA ARG L 98 35.61 -22.97 52.06
C ARG L 98 36.00 -24.42 51.81
N ILE L 99 36.44 -25.10 52.86
CA ILE L 99 36.93 -26.47 52.73
C ILE L 99 36.17 -27.44 53.62
N HIS L 100 35.05 -27.02 54.22
CA HIS L 100 34.19 -27.98 54.90
C HIS L 100 32.88 -27.33 55.28
N GLN L 101 31.80 -28.08 55.09
CA GLN L 101 30.46 -27.67 55.48
C GLN L 101 29.68 -28.91 55.90
N MET L 102 29.01 -28.83 57.04
CA MET L 102 28.22 -29.96 57.55
C MET L 102 26.90 -29.43 58.08
N ASN L 103 25.82 -30.13 57.78
CA ASN L 103 24.50 -29.75 58.27
C ASN L 103 24.03 -30.70 59.36
N SER L 104 23.51 -30.13 60.44
CA SER L 104 23.02 -30.91 61.56
C SER L 104 21.71 -30.33 62.06
N GLU L 105 20.72 -31.18 62.29
CA GLU L 105 19.40 -30.76 62.72
C GLU L 105 19.17 -31.18 64.16
N LEU L 106 18.55 -30.31 64.95
CA LEU L 106 18.24 -30.61 66.34
C LEU L 106 16.79 -30.27 66.64
N SER L 107 16.17 -31.12 67.46
CA SER L 107 14.78 -30.97 67.86
C SER L 107 14.64 -31.21 69.36
N VAL L 108 13.51 -30.78 69.91
CA VAL L 108 13.25 -30.86 71.35
C VAL L 108 11.88 -31.49 71.57
N LEU L 109 11.69 -32.02 72.78
CA LEU L 109 10.44 -32.67 73.13
C LEU L 109 9.29 -31.67 73.06
N ALA L 110 8.12 -32.15 72.64
CA ALA L 110 6.95 -31.30 72.50
C ALA L 110 5.67 -32.09 72.71
N THR M 9 42.22 -3.50 37.04
CA THR M 9 42.61 -2.09 37.05
C THR M 9 43.39 -1.73 35.81
N ILE M 10 44.10 -2.72 35.26
CA ILE M 10 45.03 -2.44 34.17
C ILE M 10 44.30 -1.85 32.97
N CYS M 11 43.13 -2.39 32.62
CA CYS M 11 42.53 -2.15 31.33
C CYS M 11 41.24 -1.37 31.43
N PRO M 12 40.89 -0.61 30.38
CA PRO M 12 39.49 -0.22 30.19
C PRO M 12 38.78 -1.17 29.23
N PRO M 13 37.45 -1.30 29.35
CA PRO M 13 36.75 -2.37 28.59
C PRO M 13 36.78 -2.22 27.08
N ARG M 14 36.65 -1.00 26.55
CA ARG M 14 36.52 -0.73 25.11
C ARG M 14 35.15 -1.19 24.57
N GLN M 15 34.10 -0.74 25.23
CA GLN M 15 32.72 -1.17 24.95
C GLN M 15 32.13 -0.31 23.85
N ASP M 16 30.84 -0.54 23.54
CA ASP M 16 30.09 0.35 22.66
C ASP M 16 29.63 1.60 23.41
N TYR M 17 28.68 1.43 24.33
CA TYR M 17 28.11 2.53 25.09
C TYR M 17 28.21 2.21 26.57
N ARG M 18 28.54 3.22 27.37
CA ARG M 18 28.88 3.03 28.77
C ARG M 18 27.71 3.38 29.66
N TYR M 19 27.39 2.47 30.59
CA TYR M 19 26.45 2.78 31.65
C TYR M 19 27.08 3.56 32.79
N TRP M 20 28.41 3.56 32.88
CA TRP M 20 29.10 4.16 34.02
C TRP M 20 29.86 5.42 33.57
N TYR M 21 29.63 6.52 34.28
CA TYR M 21 30.13 7.84 33.92
C TYR M 21 31.06 8.40 35.01
N PHE M 22 31.61 9.58 34.72
CA PHE M 22 32.45 10.33 35.65
C PHE M 22 32.27 11.82 35.32
N ALA M 23 33.27 12.66 35.59
CA ALA M 23 33.09 14.08 35.28
C ALA M 23 34.42 14.81 35.05
N ALA M 24 34.33 15.93 34.29
CA ALA M 24 35.36 16.97 34.16
C ALA M 24 34.79 18.13 33.33
N GLU M 25 34.91 19.38 33.75
CA GLU M 25 34.10 20.45 33.19
C GLU M 25 34.94 21.61 32.69
N LEU M 26 34.34 22.44 31.84
CA LEU M 26 35.01 23.67 31.41
C LEU M 26 33.99 24.66 30.87
N THR M 27 34.41 25.92 30.77
CA THR M 27 33.54 27.01 30.34
C THR M 27 34.33 28.00 29.50
N ILE M 28 33.72 28.41 28.39
CA ILE M 28 34.32 29.34 27.45
C ILE M 28 33.45 30.58 27.38
N GLY M 29 34.05 31.74 27.58
CA GLY M 29 33.33 33.00 27.55
C GLY M 29 33.61 33.75 26.27
N VAL M 30 32.61 33.82 25.40
CA VAL M 30 32.74 34.32 24.05
C VAL M 30 31.97 35.62 23.91
N ASN M 31 32.42 36.46 22.97
CA ASN M 31 31.88 37.82 22.88
C ASN M 31 30.72 37.97 21.92
N TYR M 32 30.64 37.16 20.87
CA TYR M 32 29.46 37.22 20.02
C TYR M 32 28.27 36.65 20.78
N ASP M 33 27.10 36.66 20.14
CA ASP M 33 25.83 36.54 20.85
C ASP M 33 25.29 35.11 20.79
N ILE M 34 24.94 34.58 21.96
CA ILE M 34 24.25 33.30 22.08
C ILE M 34 23.07 33.50 23.03
N ASN M 35 21.88 33.06 22.64
CA ASN M 35 20.69 33.26 23.46
C ASN M 35 20.43 32.09 24.40
N SER M 36 20.18 30.91 23.85
CA SER M 36 19.71 29.78 24.65
C SER M 36 20.08 28.48 23.94
N THR M 37 19.93 27.38 24.66
CA THR M 37 20.25 26.07 24.09
C THR M 37 19.28 25.72 22.97
N ILE M 38 19.80 25.02 21.96
CA ILE M 38 19.03 24.71 20.76
C ILE M 38 18.57 23.27 20.70
N MET M 39 18.97 22.43 21.66
CA MET M 39 18.49 21.06 21.74
C MET M 39 18.84 20.28 20.47
N GLY M 40 20.12 20.05 20.28
CA GLY M 40 20.60 19.25 19.17
C GLY M 40 21.73 19.91 18.40
N GLU M 41 22.27 21.00 18.94
CA GLU M 41 23.33 21.72 18.25
C GLU M 41 24.65 20.97 18.33
N CYS M 42 25.00 20.45 19.50
CA CYS M 42 26.31 19.87 19.69
C CYS M 42 26.48 18.58 18.88
N HIS M 43 27.72 18.31 18.49
CA HIS M 43 28.07 17.05 17.82
C HIS M 43 29.50 16.72 18.17
N MET M 44 29.75 15.52 18.70
CA MET M 44 31.04 15.17 19.26
C MET M 44 31.58 13.90 18.63
N SER M 45 32.90 13.82 18.57
CA SER M 45 33.62 12.63 18.15
C SER M 45 34.73 12.35 19.14
N GLU M 46 34.81 11.09 19.58
CA GLU M 46 35.74 10.66 20.61
C GLU M 46 36.73 9.65 20.03
N SER M 47 37.89 9.54 20.67
CA SER M 47 38.89 8.57 20.26
C SER M 47 39.82 8.24 21.41
N TYR M 48 40.38 7.04 21.36
CA TYR M 48 41.39 6.60 22.31
C TYR M 48 42.57 5.91 21.64
N ILE M 49 42.53 5.70 20.32
CA ILE M 49 43.34 4.65 19.71
C ILE M 49 44.83 4.83 19.99
N ASP M 50 45.27 6.07 20.15
CA ASP M 50 46.70 6.33 20.15
C ASP M 50 47.37 6.12 21.50
N ARG M 51 46.62 5.77 22.54
CA ARG M 51 47.04 5.79 23.95
C ARG M 51 46.68 7.10 24.64
N ASN M 52 46.10 8.07 23.95
CA ASN M 52 45.74 9.36 24.54
C ASN M 52 44.29 9.66 24.24
N ALA M 53 43.52 10.05 25.26
CA ALA M 53 42.10 10.29 25.07
C ALA M 53 41.88 11.59 24.32
N ASN M 54 40.83 11.63 23.50
CA ASN M 54 40.60 12.83 22.71
C ASN M 54 39.12 12.96 22.38
N ILE M 55 38.66 14.21 22.34
CA ILE M 55 37.27 14.52 22.06
C ILE M 55 37.20 15.86 21.35
N VAL M 56 36.65 15.89 20.15
CA VAL M 56 36.39 17.13 19.44
C VAL M 56 34.89 17.29 19.34
N LEU M 57 34.35 18.33 19.95
CA LEU M 57 32.93 18.61 19.92
C LEU M 57 32.69 19.98 19.33
N THR M 58 31.83 20.02 18.32
CA THR M 58 31.50 21.22 17.58
C THR M 58 30.10 21.65 17.97
N GLY M 59 29.96 22.93 18.31
CA GLY M 59 28.73 23.40 18.91
C GLY M 59 28.23 24.70 18.33
N TYR M 60 28.09 25.70 19.20
CA TYR M 60 27.30 26.87 18.86
C TYR M 60 28.01 27.75 17.85
N GLY M 61 29.28 28.04 18.08
CA GLY M 61 30.05 28.73 17.06
C GLY M 61 31.52 28.37 17.07
N LEU M 62 31.90 27.40 17.89
CA LEU M 62 33.31 27.03 18.00
C LEU M 62 33.43 25.54 18.20
N GLU M 63 34.56 24.99 17.75
CA GLU M 63 34.88 23.59 17.98
C GLU M 63 35.95 23.50 19.05
N ILE M 64 35.71 22.63 20.04
CA ILE M 64 36.62 22.43 21.16
C ILE M 64 37.26 21.07 20.99
N ASN M 65 38.58 21.03 21.00
CA ASN M 65 39.36 19.82 20.76
C ASN M 65 40.22 19.58 21.99
N MET M 66 39.82 18.60 22.80
CA MET M 66 40.47 18.32 24.08
C MET M 66 41.17 16.97 24.02
N THR M 67 42.33 16.89 24.65
CA THR M 67 43.14 15.68 24.62
C THR M 67 43.84 15.50 25.96
N ILE M 68 43.85 14.26 26.44
CA ILE M 68 44.49 13.89 27.70
C ILE M 68 45.61 12.91 27.39
N MET M 69 46.79 13.17 27.95
CA MET M 69 47.98 12.38 27.69
C MET M 69 48.23 11.39 28.82
N ASP M 70 48.40 10.11 28.47
CA ASP M 70 48.61 9.03 29.44
C ASP M 70 47.43 8.94 30.39
N THR M 71 46.29 8.53 29.86
CA THR M 71 45.00 8.77 30.52
C THR M 71 44.39 7.55 31.17
N ASP M 72 44.33 6.42 30.48
CA ASP M 72 43.53 5.26 30.92
C ASP M 72 42.06 5.63 31.07
N GLN M 73 41.59 6.65 30.35
CA GLN M 73 40.18 7.01 30.33
C GLN M 73 39.79 7.34 28.90
N ARG M 74 38.50 7.22 28.60
CA ARG M 74 37.97 7.57 27.29
C ARG M 74 36.66 8.30 27.44
N PHE M 75 36.48 9.39 26.69
CA PHE M 75 35.32 10.23 26.93
C PHE M 75 34.06 9.49 26.54
N VAL M 76 33.25 9.17 27.54
CA VAL M 76 32.01 8.45 27.30
C VAL M 76 30.99 9.38 26.63
N ALA M 77 30.81 10.57 27.17
CA ALA M 77 29.80 11.48 26.63
C ALA M 77 30.15 12.91 27.03
N ALA M 78 29.26 13.83 26.67
CA ALA M 78 29.43 15.22 27.04
C ALA M 78 28.08 15.90 27.01
N ALA M 79 28.02 17.09 27.59
CA ALA M 79 26.82 17.93 27.59
C ALA M 79 27.25 19.37 27.45
N GLU M 80 26.39 20.20 26.87
CA GLU M 80 26.74 21.58 26.62
C GLU M 80 25.53 22.48 26.83
N GLY M 81 25.75 23.63 27.46
CA GLY M 81 24.67 24.57 27.71
C GLY M 81 25.17 26.00 27.69
N VAL M 82 24.21 26.92 27.62
CA VAL M 82 24.51 28.34 27.54
C VAL M 82 23.77 29.06 28.65
N GLY M 83 24.45 30.02 29.28
CA GLY M 83 23.91 30.69 30.44
C GLY M 83 23.67 32.16 30.20
N LYS M 84 24.11 33.00 31.14
CA LYS M 84 23.93 34.44 31.03
C LYS M 84 25.24 35.11 30.67
N ASP M 85 25.16 36.14 29.83
CA ASP M 85 26.31 36.95 29.44
C ASP M 85 27.25 36.19 28.51
N ASN M 86 26.69 35.41 27.59
CA ASN M 86 27.45 34.78 26.52
C ASN M 86 28.57 33.90 27.08
N LYS M 87 28.15 32.88 27.81
CA LYS M 87 29.04 31.84 28.30
C LYS M 87 28.58 30.50 27.75
N LEU M 88 29.52 29.58 27.62
CA LEU M 88 29.26 28.26 27.05
C LEU M 88 29.93 27.23 27.93
N SER M 89 29.13 26.45 28.67
CA SER M 89 29.67 25.47 29.61
C SER M 89 29.53 24.08 29.01
N VAL M 90 30.64 23.36 28.96
CA VAL M 90 30.68 22.00 28.44
C VAL M 90 31.16 21.08 29.57
N LEU M 91 30.31 20.12 29.92
CA LEU M 91 30.66 19.04 30.83
C LEU M 91 31.10 17.83 30.02
N LEU M 92 32.09 17.09 30.53
CA LEU M 92 32.66 15.96 29.83
C LEU M 92 32.67 14.77 30.77
N PHE M 93 32.07 13.65 30.34
CA PHE M 93 31.95 12.46 31.15
C PHE M 93 32.87 11.39 30.60
N THR M 94 33.86 11.01 31.40
CA THR M 94 34.85 9.99 31.09
C THR M 94 34.51 8.69 31.85
N THR M 95 35.13 7.59 31.42
CA THR M 95 34.69 6.28 31.88
C THR M 95 34.90 6.11 33.37
N GLN M 96 36.15 6.01 33.80
CA GLN M 96 36.44 5.67 35.19
C GLN M 96 37.92 5.91 35.44
N ARG M 97 38.24 6.20 36.69
CA ARG M 97 39.58 6.62 37.08
C ARG M 97 40.30 5.44 37.71
N LEU M 98 41.46 5.08 37.14
CA LEU M 98 42.23 3.96 37.62
C LEU M 98 43.42 4.37 38.47
N ASP M 99 43.87 5.62 38.38
CA ASP M 99 45.08 6.05 39.06
C ASP M 99 45.02 7.55 39.27
N LYS M 100 45.90 8.03 40.15
CA LYS M 100 46.02 9.45 40.46
C LYS M 100 47.41 9.90 40.01
N VAL M 101 47.50 10.54 38.84
CA VAL M 101 48.80 10.92 38.29
C VAL M 101 48.81 12.35 37.77
N HIS M 102 47.64 13.01 37.73
CA HIS M 102 47.55 14.40 37.30
C HIS M 102 48.06 14.60 35.88
N HIS M 103 47.28 14.07 34.93
CA HIS M 103 47.68 14.11 33.53
C HIS M 103 47.80 15.56 33.03
N ASN M 104 48.55 15.73 31.95
CA ASN M 104 48.53 16.97 31.20
C ASN M 104 47.32 16.98 30.27
N ILE M 105 46.99 18.16 29.76
CA ILE M 105 45.85 18.31 28.86
C ILE M 105 46.19 19.30 27.76
N SER M 106 45.59 19.10 26.58
CA SER M 106 45.77 20.00 25.45
C SER M 106 44.40 20.34 24.90
N VAL M 107 44.07 21.63 24.85
CA VAL M 107 42.77 22.07 24.38
C VAL M 107 42.96 23.16 23.32
N THR M 108 42.29 23.00 22.19
CA THR M 108 42.27 24.01 21.14
C THR M 108 40.84 24.43 20.88
N ILE M 109 40.60 25.74 20.90
CA ILE M 109 39.28 26.33 20.67
C ILE M 109 39.35 27.08 19.36
N THR M 110 38.60 26.62 18.36
CA THR M 110 38.64 27.22 17.04
C THR M 110 37.30 27.87 16.75
N CYS M 111 37.32 29.17 16.44
CA CYS M 111 36.11 29.93 16.17
C CYS M 111 35.70 29.67 14.74
N MET M 112 34.48 29.18 14.54
CA MET M 112 33.98 28.82 13.22
C MET M 112 32.83 29.69 12.76
N GLU M 113 32.55 30.80 13.44
CA GLU M 113 31.44 31.65 13.04
C GLU M 113 31.56 32.98 13.76
N MET M 114 31.59 34.06 12.99
CA MET M 114 31.48 35.45 13.39
C MET M 114 32.79 36.05 13.91
N ASN M 115 33.86 35.28 14.16
CA ASN M 115 35.14 35.93 14.41
C ASN M 115 36.34 35.12 13.93
N CYS M 116 36.20 34.34 12.85
CA CYS M 116 37.28 33.43 12.46
C CYS M 116 38.63 34.15 12.42
N GLY M 117 39.69 33.37 12.40
CA GLY M 117 41.01 33.95 12.32
C GLY M 117 42.08 32.87 12.46
N THR M 118 43.32 33.34 12.46
CA THR M 118 44.46 32.48 12.70
C THR M 118 44.82 32.52 14.18
N THR M 119 45.87 31.81 14.55
CA THR M 119 46.18 31.59 15.96
C THR M 119 46.47 32.90 16.67
N LYS M 120 45.89 33.08 17.85
CA LYS M 120 46.12 34.27 18.66
C LYS M 120 46.66 33.97 20.04
N TYR M 121 46.89 32.71 20.39
CA TYR M 121 47.37 32.34 21.71
C TYR M 121 47.93 30.93 21.66
N ASP M 122 49.16 30.75 22.12
CA ASP M 122 49.79 29.43 22.10
C ASP M 122 50.65 29.18 23.34
N SER M 123 50.23 29.67 24.51
CA SER M 123 50.98 29.51 25.73
C SER M 123 50.46 28.30 26.51
N ASP M 124 51.01 28.09 27.72
CA ASP M 124 50.61 26.99 28.58
C ASP M 124 50.24 27.52 29.95
N LEU M 125 49.29 26.85 30.60
CA LEU M 125 48.73 27.30 31.86
C LEU M 125 49.37 26.53 33.00
N PRO M 126 50.03 27.19 33.97
CA PRO M 126 50.83 26.42 34.93
C PRO M 126 50.02 25.61 35.90
N GLU M 127 48.93 26.17 36.44
CA GLU M 127 48.08 25.45 37.39
C GLU M 127 48.87 25.06 38.65
N SER M 128 49.30 26.09 39.39
CA SER M 128 50.01 25.88 40.64
C SER M 128 49.09 25.71 41.84
N ILE M 129 47.83 25.32 41.61
CA ILE M 129 46.95 24.94 42.71
C ILE M 129 47.56 23.76 43.45
N HIS M 130 48.07 22.79 42.69
CA HIS M 130 49.02 21.81 43.19
C HIS M 130 50.34 21.83 42.46
N HIS M 131 50.40 22.41 41.26
CA HIS M 131 51.64 22.54 40.51
C HIS M 131 52.20 21.16 40.14
N LYS M 132 51.37 20.36 39.47
CA LYS M 132 51.79 19.04 39.01
C LYS M 132 51.47 18.84 37.53
N SER M 133 50.44 19.49 37.03
CA SER M 133 49.97 19.31 35.66
C SER M 133 49.93 20.65 34.94
N SER M 134 50.10 20.60 33.62
CA SER M 134 50.08 21.79 32.77
C SER M 134 49.20 21.54 31.56
N CYS M 135 48.39 22.53 31.20
CA CYS M 135 47.51 22.46 30.05
C CYS M 135 48.01 23.43 28.98
N ASP M 136 48.01 22.98 27.73
CA ASP M 136 48.38 23.83 26.61
C ASP M 136 47.12 24.23 25.84
N ILE M 137 46.89 25.54 25.75
CA ILE M 137 45.70 26.10 25.14
C ILE M 137 46.10 26.77 23.84
N THR M 138 45.39 26.44 22.76
CA THR M 138 45.57 27.12 21.48
C THR M 138 44.23 27.63 20.98
N ILE M 139 44.13 28.93 20.74
CA ILE M 139 42.88 29.57 20.33
C ILE M 139 43.06 30.08 18.91
N ASN M 140 42.20 29.64 18.02
CA ASN M 140 42.12 30.18 16.67
C ASN M 140 40.91 31.09 16.60
N GLY M 141 41.14 32.35 16.30
CA GLY M 141 40.09 33.34 16.19
C GLY M 141 40.17 34.37 17.30
N SER M 142 39.11 35.18 17.38
CA SER M 142 38.98 36.21 18.40
C SER M 142 37.69 36.09 19.19
N CYS M 143 37.02 34.94 19.14
CA CYS M 143 35.75 34.76 19.84
C CYS M 143 35.94 34.14 21.22
N VAL M 144 36.88 34.68 21.99
CA VAL M 144 37.12 34.21 23.34
C VAL M 144 37.40 35.41 24.24
N THR M 145 36.77 35.42 25.40
CA THR M 145 37.09 36.38 26.45
C THR M 145 37.50 35.71 27.75
N CYS M 146 37.00 34.51 28.04
CA CYS M 146 37.47 33.76 29.20
C CYS M 146 37.60 32.28 28.84
N VAL M 147 38.49 31.57 29.53
CA VAL M 147 38.56 30.12 29.43
C VAL M 147 38.85 29.57 30.82
N ASN M 148 38.00 28.67 31.30
CA ASN M 148 38.19 28.00 32.57
C ASN M 148 38.03 26.50 32.36
N LEU M 149 38.90 25.72 33.01
CA LEU M 149 38.85 24.27 32.92
C LEU M 149 39.03 23.70 34.32
N GLU M 150 38.04 22.98 34.81
CA GLU M 150 38.06 22.35 36.12
C GLU M 150 38.14 20.85 35.92
N THR M 151 39.28 20.27 36.28
CA THR M 151 39.51 18.83 36.16
C THR M 151 39.25 18.16 37.50
N ASP M 152 38.52 17.04 37.47
CA ASP M 152 38.15 16.31 38.67
C ASP M 152 37.33 17.22 39.56
N PRO M 153 36.16 17.66 39.11
CA PRO M 153 35.38 18.61 39.90
C PRO M 153 34.72 17.96 41.11
N THR M 154 34.41 18.80 42.10
CA THR M 154 33.70 18.38 43.29
C THR M 154 32.30 18.97 43.36
N LYS M 155 31.93 19.84 42.42
CA LYS M 155 30.61 20.43 42.40
C LYS M 155 29.59 19.39 41.92
N ILE M 156 28.35 19.81 41.72
CA ILE M 156 27.30 18.88 41.28
C ILE M 156 27.37 18.86 39.76
N ASN M 157 28.28 18.03 39.26
CA ASN M 157 28.36 17.81 37.81
C ASN M 157 27.05 17.32 37.23
N PRO M 158 26.34 16.36 37.83
CA PRO M 158 25.20 15.75 37.12
C PRO M 158 24.14 16.77 36.76
N HIS M 159 23.84 16.85 35.48
CA HIS M 159 22.67 17.56 34.99
C HIS M 159 21.48 16.62 35.05
N TYR M 160 20.39 17.08 35.65
CA TYR M 160 19.20 16.24 35.82
C TYR M 160 19.60 14.86 36.34
N LEU M 161 20.26 14.85 37.49
CA LEU M 161 20.69 13.60 38.11
C LEU M 161 19.54 12.61 38.18
N HIS M 162 19.58 11.52 37.41
CA HIS M 162 20.55 11.12 36.38
C HIS M 162 19.79 10.62 35.16
N PRO M 163 20.44 10.56 33.99
CA PRO M 163 19.76 10.01 32.81
C PRO M 163 19.15 8.65 33.11
N LYS M 164 18.22 8.21 32.26
CA LYS M 164 17.28 7.16 32.66
C LYS M 164 17.98 5.94 33.24
N ASP M 165 19.03 5.45 32.58
CA ASP M 165 19.65 4.19 32.95
C ASP M 165 21.09 4.33 33.46
N LYS M 166 21.81 5.38 33.08
CA LYS M 166 23.22 5.47 33.38
C LYS M 166 23.44 5.78 34.86
N TYR M 167 24.62 5.40 35.35
CA TYR M 167 25.05 5.73 36.70
C TYR M 167 26.24 6.68 36.61
N LEU M 168 26.38 7.57 37.58
CA LEU M 168 27.33 8.65 37.50
C LEU M 168 28.06 8.82 38.82
N TYR M 169 29.36 9.04 38.75
CA TYR M 169 30.21 9.20 39.91
C TYR M 169 30.93 10.54 39.78
N ARG M 170 31.35 11.07 40.92
CA ARG M 170 32.02 12.36 40.93
C ARG M 170 33.07 12.37 42.03
N ASN M 171 34.22 12.96 41.74
CA ASN M 171 35.30 12.96 42.70
C ASN M 171 34.90 13.73 43.95
N SER M 172 35.38 13.25 45.10
CA SER M 172 35.12 13.90 46.38
C SER M 172 36.39 14.07 47.20
N GLU M 173 37.54 14.10 46.56
CA GLU M 173 38.82 14.29 47.24
C GLU M 173 39.45 15.58 46.70
N TYR M 174 39.66 16.55 47.59
CA TYR M 174 40.13 17.86 47.16
C TYR M 174 41.52 17.77 46.54
N GLY M 175 42.31 16.78 46.91
CA GLY M 175 43.68 16.71 46.45
C GLY M 175 43.84 16.44 44.97
N MET M 176 42.77 16.10 44.26
CA MET M 176 42.86 15.73 42.86
C MET M 176 42.29 16.78 41.91
N ARG M 177 41.50 17.73 42.40
CA ARG M 177 40.94 18.73 41.50
C ARG M 177 42.01 19.70 41.04
N GLY M 178 41.88 20.16 39.81
CA GLY M 178 42.76 21.18 39.28
C GLY M 178 41.97 22.22 38.52
N SER M 179 42.49 23.44 38.53
CA SER M 179 41.84 24.56 37.84
C SER M 179 42.85 25.25 36.93
N TYR M 180 42.52 25.32 35.65
CA TYR M 180 43.31 26.05 34.67
C TYR M 180 42.46 27.21 34.17
N GLY M 181 43.07 28.38 34.00
CA GLY M 181 42.31 29.56 33.63
C GLY M 181 43.14 30.54 32.84
N VAL M 182 42.47 31.25 31.93
CA VAL M 182 43.09 32.35 31.20
C VAL M 182 42.01 33.32 30.76
N THR M 183 42.23 34.60 31.03
CA THR M 183 41.26 35.65 30.71
C THR M 183 41.99 36.80 30.03
N PHE M 184 41.28 37.44 29.10
CA PHE M 184 41.78 38.61 28.39
C PHE M 184 41.12 39.91 28.82
N MET M 185 39.86 39.86 29.24
CA MET M 185 39.19 41.02 29.81
C MET M 185 39.69 41.20 31.25
N ASP M 186 39.00 42.03 32.03
CA ASP M 186 39.44 42.39 33.37
C ASP M 186 38.60 41.68 34.43
N GLU M 187 39.28 40.94 35.31
CA GLU M 187 38.68 40.31 36.50
C GLU M 187 37.32 39.67 36.20
N LEU M 188 37.37 38.60 35.41
CA LEU M 188 36.20 37.76 35.14
C LEU M 188 36.29 36.41 35.85
N ASN M 189 36.91 36.38 37.02
CA ASN M 189 37.09 35.13 37.75
C ASN M 189 35.73 34.52 38.10
N GLN M 190 35.71 33.18 38.16
CA GLN M 190 34.46 32.44 38.29
C GLN M 190 33.54 32.77 37.13
N CYS M 191 33.99 32.40 35.93
CA CYS M 191 33.40 32.95 34.72
C CYS M 191 31.91 32.62 34.60
N PHE M 192 31.40 31.65 35.36
CA PHE M 192 29.98 31.34 35.26
C PHE M 192 29.62 30.29 36.31
N LEU M 193 28.34 30.24 36.66
CA LEU M 193 27.84 29.35 37.71
C LEU M 193 26.88 28.35 37.12
N ASP M 194 26.83 27.16 37.73
CA ASP M 194 26.20 26.02 37.08
C ASP M 194 24.68 26.13 37.11
N ILE M 195 24.07 26.04 38.29
CA ILE M 195 22.63 25.87 38.38
C ILE M 195 21.96 27.19 38.04
N LYS M 196 21.53 27.31 36.79
CA LYS M 196 20.81 28.49 36.29
C LYS M 196 19.88 28.00 35.20
N GLU M 197 19.42 28.92 34.35
CA GLU M 197 18.57 28.55 33.22
C GLU M 197 19.30 27.61 32.27
N VAL M 198 20.56 27.27 32.58
CA VAL M 198 21.29 26.27 31.81
C VAL M 198 20.37 25.10 31.53
N SER M 199 20.26 24.73 30.26
CA SER M 199 19.39 23.62 29.90
C SER M 199 20.14 22.30 29.87
N TYR M 200 21.38 22.31 29.38
CA TYR M 200 22.23 21.14 29.37
C TYR M 200 21.60 19.98 28.59
N ASP M 201 21.50 20.20 27.28
CA ASP M 201 21.12 19.12 26.37
C ASP M 201 22.31 18.23 26.07
N ILE M 202 22.07 16.93 25.98
CA ILE M 202 23.15 15.98 25.78
C ILE M 202 23.86 16.28 24.46
N CYS M 203 25.16 16.04 24.45
CA CYS M 203 26.04 16.47 23.37
C CYS M 203 26.14 15.34 22.35
N TYR M 204 25.10 15.20 21.54
CA TYR M 204 25.18 14.31 20.38
C TYR M 204 23.94 14.47 19.52
N MET N 1 42.17 23.08 52.39
CA MET N 1 43.10 22.32 53.28
C MET N 1 43.58 23.18 54.45
N LEU N 2 43.24 24.46 54.43
CA LEU N 2 43.59 25.37 55.52
C LEU N 2 42.31 25.88 56.15
N LYS N 3 42.00 25.36 57.34
CA LYS N 3 40.84 25.77 58.11
C LYS N 3 41.29 26.67 59.25
N ILE N 4 40.62 27.81 59.42
CA ILE N 4 40.94 28.77 60.46
C ILE N 4 39.74 28.93 61.38
N GLN N 5 39.97 28.77 62.67
CA GLN N 5 38.97 28.98 63.70
C GLN N 5 39.37 30.19 64.53
N ALA N 6 38.40 31.04 64.86
CA ALA N 6 38.65 32.24 65.63
C ALA N 6 37.65 32.34 66.77
N TYR N 7 38.10 32.93 67.88
CA TYR N 7 37.21 33.16 69.00
C TYR N 7 36.13 34.18 68.60
N PHE N 8 35.10 34.29 69.44
CA PHE N 8 33.95 35.11 69.10
C PHE N 8 34.38 36.54 68.78
N ASN N 9 34.01 37.00 67.59
CA ASN N 9 34.28 38.37 67.16
C ASN N 9 35.76 38.71 67.30
N GLU N 10 36.61 37.74 66.97
CA GLU N 10 38.05 37.94 66.93
C GLU N 10 38.46 38.36 65.51
N THR N 11 39.71 38.78 65.35
CA THR N 11 40.24 39.11 64.04
C THR N 11 40.67 37.85 63.30
N ALA N 12 40.75 37.94 61.97
CA ALA N 12 41.06 36.81 61.12
C ALA N 12 42.19 37.15 60.16
N ASP N 13 42.96 36.13 59.78
CA ASP N 13 44.03 36.27 58.80
C ASP N 13 43.83 35.22 57.71
N LEU N 14 43.88 35.66 56.46
CA LEU N 14 43.76 34.77 55.30
C LEU N 14 45.08 34.78 54.54
N PRO N 15 45.91 33.75 54.67
CA PRO N 15 47.07 33.61 53.79
C PRO N 15 46.75 32.68 52.63
N CYS N 16 47.61 32.72 51.61
CA CYS N 16 47.46 31.78 50.52
C CYS N 16 48.79 31.26 49.97
N GLN N 17 49.88 31.35 50.74
CA GLN N 17 51.06 30.50 50.59
C GLN N 17 51.47 30.36 49.13
N PHE N 18 51.88 31.48 48.53
CA PHE N 18 52.38 31.45 47.18
C PHE N 18 53.85 31.04 47.19
N ALA N 19 54.16 29.92 46.53
CA ALA N 19 55.53 29.43 46.52
C ALA N 19 56.47 30.42 45.82
N ASN N 20 56.03 30.99 44.70
CA ASN N 20 56.86 31.90 43.92
C ASN N 20 58.15 31.22 43.48
N SER N 21 57.98 30.19 42.65
CA SER N 21 59.13 29.46 42.14
C SER N 21 60.00 30.32 41.21
N GLN N 22 59.38 31.25 40.50
CA GLN N 22 60.11 32.11 39.57
C GLN N 22 60.66 33.38 40.20
N ASN N 23 60.31 33.68 41.45
CA ASN N 23 60.78 34.88 42.14
C ASN N 23 60.33 36.14 41.40
N GLN N 24 59.01 36.31 41.30
CA GLN N 24 58.42 37.43 40.60
C GLN N 24 58.07 38.55 41.58
N SER N 25 57.65 39.69 41.05
CA SER N 25 57.37 40.88 41.84
C SER N 25 55.87 41.18 41.80
N LEU N 26 55.42 41.93 42.80
CA LEU N 26 54.00 42.27 42.88
C LEU N 26 53.58 43.24 41.78
N SER N 27 54.53 43.94 41.14
CA SER N 27 54.17 44.85 40.07
C SER N 27 53.72 44.12 38.81
N GLU N 28 54.21 42.91 38.59
CA GLU N 28 53.84 42.10 37.43
C GLU N 28 52.73 41.11 37.74
N LEU N 29 52.17 41.14 38.95
CA LEU N 29 51.16 40.19 39.36
C LEU N 29 49.99 40.93 40.00
N VAL N 30 48.81 40.34 39.93
CA VAL N 30 47.62 40.89 40.57
C VAL N 30 47.00 39.79 41.42
N VAL N 31 46.28 40.20 42.47
CA VAL N 31 45.72 39.28 43.44
C VAL N 31 44.31 39.71 43.81
N PHE N 32 43.42 38.74 43.89
CA PHE N 32 42.04 38.94 44.32
C PHE N 32 41.77 38.01 45.50
N TRP N 33 41.04 38.50 46.50
CA TRP N 33 40.51 37.67 47.56
C TRP N 33 38.99 37.77 47.49
N GLN N 34 38.32 36.63 47.42
CA GLN N 34 36.87 36.64 47.22
C GLN N 34 36.18 35.69 48.18
N ASP N 35 34.89 35.94 48.41
CA ASP N 35 34.09 35.17 49.34
C ASP N 35 33.28 34.13 48.56
N GLN N 36 32.41 33.41 49.27
CA GLN N 36 31.68 32.30 48.66
C GLN N 36 30.58 32.76 47.73
N GLU N 37 30.19 34.03 47.78
CA GLU N 37 29.19 34.57 46.86
C GLU N 37 29.83 35.23 45.65
N ASN N 38 31.15 35.18 45.53
CA ASN N 38 31.95 35.73 44.44
C ASN N 38 32.16 37.23 44.56
N LEU N 39 31.72 37.86 45.65
CA LEU N 39 31.97 39.28 45.86
C LEU N 39 33.41 39.48 46.31
N VAL N 40 34.09 40.44 45.69
CA VAL N 40 35.51 40.64 45.96
C VAL N 40 35.70 41.32 47.30
N LEU N 41 36.87 41.10 47.90
CA LEU N 41 37.27 41.69 49.18
C LEU N 41 38.35 42.73 49.04
N ASN N 42 39.39 42.44 48.26
CA ASN N 42 40.52 43.34 48.11
C ASN N 42 41.21 43.02 46.79
N GLU N 43 42.02 43.96 46.32
CA GLU N 43 42.68 43.80 45.03
C GLU N 43 43.95 44.64 45.01
N VAL N 44 45.05 44.01 44.60
CA VAL N 44 46.32 44.71 44.43
C VAL N 44 46.67 44.72 42.95
N TYR N 45 46.27 45.78 42.25
CA TYR N 45 46.51 45.89 40.81
C TYR N 45 47.92 46.40 40.58
N LEU N 46 48.76 45.57 39.98
CA LEU N 46 50.15 45.92 39.69
C LEU N 46 50.88 46.47 40.93
N GLY N 47 50.45 46.07 42.12
CA GLY N 47 51.11 46.46 43.35
C GLY N 47 50.42 47.57 44.12
N LYS N 48 49.51 48.31 43.51
CA LYS N 48 48.79 49.37 44.19
C LYS N 48 47.39 48.87 44.51
N GLU N 49 46.96 49.07 45.76
CA GLU N 49 45.65 48.59 46.15
C GLU N 49 44.57 49.37 45.43
N LYS N 50 43.55 48.66 44.96
CA LYS N 50 42.39 49.24 44.31
C LYS N 50 41.14 48.83 45.05
N PHE N 51 40.19 49.75 45.16
CA PHE N 51 38.94 49.53 45.88
C PHE N 51 37.76 49.98 45.02
N ASP N 52 37.77 49.57 43.76
CA ASP N 52 36.75 49.96 42.81
C ASP N 52 35.54 49.05 42.81
N SER N 53 35.64 47.86 43.42
CA SER N 53 34.54 46.90 43.41
C SER N 53 34.26 46.28 44.76
N VAL N 54 35.07 46.54 45.78
CA VAL N 54 34.80 45.98 47.09
C VAL N 54 33.44 46.47 47.57
N HIS N 55 32.60 45.54 48.02
CA HIS N 55 31.32 45.92 48.59
C HIS N 55 31.54 46.74 49.86
N SER N 56 30.63 47.69 50.10
CA SER N 56 30.82 48.64 51.18
C SER N 56 31.12 47.93 52.50
N LYS N 57 30.44 46.81 52.76
CA LYS N 57 30.65 46.10 54.01
C LYS N 57 32.12 45.75 54.23
N TYR N 58 32.84 45.45 53.16
CA TYR N 58 34.24 45.09 53.26
C TYR N 58 35.19 46.26 53.12
N MET N 59 34.68 47.47 52.93
CA MET N 59 35.54 48.62 52.69
C MET N 59 36.32 48.97 53.95
N GLY N 60 37.63 49.09 53.82
CA GLY N 60 38.46 49.51 54.93
C GLY N 60 38.76 48.42 55.94
N ARG N 61 37.83 47.47 56.09
CA ARG N 61 38.00 46.42 57.09
C ARG N 61 39.18 45.51 56.78
N THR N 62 39.62 45.45 55.53
CA THR N 62 40.70 44.58 55.12
C THR N 62 42.00 45.37 54.98
N SER N 63 43.10 44.74 55.35
CA SER N 63 44.41 45.35 55.16
C SER N 63 45.36 44.30 54.58
N PHE N 64 46.38 44.77 53.90
CA PHE N 64 47.31 43.92 53.16
C PHE N 64 48.72 44.08 53.71
N ASP N 65 49.50 43.01 53.57
CA ASP N 65 50.90 43.01 53.96
C ASP N 65 51.73 42.49 52.79
N SER N 66 52.90 43.09 52.59
CA SER N 66 53.72 42.76 51.43
C SER N 66 54.48 41.46 51.65
N ASP N 67 55.31 41.41 52.68
CA ASP N 67 56.18 40.25 52.86
C ASP N 67 55.38 38.99 53.12
N SER N 68 54.32 39.08 53.91
CA SER N 68 53.59 37.88 54.34
C SER N 68 52.52 37.44 53.35
N TRP N 69 52.12 38.31 52.41
CA TRP N 69 51.07 37.97 51.45
C TRP N 69 49.81 37.51 52.16
N THR N 70 49.45 38.20 53.24
CA THR N 70 48.32 37.81 54.07
C THR N 70 47.33 38.96 54.15
N LEU N 71 46.04 38.63 54.13
CA LEU N 71 44.97 39.60 54.26
C LEU N 71 44.45 39.58 55.70
N ARG N 72 44.45 40.74 56.34
CA ARG N 72 44.00 40.85 57.73
C ARG N 72 42.60 41.45 57.72
N LEU N 73 41.64 40.71 58.26
CA LEU N 73 40.24 41.09 58.28
C LEU N 73 39.79 41.28 59.73
N HIS N 74 39.12 42.39 60.00
CA HIS N 74 38.63 42.75 61.32
C HIS N 74 37.13 42.52 61.41
N ASN N 75 36.59 42.68 62.62
CA ASN N 75 35.15 42.76 62.84
C ASN N 75 34.44 41.51 62.31
N LEU N 76 34.77 40.37 62.91
CA LEU N 76 34.11 39.14 62.54
C LEU N 76 32.66 39.15 62.98
N GLN N 77 31.84 38.36 62.30
CA GLN N 77 30.43 38.20 62.62
C GLN N 77 30.07 36.73 62.53
N ILE N 78 28.98 36.36 63.22
CA ILE N 78 28.54 34.97 63.19
C ILE N 78 28.15 34.57 61.77
N LYS N 79 27.61 35.50 61.01
CA LYS N 79 27.12 35.22 59.66
C LYS N 79 28.20 35.34 58.59
N ASP N 80 29.43 35.65 58.97
CA ASP N 80 30.53 35.76 58.02
C ASP N 80 31.30 34.45 57.85
N LYS N 81 30.85 33.37 58.47
CA LYS N 81 31.51 32.08 58.28
C LYS N 81 31.31 31.61 56.85
N GLY N 82 32.36 31.04 56.26
CA GLY N 82 32.26 30.52 54.91
C GLY N 82 33.64 30.30 54.30
N LEU N 83 33.65 30.21 52.98
CA LEU N 83 34.85 29.94 52.21
C LEU N 83 35.40 31.22 51.59
N TYR N 84 36.71 31.24 51.40
CA TYR N 84 37.42 32.37 50.82
C TYR N 84 38.52 31.85 49.90
N GLN N 85 38.82 32.64 48.87
CA GLN N 85 39.74 32.22 47.82
C GLN N 85 40.74 33.31 47.50
N CYS N 86 41.96 32.89 47.16
CA CYS N 86 43.09 33.76 46.86
C CYS N 86 43.51 33.48 45.42
N ILE N 87 42.94 34.22 44.48
CA ILE N 87 43.24 34.03 43.06
C ILE N 87 44.38 34.95 42.70
N ILE N 88 45.47 34.39 42.17
CA ILE N 88 46.62 35.16 41.73
C ILE N 88 46.73 35.06 40.22
N HIS N 89 46.88 36.21 39.56
CA HIS N 89 46.97 36.29 38.10
C HIS N 89 48.28 36.95 37.70
N HIS N 90 48.82 36.48 36.57
CA HIS N 90 50.05 37.01 35.99
C HIS N 90 49.70 37.78 34.73
N LYS N 91 49.84 39.11 34.78
CA LYS N 91 49.36 40.00 33.72
C LYS N 91 50.44 40.16 32.65
N LYS N 92 50.47 39.20 31.72
CA LYS N 92 51.32 39.29 30.55
C LYS N 92 50.69 40.20 29.51
N PRO N 93 51.47 40.65 28.52
CA PRO N 93 50.88 41.48 27.46
C PRO N 93 49.70 40.81 26.76
N THR N 94 49.79 39.50 26.54
CA THR N 94 48.71 38.81 25.84
C THR N 94 47.47 38.68 26.71
N GLY N 95 47.64 38.26 27.96
CA GLY N 95 46.50 38.10 28.85
C GLY N 95 46.96 37.67 30.22
N MET N 96 45.98 37.32 31.06
CA MET N 96 46.24 36.92 32.43
C MET N 96 46.03 35.42 32.56
N ILE N 97 47.01 34.73 33.15
CA ILE N 97 46.94 33.30 33.42
C ILE N 97 46.99 33.08 34.91
N ARG N 98 46.10 32.22 35.42
CA ARG N 98 45.96 32.00 36.85
C ARG N 98 47.06 31.06 37.32
N ILE N 99 47.95 31.55 38.16
CA ILE N 99 49.10 30.78 38.61
C ILE N 99 49.04 30.45 40.09
N HIS N 100 47.91 30.72 40.76
CA HIS N 100 47.76 30.24 42.12
C HIS N 100 46.33 30.45 42.59
N GLN N 101 45.84 29.47 43.37
CA GLN N 101 44.53 29.51 43.98
C GLN N 101 44.57 28.66 45.24
N MET N 102 44.03 29.18 46.33
CA MET N 102 44.05 28.48 47.62
C MET N 102 42.72 28.72 48.31
N ASN N 103 42.03 27.65 48.66
CA ASN N 103 40.75 27.75 49.33
C ASN N 103 40.94 27.65 50.85
N SER N 104 40.24 28.52 51.57
CA SER N 104 40.30 28.54 53.03
C SER N 104 38.88 28.66 53.56
N GLU N 105 38.66 28.21 54.79
CA GLU N 105 37.36 28.27 55.43
C GLU N 105 37.50 28.87 56.82
N LEU N 106 36.53 29.70 57.20
CA LEU N 106 36.53 30.32 58.52
C LEU N 106 35.16 30.22 59.16
N SER N 107 35.14 29.99 60.47
CA SER N 107 33.92 29.85 61.24
C SER N 107 34.07 30.60 62.57
N VAL N 108 32.92 30.90 63.19
CA VAL N 108 32.88 31.68 64.41
C VAL N 108 32.09 30.90 65.47
N LEU N 109 32.31 31.27 66.73
CA LEU N 109 31.63 30.61 67.84
C LEU N 109 30.12 30.82 67.73
N ALA N 110 29.36 29.79 68.10
CA ALA N 110 27.91 29.83 68.02
C ALA N 110 27.27 29.05 69.16
C1 NAG O . -2.52 44.07 -11.38
C2 NAG O . -3.58 43.01 -11.59
C3 NAG O . -4.43 43.38 -12.81
C4 NAG O . -5.01 44.78 -12.64
C5 NAG O . -3.89 45.77 -12.31
C6 NAG O . -4.42 47.15 -11.96
C7 NAG O . -2.80 40.85 -10.73
C8 NAG O . -2.20 39.53 -11.06
N2 NAG O . -3.00 41.69 -11.75
O3 NAG O . -5.49 42.43 -12.95
O4 NAG O . -5.65 45.18 -13.83
O5 NAG O . -3.14 45.32 -11.17
O6 NAG O . -4.35 47.39 -10.56
O7 NAG O . -3.09 41.17 -9.57
C1 NAG P . 38.95 52.05 -7.57
C2 NAG P . 39.94 53.13 -7.97
C3 NAG P . 41.36 52.71 -7.60
C4 NAG P . 41.43 52.33 -6.12
C5 NAG P . 40.36 51.29 -5.79
C6 NAG P . 40.29 50.96 -4.32
C7 NAG P . 38.74 53.85 -9.98
C8 NAG P . 38.82 54.10 -11.45
N2 NAG P . 39.85 53.42 -9.39
O3 NAG P . 42.27 53.77 -7.87
O4 NAG P . 42.72 51.80 -5.81
O5 NAG P . 39.07 51.77 -6.18
O6 NAG P . 39.01 51.25 -3.78
O7 NAG P . 37.71 54.05 -9.35
C1 NAG Q . 27.72 38.81 -13.32
C2 NAG Q . 27.73 37.75 -14.41
C3 NAG Q . 29.15 37.26 -14.66
C4 NAG Q . 30.07 38.42 -14.97
C5 NAG Q . 29.98 39.45 -13.85
C6 NAG Q . 30.78 40.70 -14.13
C7 NAG Q . 25.89 36.18 -14.88
C8 NAG Q . 25.09 35.04 -14.35
N2 NAG Q . 26.85 36.64 -14.07
O3 NAG Q . 29.14 36.34 -15.75
O4 NAG Q . 31.41 37.97 -15.10
O5 NAG Q . 28.63 39.86 -13.67
O6 NAG Q . 30.06 41.87 -13.76
O7 NAG Q . 25.69 36.68 -15.97
C1 NAG R . -26.54 20.60 -30.86
C2 NAG R . -26.86 19.35 -30.06
C3 NAG R . -27.83 18.48 -30.83
C4 NAG R . -29.07 19.29 -31.21
C5 NAG R . -28.67 20.58 -31.92
C6 NAG R . -29.84 21.49 -32.18
C7 NAG R . -24.99 18.79 -28.57
C8 NAG R . -23.78 17.94 -28.38
N2 NAG R . -25.65 18.61 -29.72
O3 NAG R . -28.21 17.36 -30.04
O4 NAG R . -29.90 18.52 -32.07
O5 NAG R . -27.73 21.32 -31.12
O6 NAG R . -29.89 22.54 -31.22
O7 NAG R . -25.37 19.59 -27.73
C1 NAG S . 4.15 43.25 -48.75
C2 NAG S . 4.49 44.00 -50.02
C3 NAG S . 5.96 44.41 -50.03
C4 NAG S . 6.30 45.19 -48.77
C5 NAG S . 5.88 44.39 -47.54
C6 NAG S . 6.07 45.14 -46.24
C7 NAG S . 2.94 42.78 -51.49
C8 NAG S . 2.80 41.95 -52.74
N2 NAG S . 4.18 43.19 -51.19
O3 NAG S . 6.22 45.20 -51.18
O4 NAG S . 7.70 45.43 -48.71
O5 NAG S . 4.48 44.06 -47.62
O6 NAG S . 4.90 45.14 -45.45
O7 NAG S . 1.98 43.07 -50.79
C1 NAG T . 1.67 26.89 -41.90
C2 NAG T . 2.18 25.47 -42.08
C3 NAG T . 3.64 25.48 -42.54
C4 NAG T . 3.79 26.34 -43.79
C5 NAG T . 3.22 27.74 -43.53
C6 NAG T . 3.22 28.62 -44.75
C7 NAG T . 1.39 23.53 -40.78
C8 NAG T . 1.34 22.88 -39.44
N2 NAG T . 2.04 24.70 -40.85
O3 NAG T . 4.06 24.15 -42.81
O4 NAG T . 5.16 26.45 -44.14
O5 NAG T . 1.84 27.62 -43.11
O6 NAG T . 2.11 29.50 -44.76
O7 NAG T . 0.86 23.03 -41.76
C1 NAG U . -35.54 -16.45 -23.30
C2 NAG U . -35.10 -16.83 -21.90
C3 NAG U . -35.52 -18.26 -21.61
C4 NAG U . -37.02 -18.42 -21.82
C5 NAG U . -37.42 -17.91 -23.21
C6 NAG U . -38.91 -17.88 -23.44
C7 NAG U . -33.11 -15.55 -21.27
C8 NAG U . -31.60 -15.56 -21.16
N2 NAG U . -33.66 -16.68 -21.73
O3 NAG U . -35.19 -18.59 -20.26
O4 NAG U . -37.39 -19.79 -21.71
O5 NAG U . -36.95 -16.56 -23.40
O6 NAG U . -39.42 -16.56 -23.36
O7 NAG U . -33.77 -14.57 -20.98
C1 NAG V . -23.06 -2.21 -61.14
C2 NAG V . -23.31 -2.46 -62.62
C3 NAG V . -22.31 -1.67 -63.47
C4 NAG V . -22.34 -0.20 -63.08
C5 NAG V . -22.14 -0.05 -61.56
C6 NAG V . -22.28 1.37 -61.09
C7 NAG V . -24.00 -4.80 -62.36
C8 NAG V . -23.77 -6.22 -62.80
N2 NAG V . -23.22 -3.88 -62.93
O3 NAG V . -22.64 -1.81 -64.84
O4 NAG V . -21.31 0.51 -63.75
O5 NAG V . -23.13 -0.82 -60.86
O6 NAG V . -23.30 1.51 -60.12
O7 NAG V . -24.86 -4.50 -61.54
C1 NAG W . -16.01 -9.34 -46.16
C2 NAG W . -14.84 -10.24 -45.76
C3 NAG W . -13.65 -10.01 -46.70
C4 NAG W . -14.09 -10.19 -48.15
C5 NAG W . -15.27 -9.29 -48.45
C6 NAG W . -15.84 -9.48 -49.83
C7 NAG W . -14.35 -10.99 -43.48
C8 NAG W . -13.94 -10.58 -42.11
N2 NAG W . -14.45 -10.01 -44.39
O3 NAG W . -12.62 -10.94 -46.38
O4 NAG W . -13.01 -9.86 -49.02
O5 NAG W . -16.34 -9.56 -47.53
O6 NAG W . -17.25 -9.46 -49.83
O7 NAG W . -14.58 -12.16 -43.76
C1 NAG X . -22.89 -39.06 5.49
C2 NAG X . -22.20 -38.24 6.57
C3 NAG X . -21.74 -39.16 7.69
C4 NAG X . -22.92 -39.97 8.23
C5 NAG X . -23.64 -40.67 7.08
C6 NAG X . -24.91 -41.36 7.52
C7 NAG X . -21.19 -36.25 5.54
C8 NAG X . -19.94 -35.63 5.01
N2 NAG X . -21.08 -37.50 6.02
O3 NAG X . -21.17 -38.37 8.74
O4 NAG X . -22.46 -40.93 9.15
O5 NAG X . -24.01 -39.73 6.06
O6 NAG X . -26.06 -40.67 7.08
O7 NAG X . -22.26 -35.67 5.52
C1 NAG Y . -22.74 -50.11 -35.23
C2 NAG Y . -22.90 -51.33 -36.13
C3 NAG Y . -22.52 -50.98 -37.57
C4 NAG Y . -23.30 -49.77 -38.04
C5 NAG Y . -23.13 -48.61 -37.05
C6 NAG Y . -23.97 -47.41 -37.40
C7 NAG Y . -22.25 -52.98 -34.43
C8 NAG Y . -21.33 -54.13 -34.11
N2 NAG Y . -22.10 -52.45 -35.65
O3 NAG Y . -22.78 -52.09 -38.41
O4 NAG Y . -22.83 -49.35 -39.32
O5 NAG Y . -23.52 -49.04 -35.73
O6 NAG Y . -24.82 -47.04 -36.30
O7 NAG Y . -23.08 -52.56 -33.65
C1 NAG Z . -11.97 -42.49 -23.18
C2 NAG Z . -10.48 -42.40 -22.85
C3 NAG Z . -9.64 -42.45 -24.11
C4 NAG Z . -10.00 -43.69 -24.93
C5 NAG Z . -11.51 -43.73 -25.18
C6 NAG Z . -11.95 -44.98 -25.89
C7 NAG Z . -9.43 -41.18 -21.00
C8 NAG Z . -9.24 -39.84 -20.34
N2 NAG Z . -10.19 -41.19 -22.09
O3 NAG Z . -8.26 -42.47 -23.77
O4 NAG Z . -9.30 -43.68 -26.17
O5 NAG Z . -12.21 -43.67 -23.94
O6 NAG Z . -13.24 -45.39 -25.43
O7 NAG Z . -8.91 -42.20 -20.55
C1 NAG AA . 2.15 -30.28 34.02
C2 NAG AA . 2.30 -28.77 34.14
C3 NAG AA . 3.22 -28.45 35.30
C4 NAG AA . 2.71 -29.11 36.58
C5 NAG AA . 2.47 -30.60 36.36
C6 NAG AA . 1.79 -31.26 37.54
C7 NAG AA . 1.97 -27.72 31.96
C8 NAG AA . 2.62 -27.14 30.75
N2 NAG AA . 2.78 -28.19 32.91
O3 NAG AA . 3.29 -27.04 35.47
O4 NAG AA . 3.66 -28.93 37.62
O5 NAG AA . 1.61 -30.81 35.23
O6 NAG AA . 0.40 -31.43 37.32
O7 NAG AA . 0.74 -27.76 32.08
C1 NAG BA . 5.18 -64.39 9.32
C2 NAG BA . 5.60 -65.85 9.43
C3 NAG BA . 5.59 -66.50 8.05
C4 NAG BA . 4.25 -66.30 7.36
C5 NAG BA . 3.89 -64.82 7.35
C6 NAG BA . 2.51 -64.55 6.78
C7 NAG BA . 7.17 -65.53 11.29
C8 NAG BA . 8.57 -65.74 11.77
N2 NAG BA . 6.90 -65.97 10.05
O3 NAG BA . 5.87 -67.89 8.19
O4 NAG BA . 4.31 -66.79 6.03
O5 NAG BA . 3.91 -64.30 8.68
O6 NAG BA . 1.71 -63.83 7.71
O7 NAG BA . 6.32 -64.98 11.98
C1 NAG CA . 11.00 -47.29 9.96
C2 NAG CA . 12.27 -46.51 9.62
C3 NAG CA . 12.90 -47.07 8.34
C4 NAG CA . 13.13 -48.56 8.48
C5 NAG CA . 11.82 -49.26 8.85
C6 NAG CA . 12.00 -50.73 9.13
C7 NAG CA . 12.74 -44.14 10.06
C8 NAG CA . 12.31 -42.73 9.81
N2 NAG CA . 11.99 -45.09 9.48
O3 NAG CA . 14.13 -46.40 8.10
O4 NAG CA . 13.62 -49.10 7.25
O5 NAG CA . 11.30 -48.68 10.05
O6 NAG CA . 11.57 -51.07 10.44
O7 NAG CA . 13.72 -44.41 10.75
C1 NAG DA . 20.39 3.30 40.65
C2 NAG DA . 19.77 4.43 39.84
C3 NAG DA . 20.48 5.74 40.15
C4 NAG DA . 20.46 5.99 41.66
C5 NAG DA . 20.99 4.77 42.42
C6 NAG DA . 20.84 4.90 43.91
C7 NAG DA . 18.83 3.52 37.76
C8 NAG DA . 19.04 3.33 36.29
N2 NAG DA . 19.82 4.15 38.42
O3 NAG DA . 19.84 6.81 39.47
O4 NAG DA . 21.26 7.12 41.97
O5 NAG DA . 20.27 3.60 42.03
O6 NAG DA . 19.76 4.12 44.40
O7 NAG DA . 17.81 3.14 38.34
C1 NAG EA . 39.35 -34.26 39.03
C2 NAG EA . 40.48 -35.00 39.72
C3 NAG EA . 40.71 -36.36 39.05
C4 NAG EA . 39.41 -37.14 38.99
C5 NAG EA . 38.33 -36.29 38.32
C6 NAG EA . 36.97 -36.97 38.34
C7 NAG EA . 41.80 -33.02 40.29
C8 NAG EA . 43.14 -32.35 40.20
N2 NAG EA . 41.71 -34.22 39.72
O3 NAG EA . 41.68 -37.09 39.78
O4 NAG EA . 39.59 -38.33 38.24
O5 NAG EA . 38.18 -35.05 39.02
O6 NAG EA . 36.00 -36.18 39.02
O7 NAG EA . 40.85 -32.49 40.86
C1 NAG FA . 35.38 -20.64 28.20
C2 NAG FA . 35.94 -19.96 26.94
C3 NAG FA . 36.66 -20.99 26.07
C4 NAG FA . 37.72 -21.71 26.88
C5 NAG FA . 37.09 -22.34 28.12
C6 NAG FA . 38.09 -22.99 29.03
C7 NAG FA . 34.95 -18.03 25.80
C8 NAG FA . 33.75 -17.52 25.04
N2 NAG FA . 34.88 -19.31 26.19
O3 NAG FA . 37.27 -20.31 24.97
O4 NAG FA . 38.31 -22.75 26.08
O5 NAG FA . 36.44 -21.31 28.89
O6 NAG FA . 37.86 -22.66 30.39
O7 NAG FA . 35.91 -17.33 26.04
C1 NAG GA . 18.32 36.40 20.47
C2 NAG GA . 17.14 36.40 19.54
C3 NAG GA . 17.04 37.73 18.83
C4 NAG GA . 17.00 38.87 19.84
C5 NAG GA . 18.16 38.76 20.81
C6 NAG GA . 18.07 39.76 21.94
C7 NAG GA . 16.66 34.10 18.83
C8 NAG GA . 16.82 33.08 17.75
N2 NAG GA . 17.20 35.30 18.59
O3 NAG GA . 15.86 37.75 18.01
O4 NAG GA . 17.07 40.12 19.15
O5 NAG GA . 18.18 37.45 21.42
O6 NAG GA . 17.66 39.14 23.16
O7 NAG GA . 16.07 33.85 19.88
C1 NAG HA . 54.59 17.43 31.53
C2 NAG HA . 55.98 17.82 32.02
C3 NAG HA . 56.87 16.58 32.11
C4 NAG HA . 56.21 15.52 32.97
C5 NAG HA . 54.80 15.23 32.46
C6 NAG HA . 54.03 14.27 33.34
C7 NAG HA . 56.04 20.01 30.91
C8 NAG HA . 56.79 20.91 29.97
N2 NAG HA . 56.58 18.81 31.14
O3 NAG HA . 58.13 16.94 32.68
O4 NAG HA . 56.97 14.32 32.94
O5 NAG HA . 54.04 16.44 32.40
O6 NAG HA . 52.84 14.86 33.83
O7 NAG HA . 54.99 20.36 31.43
C1 NAG IA . 42.65 17.79 17.69
C2 NAG IA . 42.71 17.68 16.17
C3 NAG IA . 43.82 16.73 15.75
C4 NAG IA . 45.15 17.17 16.37
C5 NAG IA . 45.00 17.29 17.88
C6 NAG IA . 46.24 17.84 18.55
C7 NAG IA . 40.78 17.88 14.67
C8 NAG IA . 39.48 17.28 14.24
N2 NAG IA . 41.43 17.23 15.64
O3 NAG IA . 43.93 16.70 14.34
O4 NAG IA . 46.16 16.22 16.07
O5 NAG IA . 43.93 18.20 18.18
O6 NAG IA . 45.89 18.80 19.55
O7 NAG IA . 41.22 18.90 14.15
#